data_4YBO
#
_entry.id   4YBO
#
_cell.length_a   56.505
_cell.length_b   113.406
_cell.length_c   120.066
_cell.angle_alpha   90.00
_cell.angle_beta   95.08
_cell.angle_gamma   90.00
#
_symmetry.space_group_name_H-M   'P 1 21 1'
#
loop_
_entity.id
_entity.type
_entity.pdbx_description
1 polymer 'Citrate synthase'
2 non-polymer 'BICARBONATE ION'
3 water water
#
_entity_poly.entity_id   1
_entity_poly.type   'polypeptide(L)'
_entity_poly.pdbx_seq_one_letter_code
;PETEEISKGLEDVNIKWTRLTTIDGNKGILRYGGYSVEDIIASGAQDEEIQYLFLYGNLPTEQELRKYKETVQKGYKIPD
FVINAIRQLPRESDAVAMQMAAVAAMAASETKFKWNKDTDRDVAAEMIGRMSAITVNVYRHIMNMPAELPKPSDSYAESF
LNAAFGRKATKEEIDAMNTALILYTDHEVPASTTAGLVAVSTLSDMYSGITAALAALKGPLHGGAAEAAIAQFDEIKDPA
MVEKWFNDNIINGKKRLMGFGHRVYKTYDPRAKIFKGIAEKLSSKKPEVHKVYEIATKLEDFGIKAFGSKGIYPNTDYFS
GIVYMSIGFPLRNNIYTALFALSRVTGWQAHFIEYVEEQQRLIRPRAVYVGPAERKYVPIAERKVDKLAAALEHHHHHH
;
_entity_poly.pdbx_strand_id   A,B,C,D
#
loop_
_chem_comp.id
_chem_comp.type
_chem_comp.name
_chem_comp.formula
BCT non-polymer 'BICARBONATE ION' 'C H O3 -1'
#
# COMPACT_ATOMS: atom_id res chain seq x y z
N GLU A 5 -21.80 5.30 -19.87
CA GLU A 5 -22.26 6.07 -18.71
C GLU A 5 -22.85 5.22 -17.59
N ILE A 6 -22.52 5.58 -16.35
CA ILE A 6 -23.05 4.85 -15.20
C ILE A 6 -24.40 5.43 -14.75
N SER A 7 -25.42 4.57 -14.60
CA SER A 7 -26.70 5.00 -14.01
C SER A 7 -26.57 4.93 -12.49
N LYS A 8 -25.88 5.90 -11.91
CA LYS A 8 -25.57 5.90 -10.48
C LYS A 8 -26.86 5.88 -9.65
N GLY A 9 -26.91 4.94 -8.71
CA GLY A 9 -28.07 4.74 -7.86
C GLY A 9 -29.32 4.21 -8.59
N LEU A 10 -29.16 3.87 -9.87
CA LEU A 10 -30.31 3.48 -10.72
C LEU A 10 -31.38 4.57 -10.68
N GLU A 11 -30.96 5.79 -10.38
CA GLU A 11 -31.86 6.92 -10.26
C GLU A 11 -32.53 7.15 -11.61
N ASP A 12 -33.84 7.35 -11.62
CA ASP A 12 -34.52 7.60 -12.89
C ASP A 12 -34.52 6.40 -13.86
N VAL A 13 -34.18 5.22 -13.36
CA VAL A 13 -34.25 3.98 -14.12
C VAL A 13 -35.53 3.28 -13.70
N ASN A 14 -36.35 2.92 -14.67
CA ASN A 14 -37.56 2.15 -14.38
C ASN A 14 -37.27 0.66 -14.31
N ILE A 15 -37.43 0.07 -13.14
CA ILE A 15 -37.14 -1.36 -13.01
C ILE A 15 -38.41 -2.23 -13.30
N LYS A 16 -39.60 -1.63 -13.20
CA LYS A 16 -40.85 -2.37 -13.41
C LYS A 16 -42.04 -1.44 -13.58
N TRP A 17 -43.20 -1.98 -13.92
CA TRP A 17 -44.45 -1.25 -13.74
C TRP A 17 -45.16 -1.74 -12.47
N THR A 18 -46.03 -0.89 -11.92
CA THR A 18 -46.83 -1.33 -10.79
C THR A 18 -48.26 -0.74 -10.83
N ARG A 19 -49.20 -1.49 -10.24
CA ARG A 19 -50.57 -1.04 -10.04
C ARG A 19 -50.82 -0.59 -8.61
N LEU A 20 -49.79 -0.74 -7.77
CA LEU A 20 -49.99 -0.77 -6.33
C LEU A 20 -50.06 0.62 -5.71
N THR A 21 -49.13 1.48 -6.09
CA THR A 21 -48.90 2.72 -5.36
C THR A 21 -48.51 3.87 -6.27
N THR A 22 -48.96 5.06 -5.96
CA THR A 22 -48.41 6.19 -6.68
C THR A 22 -48.33 7.39 -5.76
N ILE A 23 -47.32 8.23 -6.00
CA ILE A 23 -47.08 9.42 -5.18
C ILE A 23 -47.10 10.68 -6.03
N ASP A 24 -47.86 11.68 -5.58
CA ASP A 24 -47.78 13.04 -6.08
C ASP A 24 -46.93 13.85 -5.10
N GLY A 25 -45.67 14.09 -5.46
CA GLY A 25 -44.72 14.74 -4.60
C GLY A 25 -44.97 16.22 -4.40
N ASN A 26 -45.69 16.85 -5.32
CA ASN A 26 -45.94 18.29 -5.24
C ASN A 26 -47.18 18.63 -4.42
N LYS A 27 -48.24 17.85 -4.58
CA LYS A 27 -49.46 18.02 -3.78
C LYS A 27 -49.40 17.24 -2.45
N GLY A 28 -48.46 16.29 -2.36
CA GLY A 28 -48.32 15.47 -1.17
C GLY A 28 -49.47 14.50 -0.99
N ILE A 29 -49.76 13.70 -2.01
CA ILE A 29 -50.83 12.69 -1.96
C ILE A 29 -50.23 11.31 -2.19
N LEU A 30 -50.49 10.41 -1.25
CA LEU A 30 -50.06 9.02 -1.38
C LEU A 30 -51.29 8.12 -1.60
N ARG A 31 -51.29 7.39 -2.73
CA ARG A 31 -52.43 6.56 -3.10
C ARG A 31 -52.04 5.08 -3.23
N TYR A 32 -52.86 4.25 -2.59
CA TYR A 32 -52.78 2.79 -2.69
C TYR A 32 -53.90 2.27 -3.58
N GLY A 33 -53.58 1.71 -4.75
CA GLY A 33 -54.60 1.23 -5.65
C GLY A 33 -55.65 2.29 -5.92
N GLY A 34 -55.23 3.55 -5.98
CA GLY A 34 -56.14 4.62 -6.29
C GLY A 34 -56.70 5.36 -5.09
N TYR A 35 -56.53 4.79 -3.90
CA TYR A 35 -57.09 5.40 -2.69
C TYR A 35 -56.06 6.19 -1.91
N SER A 36 -56.38 7.45 -1.62
CA SER A 36 -55.51 8.30 -0.83
C SER A 36 -55.40 7.84 0.62
N VAL A 37 -54.19 7.80 1.16
CA VAL A 37 -54.01 7.34 2.55
C VAL A 37 -54.75 8.26 3.54
N GLU A 38 -54.83 9.56 3.24
CA GLU A 38 -55.57 10.48 4.11
C GLU A 38 -57.03 10.07 4.18
N ASP A 39 -57.56 9.64 3.05
CA ASP A 39 -58.94 9.18 2.94
C ASP A 39 -59.13 7.81 3.62
N ILE A 40 -58.15 6.93 3.44
CA ILE A 40 -58.18 5.64 4.09
C ILE A 40 -58.25 5.76 5.61
N ILE A 41 -57.40 6.60 6.19
CA ILE A 41 -57.36 6.77 7.65
C ILE A 41 -58.57 7.52 8.18
N ALA A 42 -58.99 8.54 7.47
CA ALA A 42 -60.17 9.30 7.88
C ALA A 42 -61.42 8.41 7.87
N SER A 43 -61.41 7.38 7.04
CA SER A 43 -62.55 6.49 6.94
C SER A 43 -62.48 5.34 7.93
N GLY A 44 -61.37 5.23 8.66
CA GLY A 44 -61.25 4.22 9.69
C GLY A 44 -61.05 2.79 9.22
N ALA A 45 -60.33 2.62 8.10
CA ALA A 45 -60.00 1.29 7.55
C ALA A 45 -59.18 0.42 8.50
N GLN A 46 -59.42 -0.90 8.44
CA GLN A 46 -58.59 -1.90 9.13
C GLN A 46 -57.32 -2.13 8.33
N ASP A 47 -56.19 -2.41 8.97
CA ASP A 47 -55.00 -2.67 8.18
C ASP A 47 -55.17 -3.92 7.30
N GLU A 48 -55.93 -4.89 7.79
CA GLU A 48 -56.19 -6.10 7.02
C GLU A 48 -56.84 -5.80 5.66
N GLU A 49 -57.70 -4.79 5.61
CA GLU A 49 -58.39 -4.40 4.39
C GLU A 49 -57.38 -3.86 3.39
N ILE A 50 -56.41 -3.10 3.91
CA ILE A 50 -55.37 -2.53 3.06
C ILE A 50 -54.37 -3.60 2.59
N GLN A 51 -54.08 -4.57 3.46
CA GLN A 51 -53.33 -5.75 3.02
C GLN A 51 -54.05 -6.45 1.86
N TYR A 52 -55.35 -6.67 2.05
CA TYR A 52 -56.15 -7.33 1.03
C TYR A 52 -56.09 -6.54 -0.26
N LEU A 53 -56.29 -5.23 -0.15
CA LEU A 53 -56.19 -4.34 -1.30
C LEU A 53 -54.87 -4.51 -2.06
N PHE A 54 -53.75 -4.64 -1.34
CA PHE A 54 -52.46 -4.80 -1.99
C PHE A 54 -52.33 -6.14 -2.69
N LEU A 55 -52.85 -7.19 -2.09
CA LEU A 55 -52.64 -8.53 -2.62
C LEU A 55 -53.64 -8.86 -3.73
N TYR A 56 -54.83 -8.25 -3.70
CA TYR A 56 -55.92 -8.61 -4.62
C TYR A 56 -56.33 -7.53 -5.63
N GLY A 57 -56.00 -6.27 -5.34
CA GLY A 57 -56.26 -5.18 -6.27
C GLY A 57 -57.53 -4.38 -5.99
N ASN A 58 -58.34 -4.89 -5.07
CA ASN A 58 -59.53 -4.14 -4.65
C ASN A 58 -59.80 -4.34 -3.18
N LEU A 59 -60.61 -3.44 -2.62
CA LEU A 59 -61.04 -3.56 -1.23
C LEU A 59 -61.95 -4.77 -1.11
N PRO A 60 -61.85 -5.49 0.03
CA PRO A 60 -62.64 -6.71 0.25
C PRO A 60 -64.10 -6.48 0.68
N THR A 61 -64.97 -7.43 0.31
CA THR A 61 -66.30 -7.53 0.90
C THR A 61 -66.12 -8.02 2.34
N GLU A 62 -67.19 -7.97 3.13
CA GLU A 62 -67.14 -8.50 4.50
C GLU A 62 -66.66 -9.96 4.55
N GLN A 63 -67.22 -10.82 3.73
CA GLN A 63 -66.87 -12.22 3.69
C GLN A 63 -65.46 -12.45 3.25
N GLU A 64 -65.03 -11.74 2.23
CA GLU A 64 -63.67 -11.85 1.75
C GLU A 64 -62.71 -11.46 2.88
N LEU A 65 -63.01 -10.34 3.57
CA LEU A 65 -62.18 -9.88 4.67
C LEU A 65 -62.15 -10.92 5.78
N ARG A 66 -63.29 -11.53 6.07
CA ARG A 66 -63.40 -12.56 7.08
C ARG A 66 -62.51 -13.74 6.73
N LYS A 67 -62.55 -14.18 5.48
CA LYS A 67 -61.70 -15.25 4.99
C LYS A 67 -60.23 -14.86 4.98
N TYR A 68 -59.96 -13.61 4.57
CA TYR A 68 -58.58 -13.14 4.49
C TYR A 68 -57.95 -13.23 5.87
N LYS A 69 -58.66 -12.73 6.88
CA LYS A 69 -58.16 -12.73 8.27
C LYS A 69 -57.82 -14.12 8.76
N GLU A 70 -58.65 -15.09 8.41
CA GLU A 70 -58.37 -16.47 8.78
C GLU A 70 -57.04 -16.92 8.22
N THR A 71 -56.80 -16.59 6.95
CA THR A 71 -55.55 -16.99 6.32
C THR A 71 -54.37 -16.30 6.98
N VAL A 72 -54.51 -15.01 7.29
CA VAL A 72 -53.42 -14.29 7.94
C VAL A 72 -53.09 -14.91 9.31
N GLN A 73 -54.10 -15.30 10.05
CA GLN A 73 -53.92 -15.81 11.40
C GLN A 73 -53.24 -17.18 11.43
N LYS A 74 -53.09 -17.82 10.31
CA LYS A 74 -52.40 -19.10 10.27
C LYS A 74 -50.93 -18.83 10.46
N GLY A 75 -50.52 -17.66 10.03
CA GLY A 75 -49.13 -17.26 10.16
C GLY A 75 -48.74 -16.98 11.60
N TYR A 76 -49.74 -16.85 12.49
CA TYR A 76 -49.44 -16.59 13.91
C TYR A 76 -48.73 -17.79 14.50
N LYS A 77 -48.85 -18.94 13.85
CA LYS A 77 -48.16 -20.12 14.33
C LYS A 77 -46.90 -20.31 13.49
N ILE A 78 -45.73 -20.11 14.11
CA ILE A 78 -44.46 -20.37 13.43
C ILE A 78 -43.67 -21.41 14.23
N PRO A 79 -42.84 -22.20 13.53
CA PRO A 79 -42.14 -23.30 14.18
C PRO A 79 -41.17 -22.77 15.22
N ASP A 80 -40.85 -23.59 16.21
CA ASP A 80 -39.91 -23.16 17.23
C ASP A 80 -38.52 -22.85 16.62
N PHE A 81 -38.10 -23.55 15.58
CA PHE A 81 -36.72 -23.29 15.10
C PHE A 81 -36.67 -21.92 14.46
N VAL A 82 -37.80 -21.40 13.99
CA VAL A 82 -37.81 -20.04 13.48
C VAL A 82 -37.67 -19.09 14.67
N ILE A 83 -38.38 -19.38 15.76
CA ILE A 83 -38.23 -18.58 16.98
C ILE A 83 -36.77 -18.68 17.49
N ASN A 84 -36.18 -19.87 17.43
CA ASN A 84 -34.83 -20.01 17.97
C ASN A 84 -33.82 -19.29 17.10
N ALA A 85 -34.14 -19.16 15.81
CA ALA A 85 -33.29 -18.40 14.91
C ALA A 85 -33.15 -16.94 15.40
N ILE A 86 -34.13 -16.51 16.15
CA ILE A 86 -34.08 -15.20 16.79
C ILE A 86 -33.33 -15.27 18.13
N ARG A 87 -33.77 -16.18 18.99
CA ARG A 87 -33.37 -16.14 20.38
C ARG A 87 -31.93 -16.61 20.59
N GLN A 88 -31.35 -17.34 19.63
CA GLN A 88 -29.97 -17.79 19.78
C GLN A 88 -28.97 -16.66 19.48
N LEU A 89 -29.47 -15.51 19.00
CA LEU A 89 -28.61 -14.37 18.64
C LEU A 89 -28.25 -13.47 19.82
N PRO A 90 -27.06 -12.82 19.77
CA PRO A 90 -26.72 -11.85 20.81
C PRO A 90 -27.82 -10.82 20.90
N ARG A 91 -28.28 -10.57 22.12
CA ARG A 91 -29.38 -9.66 22.37
C ARG A 91 -29.11 -8.27 21.90
N GLU A 92 -27.87 -7.98 21.64
CA GLU A 92 -27.50 -6.66 21.12
C GLU A 92 -27.80 -6.47 19.61
N SER A 93 -28.12 -7.54 18.90
CA SER A 93 -28.32 -7.46 17.47
C SER A 93 -29.44 -6.46 17.06
N ASP A 94 -29.26 -5.78 15.92
CA ASP A 94 -30.32 -4.94 15.35
C ASP A 94 -31.58 -5.76 15.20
N ALA A 95 -32.71 -5.16 15.56
CA ALA A 95 -33.99 -5.88 15.47
C ALA A 95 -34.27 -6.33 14.02
N VAL A 96 -33.94 -5.51 13.04
CA VAL A 96 -34.20 -5.90 11.66
C VAL A 96 -33.27 -7.04 11.24
N ALA A 97 -32.05 -7.08 11.79
CA ALA A 97 -31.15 -8.18 11.53
C ALA A 97 -31.74 -9.46 12.10
N MET A 98 -32.38 -9.37 13.27
CA MET A 98 -33.07 -10.52 13.87
C MET A 98 -34.21 -11.02 13.00
N GLN A 99 -35.00 -10.10 12.45
CA GLN A 99 -36.06 -10.47 11.51
C GLN A 99 -35.49 -11.24 10.33
N MET A 100 -34.36 -10.75 9.81
CA MET A 100 -33.68 -11.35 8.66
C MET A 100 -33.23 -12.79 8.90
N ALA A 101 -32.67 -13.04 10.08
CA ALA A 101 -32.19 -14.37 10.47
C ALA A 101 -33.33 -15.36 10.60
N ALA A 102 -34.48 -14.86 11.04
CA ALA A 102 -35.64 -15.73 11.18
C ALA A 102 -36.25 -16.06 9.81
N VAL A 103 -36.44 -15.04 8.98
CA VAL A 103 -37.04 -15.31 7.66
C VAL A 103 -36.08 -16.19 6.82
N ALA A 104 -34.79 -16.00 6.98
CA ALA A 104 -33.82 -16.83 6.24
C ALA A 104 -33.97 -18.28 6.66
N ALA A 105 -34.14 -18.50 7.97
CA ALA A 105 -34.40 -19.87 8.44
C ALA A 105 -35.67 -20.41 7.76
N MET A 106 -36.71 -19.56 7.73
CA MET A 106 -37.98 -19.91 7.15
C MET A 106 -37.81 -20.20 5.65
N ALA A 107 -37.07 -19.35 4.94
CA ALA A 107 -36.79 -19.55 3.51
C ALA A 107 -36.16 -20.89 3.25
N ALA A 108 -35.28 -21.33 4.13
CA ALA A 108 -34.61 -22.61 3.95
C ALA A 108 -35.54 -23.80 4.10
N SER A 109 -36.45 -23.73 5.06
CA SER A 109 -37.35 -24.84 5.36
C SER A 109 -38.50 -24.96 4.34
N GLU A 110 -38.84 -23.85 3.67
CA GLU A 110 -39.98 -23.84 2.74
C GLU A 110 -39.66 -24.42 1.38
N THR A 111 -39.31 -25.69 1.36
CA THR A 111 -38.84 -26.37 0.17
C THR A 111 -39.97 -26.65 -0.83
N LYS A 112 -41.22 -26.46 -0.42
CA LYS A 112 -42.33 -26.71 -1.35
C LYS A 112 -42.89 -25.39 -1.86
N PHE A 113 -42.24 -24.27 -1.62
CA PHE A 113 -42.71 -23.04 -2.25
C PHE A 113 -42.51 -23.09 -3.76
N LYS A 114 -43.52 -22.62 -4.50
CA LYS A 114 -43.42 -22.47 -5.95
C LYS A 114 -44.15 -21.19 -6.33
N TRP A 115 -43.59 -20.41 -7.24
CA TRP A 115 -44.32 -19.27 -7.75
C TRP A 115 -45.51 -19.83 -8.54
N ASN A 116 -46.72 -19.45 -8.14
CA ASN A 116 -47.94 -20.01 -8.69
C ASN A 116 -49.08 -19.05 -8.45
N LYS A 117 -49.73 -18.60 -9.52
CA LYS A 117 -50.81 -17.63 -9.38
C LYS A 117 -51.93 -18.17 -8.46
N ASP A 118 -52.07 -19.49 -8.35
CA ASP A 118 -53.12 -20.12 -7.56
C ASP A 118 -52.90 -20.03 -6.05
N THR A 119 -51.65 -19.82 -5.64
CA THR A 119 -51.27 -19.88 -4.24
C THR A 119 -50.47 -18.68 -3.74
N ASP A 120 -49.96 -17.83 -4.64
CA ASP A 120 -49.11 -16.68 -4.21
C ASP A 120 -49.75 -15.76 -3.14
N ARG A 121 -51.03 -15.43 -3.31
CA ARG A 121 -51.72 -14.53 -2.39
C ARG A 121 -51.96 -15.17 -1.03
N ASP A 122 -52.27 -16.46 -0.98
CA ASP A 122 -52.42 -17.14 0.30
C ASP A 122 -51.10 -17.23 1.03
N VAL A 123 -50.04 -17.55 0.27
CA VAL A 123 -48.70 -17.63 0.83
C VAL A 123 -48.31 -16.29 1.44
N ALA A 124 -48.51 -15.23 0.66
CA ALA A 124 -48.15 -13.90 1.13
C ALA A 124 -48.94 -13.51 2.37
N ALA A 125 -50.25 -13.81 2.36
CA ALA A 125 -51.16 -13.49 3.46
C ALA A 125 -50.74 -14.14 4.75
N GLU A 126 -50.48 -15.44 4.69
CA GLU A 126 -50.01 -16.15 5.86
C GLU A 126 -48.67 -15.57 6.33
N MET A 127 -47.80 -15.24 5.39
CA MET A 127 -46.50 -14.63 5.72
C MET A 127 -46.66 -13.28 6.45
N ILE A 128 -47.71 -12.53 6.12
CA ILE A 128 -47.93 -11.28 6.85
C ILE A 128 -48.21 -11.59 8.33
N GLY A 129 -48.90 -12.71 8.60
CA GLY A 129 -49.14 -13.15 9.96
C GLY A 129 -47.88 -13.65 10.62
N ARG A 130 -47.05 -14.35 9.82
CA ARG A 130 -45.78 -14.85 10.33
C ARG A 130 -44.86 -13.70 10.68
N MET A 131 -44.92 -12.64 9.88
CA MET A 131 -44.12 -11.47 10.15
C MET A 131 -44.49 -10.83 11.52
N SER A 132 -45.78 -10.84 11.87
CA SER A 132 -46.22 -10.40 13.20
C SER A 132 -45.65 -11.30 14.31
N ALA A 133 -45.76 -12.61 14.10
CA ALA A 133 -45.22 -13.55 15.08
C ALA A 133 -43.71 -13.34 15.23
N ILE A 134 -43.02 -13.15 14.11
CA ILE A 134 -41.57 -12.93 14.16
C ILE A 134 -41.19 -11.64 14.94
N THR A 135 -41.90 -10.57 14.62
CA THR A 135 -41.60 -9.26 15.18
C THR A 135 -41.88 -9.23 16.67
N VAL A 136 -42.94 -9.92 17.08
CA VAL A 136 -43.27 -10.10 18.47
C VAL A 136 -42.12 -10.75 19.22
N ASN A 137 -41.51 -11.74 18.57
CA ASN A 137 -40.49 -12.51 19.23
C ASN A 137 -39.12 -11.85 19.18
N VAL A 138 -38.90 -11.06 18.15
CA VAL A 138 -37.72 -10.21 18.09
C VAL A 138 -37.78 -9.23 19.26
N TYR A 139 -38.93 -8.57 19.42
CA TYR A 139 -39.09 -7.62 20.51
C TYR A 139 -38.91 -8.31 21.88
N ARG A 140 -39.57 -9.45 22.10
CA ARG A 140 -39.45 -10.12 23.40
C ARG A 140 -38.03 -10.57 23.69
N HIS A 141 -37.34 -11.07 22.68
CA HIS A 141 -35.95 -11.47 22.83
C HIS A 141 -35.08 -10.29 23.21
N ILE A 142 -35.23 -9.19 22.49
CA ILE A 142 -34.49 -7.97 22.81
C ILE A 142 -34.75 -7.52 24.26
N MET A 143 -35.98 -7.70 24.74
CA MET A 143 -36.35 -7.26 26.09
C MET A 143 -36.14 -8.36 27.13
N ASN A 144 -35.53 -9.45 26.72
CA ASN A 144 -35.27 -10.53 27.66
C ASN A 144 -36.58 -11.02 28.29
N MET A 145 -37.61 -11.17 27.44
CA MET A 145 -38.90 -11.72 27.85
C MET A 145 -39.04 -13.12 27.27
N PRO A 146 -39.91 -13.93 27.86
CA PRO A 146 -40.18 -15.26 27.31
C PRO A 146 -40.76 -15.19 25.89
N ALA A 147 -40.59 -16.23 25.08
CA ALA A 147 -41.19 -16.25 23.76
C ALA A 147 -42.72 -16.32 23.83
N GLU A 148 -43.38 -15.75 22.83
CA GLU A 148 -44.82 -15.91 22.73
C GLU A 148 -45.31 -15.60 21.32
N LEU A 149 -46.49 -16.13 21.00
CA LEU A 149 -47.09 -15.98 19.70
C LEU A 149 -48.35 -15.15 19.73
N PRO A 150 -48.61 -14.40 18.64
CA PRO A 150 -49.85 -13.62 18.49
C PRO A 150 -51.04 -14.55 18.47
N LYS A 151 -52.18 -14.11 18.99
CA LYS A 151 -53.41 -14.89 18.89
C LYS A 151 -54.51 -14.08 18.23
N PRO A 152 -55.49 -14.76 17.63
CA PRO A 152 -56.57 -14.08 16.88
C PRO A 152 -57.28 -13.10 17.79
N SER A 153 -57.64 -11.94 17.26
CA SER A 153 -58.40 -10.93 18.03
C SER A 153 -59.23 -10.11 17.05
N ASP A 154 -59.83 -9.01 17.51
CA ASP A 154 -60.66 -8.21 16.61
C ASP A 154 -59.86 -7.54 15.50
N SER A 155 -58.57 -7.30 15.74
CA SER A 155 -57.69 -6.70 14.72
C SER A 155 -56.26 -7.22 14.75
N TYR A 156 -55.65 -7.29 13.57
CA TYR A 156 -54.25 -7.65 13.43
C TYR A 156 -53.31 -6.80 14.31
N ALA A 157 -53.56 -5.48 14.35
CA ALA A 157 -52.79 -4.58 15.18
C ALA A 157 -52.94 -4.97 16.63
N GLU A 158 -54.17 -5.26 17.06
CA GLU A 158 -54.34 -5.65 18.46
C GLU A 158 -53.59 -6.96 18.78
N SER A 159 -53.65 -7.93 17.88
CA SER A 159 -52.98 -9.20 18.10
C SER A 159 -51.47 -8.99 18.23
N PHE A 160 -50.92 -8.12 17.39
CA PHE A 160 -49.50 -7.83 17.48
C PHE A 160 -49.12 -7.11 18.80
N LEU A 161 -49.79 -6.00 19.12
CA LEU A 161 -49.45 -5.27 20.34
C LEU A 161 -49.57 -6.10 21.59
N ASN A 162 -50.68 -6.82 21.71
CA ASN A 162 -50.94 -7.57 22.92
C ASN A 162 -49.90 -8.66 23.18
N ALA A 163 -49.50 -9.36 22.13
CA ALA A 163 -48.46 -10.38 22.23
C ALA A 163 -47.05 -9.78 22.42
N ALA A 164 -46.78 -8.64 21.78
CA ALA A 164 -45.45 -8.04 21.89
C ALA A 164 -45.18 -7.68 23.35
N PHE A 165 -46.17 -7.03 23.96
CA PHE A 165 -46.05 -6.50 25.32
C PHE A 165 -46.54 -7.43 26.44
N GLY A 166 -47.33 -8.45 26.10
CA GLY A 166 -47.87 -9.35 27.11
C GLY A 166 -48.88 -8.68 28.01
N ARG A 167 -49.61 -7.72 27.45
CA ARG A 167 -50.70 -7.01 28.14
C ARG A 167 -51.81 -6.67 27.12
N LYS A 168 -52.95 -6.21 27.62
CA LYS A 168 -54.03 -5.76 26.74
C LYS A 168 -53.82 -4.29 26.33
N ALA A 169 -53.59 -4.05 25.05
CA ALA A 169 -53.40 -2.69 24.56
C ALA A 169 -54.73 -1.89 24.58
N THR A 170 -54.64 -0.57 24.78
CA THR A 170 -55.81 0.30 24.77
C THR A 170 -56.34 0.48 23.36
N LYS A 171 -57.56 0.98 23.26
CA LYS A 171 -58.16 1.18 21.95
C LYS A 171 -57.32 2.18 21.13
N GLU A 172 -56.89 3.25 21.80
CA GLU A 172 -56.06 4.31 21.22
C GLU A 172 -54.69 3.80 20.71
N GLU A 173 -54.07 2.90 21.46
CA GLU A 173 -52.81 2.29 21.07
C GLU A 173 -52.99 1.39 19.87
N ILE A 174 -54.03 0.57 19.93
CA ILE A 174 -54.35 -0.33 18.84
C ILE A 174 -54.59 0.48 17.59
N ASP A 175 -55.35 1.56 17.73
CA ASP A 175 -55.67 2.39 16.59
C ASP A 175 -54.43 3.04 15.97
N ALA A 176 -53.55 3.55 16.82
CA ALA A 176 -52.29 4.14 16.38
C ALA A 176 -51.41 3.11 15.64
N MET A 177 -51.35 1.88 16.17
CA MET A 177 -50.56 0.83 15.54
C MET A 177 -51.20 0.43 14.20
N ASN A 178 -52.54 0.43 14.17
CA ASN A 178 -53.28 0.13 12.94
C ASN A 178 -52.95 1.16 11.84
N THR A 179 -52.94 2.44 12.21
CA THR A 179 -52.58 3.49 11.26
C THR A 179 -51.13 3.36 10.82
N ALA A 180 -50.23 3.08 11.73
CA ALA A 180 -48.81 2.93 11.37
C ALA A 180 -48.60 1.82 10.34
N LEU A 181 -49.22 0.66 10.57
CA LEU A 181 -49.13 -0.43 9.62
C LEU A 181 -49.65 -0.01 8.23
N ILE A 182 -50.76 0.71 8.22
CA ILE A 182 -51.33 1.18 6.97
C ILE A 182 -50.38 2.19 6.30
N LEU A 183 -49.86 3.15 7.06
CA LEU A 183 -49.06 4.22 6.46
C LEU A 183 -47.72 3.75 5.89
N TYR A 184 -47.16 2.66 6.43
CA TYR A 184 -45.83 2.21 5.98
C TYR A 184 -45.88 1.04 5.00
N THR A 185 -47.08 0.72 4.51
CA THR A 185 -47.25 -0.48 3.67
C THR A 185 -46.41 -0.45 2.39
N ASP A 186 -46.36 0.69 1.71
CA ASP A 186 -45.60 0.75 0.47
C ASP A 186 -45.25 2.18 0.08
N HIS A 187 -44.18 2.35 -0.66
CA HIS A 187 -43.71 3.64 -1.11
C HIS A 187 -42.61 3.50 -2.17
N GLU A 188 -43.00 3.80 -3.39
CA GLU A 188 -42.12 3.72 -4.53
C GLU A 188 -41.35 2.39 -4.56
N VAL A 189 -40.11 2.46 -4.96
CA VAL A 189 -39.27 1.28 -5.04
C VAL A 189 -37.94 1.52 -4.39
N PRO A 190 -38.00 1.62 -3.01
CA PRO A 190 -36.71 1.86 -2.35
C PRO A 190 -35.72 0.67 -2.37
N ALA A 191 -34.58 0.82 -1.72
CA ALA A 191 -33.53 -0.18 -1.78
C ALA A 191 -33.96 -1.55 -1.30
N SER A 192 -34.82 -1.61 -0.30
CA SER A 192 -35.28 -2.90 0.23
C SER A 192 -36.14 -3.63 -0.80
N THR A 193 -37.15 -2.94 -1.30
CA THR A 193 -38.01 -3.49 -2.34
C THR A 193 -37.19 -3.91 -3.56
N THR A 194 -36.25 -3.05 -3.94
CA THR A 194 -35.41 -3.33 -5.10
C THR A 194 -34.56 -4.56 -4.90
N ALA A 195 -33.98 -4.72 -3.72
CA ALA A 195 -33.10 -5.87 -3.46
C ALA A 195 -33.91 -7.14 -3.50
N GLY A 196 -35.11 -7.09 -2.93
CA GLY A 196 -36.03 -8.22 -2.99
C GLY A 196 -36.46 -8.53 -4.43
N LEU A 197 -36.68 -7.48 -5.23
CA LEU A 197 -37.08 -7.69 -6.63
C LEU A 197 -35.97 -8.43 -7.37
N VAL A 198 -34.73 -8.06 -7.06
CA VAL A 198 -33.58 -8.69 -7.72
C VAL A 198 -33.48 -10.18 -7.36
N ALA A 199 -33.78 -10.50 -6.11
CA ALA A 199 -33.70 -11.88 -5.63
C ALA A 199 -34.77 -12.76 -6.30
N VAL A 200 -36.01 -12.31 -6.34
CA VAL A 200 -37.08 -13.11 -6.94
C VAL A 200 -36.98 -13.12 -8.47
N SER A 201 -36.19 -12.22 -9.04
CA SER A 201 -36.03 -12.21 -10.49
C SER A 201 -35.30 -13.49 -10.94
N THR A 202 -34.67 -14.19 -9.99
CA THR A 202 -34.09 -15.50 -10.27
C THR A 202 -35.09 -16.63 -10.05
N LEU A 203 -36.30 -16.25 -9.67
CA LEU A 203 -37.37 -17.17 -9.26
C LEU A 203 -37.03 -17.79 -7.92
N SER A 204 -36.14 -17.13 -7.18
CA SER A 204 -35.93 -17.49 -5.80
C SER A 204 -37.25 -17.31 -5.05
N ASP A 205 -37.39 -17.98 -3.92
CA ASP A 205 -38.67 -18.02 -3.22
C ASP A 205 -39.02 -16.70 -2.56
N MET A 206 -40.30 -16.53 -2.29
CA MET A 206 -40.82 -15.34 -1.65
C MET A 206 -40.08 -14.97 -0.39
N TYR A 207 -39.70 -15.98 0.39
CA TYR A 207 -39.06 -15.76 1.69
C TYR A 207 -37.67 -15.19 1.52
N SER A 208 -36.92 -15.72 0.57
CA SER A 208 -35.60 -15.20 0.23
C SER A 208 -35.69 -13.76 -0.27
N GLY A 209 -36.77 -13.45 -1.01
CA GLY A 209 -37.00 -12.10 -1.48
C GLY A 209 -37.13 -11.15 -0.29
N ILE A 210 -37.89 -11.58 0.72
CA ILE A 210 -38.05 -10.78 1.91
C ILE A 210 -36.71 -10.65 2.65
N THR A 211 -35.96 -11.75 2.67
CA THR A 211 -34.68 -11.78 3.34
C THR A 211 -33.74 -10.75 2.74
N ALA A 212 -33.68 -10.71 1.42
CA ALA A 212 -32.86 -9.71 0.76
C ALA A 212 -33.40 -8.31 0.99
N ALA A 213 -34.73 -8.15 1.01
CA ALA A 213 -35.29 -6.81 1.33
C ALA A 213 -34.83 -6.31 2.71
N LEU A 214 -34.80 -7.21 3.67
CA LEU A 214 -34.40 -6.87 5.02
C LEU A 214 -32.92 -6.49 5.08
N ALA A 215 -32.10 -7.22 4.31
CA ALA A 215 -30.68 -6.95 4.23
C ALA A 215 -30.41 -5.51 3.78
N ALA A 216 -31.18 -4.98 2.82
CA ALA A 216 -30.98 -3.60 2.40
C ALA A 216 -31.47 -2.62 3.45
N LEU A 217 -32.60 -2.96 4.07
CA LEU A 217 -33.25 -2.10 5.04
C LEU A 217 -32.37 -1.88 6.28
N LYS A 218 -31.48 -2.82 6.56
CA LYS A 218 -30.61 -2.75 7.73
C LYS A 218 -29.68 -1.50 7.73
N GLY A 219 -29.28 -1.05 6.55
CA GLY A 219 -28.39 0.08 6.39
C GLY A 219 -28.93 1.41 6.88
N PRO A 220 -28.04 2.27 7.44
CA PRO A 220 -28.44 3.57 7.99
C PRO A 220 -28.95 4.54 6.91
N LEU A 221 -28.78 4.24 5.61
CA LEU A 221 -29.37 5.13 4.59
C LEU A 221 -30.82 4.75 4.26
N HIS A 222 -31.34 3.72 4.94
CA HIS A 222 -32.70 3.23 4.69
C HIS A 222 -33.41 2.97 5.99
N GLY A 223 -32.82 2.10 6.81
CA GLY A 223 -33.37 1.88 8.14
C GLY A 223 -32.91 2.98 9.09
N GLY A 224 -33.39 2.94 10.33
CA GLY A 224 -32.93 3.85 11.38
C GLY A 224 -33.44 5.27 11.30
N ALA A 225 -34.30 5.56 10.32
CA ALA A 225 -34.72 6.95 10.08
C ALA A 225 -35.58 7.54 11.22
N ALA A 226 -36.54 6.75 11.73
CA ALA A 226 -37.35 7.16 12.86
C ALA A 226 -36.50 7.27 14.15
N GLU A 227 -35.55 6.36 14.36
CA GLU A 227 -34.68 6.39 15.53
C GLU A 227 -33.75 7.63 15.53
N ALA A 228 -33.27 8.00 14.34
CA ALA A 228 -32.38 9.13 14.17
C ALA A 228 -33.06 10.42 14.57
N ALA A 229 -34.36 10.52 14.28
CA ALA A 229 -35.10 11.72 14.62
C ALA A 229 -35.24 11.81 16.14
N ILE A 230 -35.56 10.71 16.78
CA ILE A 230 -35.67 10.71 18.24
C ILE A 230 -34.33 11.08 18.90
N ALA A 231 -33.24 10.46 18.42
CA ALA A 231 -31.90 10.71 18.97
C ALA A 231 -31.60 12.20 18.86
N GLN A 232 -32.05 12.79 17.77
CA GLN A 232 -31.89 14.21 17.55
C GLN A 232 -32.67 15.02 18.59
N PHE A 233 -33.92 14.65 18.88
CA PHE A 233 -34.69 15.38 19.89
C PHE A 233 -34.05 15.23 21.28
N ASP A 234 -33.55 14.03 21.56
CA ASP A 234 -32.95 13.73 22.84
C ASP A 234 -31.63 14.49 23.00
N GLU A 235 -30.96 14.74 21.90
CA GLU A 235 -29.74 15.49 21.85
C GLU A 235 -30.00 16.93 22.30
N ILE A 236 -31.19 17.43 22.00
CA ILE A 236 -31.60 18.75 22.34
C ILE A 236 -32.00 18.81 23.80
N LYS A 237 -32.50 17.71 24.30
CA LYS A 237 -32.85 17.59 25.69
C LYS A 237 -33.91 18.48 26.26
N ASP A 238 -33.79 19.77 26.03
CA ASP A 238 -34.73 20.71 26.55
C ASP A 238 -35.24 21.64 25.48
N PRO A 239 -36.48 22.06 25.57
CA PRO A 239 -37.13 22.86 24.52
C PRO A 239 -36.56 24.26 24.35
N ALA A 240 -36.09 24.83 25.47
CA ALA A 240 -35.52 26.16 25.46
C ALA A 240 -34.20 26.18 24.70
N MET A 241 -33.64 25.00 24.49
CA MET A 241 -32.35 24.88 23.83
C MET A 241 -32.50 24.63 22.33
N VAL A 242 -33.73 24.58 21.81
CA VAL A 242 -33.91 24.16 20.41
C VAL A 242 -33.19 25.06 19.42
N GLU A 243 -33.41 26.37 19.54
CA GLU A 243 -32.82 27.29 18.59
C GLU A 243 -31.28 27.27 18.65
N LYS A 244 -30.71 27.28 19.87
CA LYS A 244 -29.25 27.17 20.04
C LYS A 244 -28.73 25.89 19.38
N TRP A 245 -29.37 24.76 19.65
CA TRP A 245 -28.99 23.51 19.00
C TRP A 245 -29.18 23.59 17.49
N PHE A 246 -30.30 24.16 17.07
CA PHE A 246 -30.58 24.32 15.66
C PHE A 246 -29.50 25.19 14.98
N ASN A 247 -29.09 26.24 15.64
CA ASN A 247 -28.09 27.08 15.09
C ASN A 247 -26.74 26.42 15.08
N ASP A 248 -26.33 25.85 16.17
CA ASP A 248 -24.98 25.28 16.27
C ASP A 248 -24.78 24.09 15.35
N ASN A 249 -25.86 23.40 15.00
CA ASN A 249 -25.70 22.14 14.29
C ASN A 249 -26.34 22.07 12.89
N ILE A 250 -27.42 22.79 12.66
CA ILE A 250 -28.09 22.61 11.37
C ILE A 250 -27.75 23.71 10.38
N ILE A 251 -28.03 24.96 10.76
CA ILE A 251 -27.85 26.11 9.88
C ILE A 251 -26.40 26.27 9.39
N ASN A 252 -25.42 26.00 10.25
CA ASN A 252 -24.03 26.12 9.81
C ASN A 252 -23.55 24.82 9.14
N GLY A 253 -24.40 23.78 9.17
CA GLY A 253 -24.17 22.54 8.43
C GLY A 253 -23.28 21.45 9.03
N LYS A 254 -23.26 21.36 10.36
CA LYS A 254 -22.44 20.36 11.00
C LYS A 254 -23.12 18.98 10.96
N LYS A 255 -24.45 18.97 10.91
CA LYS A 255 -25.23 17.73 10.78
C LYS A 255 -26.56 17.90 10.07
N ARG A 256 -27.20 16.81 9.72
CA ARG A 256 -28.47 16.91 9.04
C ARG A 256 -29.68 16.90 9.92
N LEU A 257 -30.67 17.65 9.50
CA LEU A 257 -31.93 17.70 10.19
C LEU A 257 -32.65 16.41 9.85
N MET A 258 -32.73 15.54 10.82
CA MET A 258 -33.34 14.22 10.66
C MET A 258 -34.86 14.28 10.58
N GLY A 259 -35.42 13.54 9.63
CA GLY A 259 -36.87 13.50 9.48
C GLY A 259 -37.42 14.65 8.64
N PHE A 260 -36.51 15.38 8.02
CA PHE A 260 -36.88 16.44 7.07
C PHE A 260 -36.39 16.06 5.69
N GLY A 261 -37.09 16.51 4.66
CA GLY A 261 -36.63 16.33 3.31
C GLY A 261 -36.98 14.98 2.73
N HIS A 262 -37.13 14.96 1.42
CA HIS A 262 -37.52 13.71 0.76
C HIS A 262 -37.22 13.72 -0.75
N ARG A 263 -36.89 12.55 -1.28
CA ARG A 263 -36.54 12.44 -2.70
C ARG A 263 -37.74 12.72 -3.63
N VAL A 264 -38.96 12.51 -3.12
CA VAL A 264 -40.17 12.75 -3.92
C VAL A 264 -41.03 13.88 -3.32
N TYR A 265 -41.31 13.86 -2.02
CA TYR A 265 -42.14 14.92 -1.46
C TYR A 265 -41.36 16.23 -1.39
N LYS A 266 -41.83 17.24 -2.12
CA LYS A 266 -41.33 18.61 -2.06
C LYS A 266 -42.29 19.44 -1.23
N THR A 267 -43.10 18.73 -0.46
CA THR A 267 -44.09 19.32 0.44
C THR A 267 -44.20 18.42 1.68
N TYR A 268 -45.12 18.76 2.58
CA TYR A 268 -45.34 17.97 3.78
C TYR A 268 -45.74 16.52 3.44
N ASP A 269 -45.05 15.56 4.04
CA ASP A 269 -45.37 14.15 3.84
C ASP A 269 -46.78 13.85 4.39
N PRO A 270 -47.68 13.33 3.55
CA PRO A 270 -49.03 13.04 4.06
C PRO A 270 -49.00 12.07 5.26
N ARG A 271 -48.01 11.20 5.27
CA ARG A 271 -47.86 10.28 6.40
C ARG A 271 -47.47 11.05 7.64
N ALA A 272 -46.62 12.05 7.47
CA ALA A 272 -46.17 12.88 8.59
C ALA A 272 -47.33 13.70 9.16
N LYS A 273 -48.18 14.22 8.27
CA LYS A 273 -49.33 15.01 8.69
C LYS A 273 -50.21 14.17 9.59
N ILE A 274 -50.40 12.91 9.21
CA ILE A 274 -51.23 12.04 10.02
C ILE A 274 -50.54 11.64 11.33
N PHE A 275 -49.25 11.29 11.27
CA PHE A 275 -48.51 10.88 12.46
C PHE A 275 -48.42 12.02 13.50
N LYS A 276 -48.25 13.25 13.03
CA LYS A 276 -48.13 14.39 13.94
C LYS A 276 -49.33 14.48 14.86
N GLY A 277 -50.52 14.33 14.31
CA GLY A 277 -51.73 14.38 15.10
C GLY A 277 -51.81 13.30 16.17
N ILE A 278 -51.45 12.09 15.80
CA ILE A 278 -51.47 10.96 16.71
C ILE A 278 -50.44 11.11 17.81
N ALA A 279 -49.28 11.61 17.41
CA ALA A 279 -48.16 11.83 18.32
C ALA A 279 -48.55 12.83 19.41
N GLU A 280 -49.31 13.86 19.03
CA GLU A 280 -49.75 14.84 19.99
C GLU A 280 -50.66 14.20 21.02
N LYS A 281 -51.67 13.46 20.55
CA LYS A 281 -52.67 12.87 21.45
C LYS A 281 -52.10 11.82 22.40
N LEU A 282 -51.36 10.87 21.85
CA LEU A 282 -50.89 9.77 22.65
C LEU A 282 -49.80 10.23 23.63
N SER A 283 -48.94 11.15 23.19
CA SER A 283 -47.79 11.55 23.98
C SER A 283 -48.23 12.46 25.12
N SER A 284 -49.41 13.05 24.97
CA SER A 284 -49.94 13.98 25.93
C SER A 284 -50.19 13.31 27.28
N LYS A 285 -50.25 11.99 27.33
CA LYS A 285 -50.51 11.25 28.56
C LYS A 285 -49.30 10.65 29.18
N LYS A 286 -48.17 10.81 28.51
CA LYS A 286 -46.89 10.37 29.05
C LYS A 286 -45.96 11.57 29.12
N PRO A 287 -45.78 12.14 30.33
CA PRO A 287 -45.03 13.40 30.52
C PRO A 287 -43.66 13.38 29.83
N GLU A 288 -42.95 12.29 29.98
CA GLU A 288 -41.64 12.16 29.36
C GLU A 288 -41.73 12.12 27.84
N VAL A 289 -42.76 11.52 27.30
CA VAL A 289 -42.89 11.46 25.85
C VAL A 289 -43.40 12.80 25.31
N HIS A 290 -44.32 13.45 26.04
CA HIS A 290 -44.85 14.74 25.59
C HIS A 290 -43.70 15.75 25.41
N LYS A 291 -42.69 15.68 26.28
CA LYS A 291 -41.53 16.57 26.19
C LYS A 291 -40.78 16.43 24.87
N VAL A 292 -40.66 15.18 24.42
CA VAL A 292 -40.04 14.88 23.16
C VAL A 292 -40.88 15.49 22.04
N TYR A 293 -42.20 15.41 22.18
CA TYR A 293 -43.09 16.00 21.19
C TYR A 293 -42.91 17.53 21.15
N GLU A 294 -42.83 18.16 22.31
CA GLU A 294 -42.68 19.60 22.38
C GLU A 294 -41.37 20.08 21.76
N ILE A 295 -40.30 19.32 21.98
CA ILE A 295 -39.02 19.59 21.34
C ILE A 295 -39.19 19.45 19.82
N ALA A 296 -39.88 18.40 19.40
CA ALA A 296 -40.07 18.10 17.96
C ALA A 296 -40.88 19.20 17.27
N THR A 297 -41.96 19.69 17.88
CA THR A 297 -42.75 20.71 17.21
C THR A 297 -41.96 22.02 17.18
N LYS A 298 -41.24 22.34 18.27
CA LYS A 298 -40.46 23.57 18.27
C LYS A 298 -39.37 23.55 17.21
N LEU A 299 -38.71 22.43 17.05
CA LEU A 299 -37.71 22.28 16.01
C LEU A 299 -38.39 22.35 14.63
N GLU A 300 -39.60 21.79 14.53
CA GLU A 300 -40.28 21.73 13.24
C GLU A 300 -40.41 23.10 12.60
N ASP A 301 -40.83 24.11 13.38
CA ASP A 301 -40.98 25.46 12.84
C ASP A 301 -39.69 26.05 12.33
N PHE A 302 -38.59 25.82 13.05
CA PHE A 302 -37.29 26.33 12.60
C PHE A 302 -36.92 25.67 11.24
N GLY A 303 -37.22 24.38 11.12
CA GLY A 303 -36.92 23.65 9.90
C GLY A 303 -37.73 24.12 8.69
N ILE A 304 -39.03 24.33 8.89
CA ILE A 304 -39.90 24.74 7.80
C ILE A 304 -39.52 26.15 7.34
N LYS A 305 -39.26 27.03 8.31
CA LYS A 305 -38.86 28.39 8.01
C LYS A 305 -37.51 28.41 7.27
N ALA A 306 -36.58 27.52 7.65
CA ALA A 306 -35.27 27.53 7.01
C ALA A 306 -35.26 26.81 5.66
N PHE A 307 -35.95 25.67 5.59
CA PHE A 307 -35.83 24.77 4.45
C PHE A 307 -37.12 24.56 3.63
N GLY A 308 -38.24 25.12 4.09
CA GLY A 308 -39.52 24.98 3.43
C GLY A 308 -39.54 25.48 1.99
N SER A 309 -38.80 26.55 1.74
CA SER A 309 -38.72 27.18 0.43
C SER A 309 -37.92 26.34 -0.54
N LYS A 310 -37.08 25.43 -0.02
CA LYS A 310 -36.33 24.54 -0.92
C LYS A 310 -36.99 23.17 -1.05
N GLY A 311 -38.28 23.09 -0.71
CA GLY A 311 -39.04 21.85 -0.81
C GLY A 311 -38.68 20.79 0.24
N ILE A 312 -38.09 21.27 1.34
CA ILE A 312 -37.66 20.40 2.43
C ILE A 312 -38.63 20.56 3.61
N TYR A 313 -39.43 19.52 3.84
CA TYR A 313 -40.45 19.48 4.89
C TYR A 313 -40.31 18.21 5.73
N PRO A 314 -41.06 18.13 6.86
CA PRO A 314 -41.13 16.89 7.64
C PRO A 314 -41.54 15.68 6.79
N ASN A 315 -40.81 14.57 6.91
CA ASN A 315 -41.23 13.35 6.25
C ASN A 315 -41.86 12.44 7.29
N THR A 316 -42.24 11.24 6.89
CA THR A 316 -42.97 10.32 7.75
C THR A 316 -42.25 9.99 9.07
N ASP A 317 -40.92 10.04 9.03
CA ASP A 317 -40.18 9.58 10.20
C ASP A 317 -39.86 10.68 11.23
N TYR A 318 -40.40 11.87 11.02
CA TYR A 318 -40.20 12.95 11.98
C TYR A 318 -41.02 12.70 13.27
N PHE A 319 -42.23 12.14 13.13
CA PHE A 319 -43.09 11.93 14.28
C PHE A 319 -43.34 10.44 14.60
N SER A 320 -43.00 9.56 13.67
CA SER A 320 -43.34 8.13 13.82
C SER A 320 -42.73 7.52 15.08
N GLY A 321 -41.51 7.91 15.40
CA GLY A 321 -40.85 7.43 16.60
C GLY A 321 -41.61 7.81 17.87
N ILE A 322 -42.12 9.03 17.89
CA ILE A 322 -42.88 9.50 19.04
C ILE A 322 -44.16 8.67 19.20
N VAL A 323 -44.80 8.34 18.08
CA VAL A 323 -45.98 7.48 18.12
C VAL A 323 -45.63 6.10 18.64
N TYR A 324 -44.58 5.51 18.09
CA TYR A 324 -44.15 4.20 18.55
C TYR A 324 -43.80 4.24 20.03
N MET A 325 -43.11 5.29 20.46
CA MET A 325 -42.69 5.43 21.82
C MET A 325 -43.90 5.57 22.77
N SER A 326 -44.92 6.31 22.33
CA SER A 326 -46.13 6.50 23.12
C SER A 326 -46.85 5.17 23.33
N ILE A 327 -46.86 4.37 22.27
CA ILE A 327 -47.42 3.02 22.32
C ILE A 327 -46.71 2.13 23.34
N GLY A 328 -45.38 2.24 23.39
CA GLY A 328 -44.61 1.51 24.39
C GLY A 328 -43.30 0.93 23.88
N PHE A 329 -42.98 1.21 22.63
CA PHE A 329 -41.74 0.68 22.06
C PHE A 329 -40.54 1.61 22.30
N PRO A 330 -39.41 1.02 22.74
CA PRO A 330 -38.22 1.79 23.10
C PRO A 330 -37.34 2.10 21.88
N LEU A 331 -36.34 2.97 22.06
CA LEU A 331 -35.49 3.39 20.96
C LEU A 331 -34.45 2.33 20.58
N ARG A 332 -33.99 1.57 21.57
CA ARG A 332 -32.88 0.60 21.41
C ARG A 332 -33.05 -0.43 20.31
N ASN A 333 -31.91 -0.88 19.77
CA ASN A 333 -31.87 -1.98 18.81
C ASN A 333 -32.61 -1.70 17.47
N ASN A 334 -32.89 -0.44 17.21
CA ASN A 334 -33.63 -0.03 16.04
C ASN A 334 -34.93 -0.78 15.92
N ILE A 335 -35.65 -0.88 17.02
CA ILE A 335 -36.94 -1.56 16.98
C ILE A 335 -37.91 -0.89 16.01
N TYR A 336 -37.88 0.44 15.90
CA TYR A 336 -38.82 1.14 15.01
C TYR A 336 -38.63 0.71 13.54
N THR A 337 -37.39 0.40 13.18
CA THR A 337 -37.08 -0.11 11.84
C THR A 337 -37.68 -1.50 11.64
N ALA A 338 -37.73 -2.28 12.70
CA ALA A 338 -38.39 -3.59 12.62
C ALA A 338 -39.91 -3.40 12.47
N LEU A 339 -40.46 -2.40 13.13
CA LEU A 339 -41.90 -2.11 12.99
C LEU A 339 -42.21 -1.66 11.56
N PHE A 340 -41.25 -0.96 10.96
CA PHE A 340 -41.37 -0.56 9.59
C PHE A 340 -41.44 -1.81 8.70
N ALA A 341 -40.53 -2.76 8.92
CA ALA A 341 -40.52 -3.98 8.14
C ALA A 341 -41.81 -4.83 8.33
N LEU A 342 -42.37 -4.85 9.53
CA LEU A 342 -43.60 -5.58 9.80
C LEU A 342 -44.68 -5.06 8.84
N SER A 343 -44.73 -3.75 8.68
CA SER A 343 -45.69 -3.14 7.79
C SER A 343 -45.32 -3.35 6.34
N ARG A 344 -44.07 -3.09 6.01
CA ARG A 344 -43.63 -3.05 4.63
C ARG A 344 -43.63 -4.45 3.98
N VAL A 345 -43.63 -5.50 4.78
CA VAL A 345 -43.67 -6.85 4.22
C VAL A 345 -44.87 -7.07 3.23
N THR A 346 -45.95 -6.31 3.43
CA THR A 346 -47.09 -6.38 2.53
C THR A 346 -46.75 -5.81 1.12
N GLY A 347 -46.18 -4.60 1.10
CA GLY A 347 -45.76 -4.00 -0.15
C GLY A 347 -44.70 -4.85 -0.86
N TRP A 348 -43.75 -5.35 -0.10
CA TRP A 348 -42.67 -6.17 -0.64
C TRP A 348 -43.24 -7.35 -1.37
N GLN A 349 -44.03 -8.14 -0.69
CA GLN A 349 -44.58 -9.33 -1.31
C GLN A 349 -45.48 -9.00 -2.50
N ALA A 350 -46.26 -7.93 -2.38
CA ALA A 350 -47.17 -7.54 -3.47
C ALA A 350 -46.39 -7.18 -4.72
N HIS A 351 -45.28 -6.45 -4.53
CA HIS A 351 -44.40 -6.10 -5.65
C HIS A 351 -43.73 -7.34 -6.24
N PHE A 352 -43.30 -8.27 -5.41
CA PHE A 352 -42.64 -9.47 -5.88
C PHE A 352 -43.56 -10.32 -6.76
N ILE A 353 -44.82 -10.41 -6.34
CA ILE A 353 -45.81 -11.18 -7.07
C ILE A 353 -46.10 -10.53 -8.41
N GLU A 354 -46.31 -9.23 -8.38
CA GLU A 354 -46.55 -8.44 -9.57
C GLU A 354 -45.41 -8.66 -10.57
N TYR A 355 -44.19 -8.67 -10.04
CA TYR A 355 -43.03 -8.80 -10.88
C TYR A 355 -42.95 -10.19 -11.47
N VAL A 356 -42.95 -11.21 -10.60
CA VAL A 356 -42.75 -12.59 -11.05
C VAL A 356 -43.87 -13.10 -11.93
N GLU A 357 -45.11 -12.73 -11.60
CA GLU A 357 -46.30 -13.21 -12.31
C GLU A 357 -46.55 -12.55 -13.68
N GLU A 358 -46.25 -11.26 -13.82
CA GLU A 358 -46.66 -10.56 -15.03
C GLU A 358 -45.55 -9.86 -15.76
N GLN A 359 -44.33 -9.79 -15.20
CA GLN A 359 -43.27 -9.09 -15.93
C GLN A 359 -41.88 -9.67 -15.65
N GLN A 360 -41.84 -10.97 -15.47
CA GLN A 360 -40.64 -11.69 -15.10
C GLN A 360 -39.48 -11.50 -16.10
N ARG A 361 -38.34 -11.09 -15.57
CA ARG A 361 -37.12 -11.00 -16.34
C ARG A 361 -35.94 -11.12 -15.38
N LEU A 362 -35.00 -12.00 -15.70
CA LEU A 362 -33.79 -12.15 -14.92
C LEU A 362 -33.05 -10.81 -14.85
N ILE A 363 -32.76 -10.34 -13.64
CA ILE A 363 -32.06 -9.07 -13.52
C ILE A 363 -30.54 -9.29 -13.59
N ARG A 364 -29.92 -8.61 -14.55
CA ARG A 364 -28.48 -8.78 -14.77
C ARG A 364 -27.89 -7.52 -15.43
N PRO A 365 -27.57 -6.52 -14.62
CA PRO A 365 -27.00 -5.24 -15.11
C PRO A 365 -25.54 -5.41 -15.54
N ARG A 366 -24.91 -4.30 -15.91
CA ARG A 366 -23.52 -4.30 -16.39
C ARG A 366 -22.56 -3.48 -15.50
N ALA A 367 -21.27 -3.73 -15.66
CA ALA A 367 -20.26 -2.85 -15.06
C ALA A 367 -19.30 -2.42 -16.13
N VAL A 368 -18.94 -1.14 -16.13
CA VAL A 368 -17.94 -0.59 -17.03
C VAL A 368 -16.55 -0.94 -16.52
N TYR A 369 -15.74 -1.59 -17.37
CA TYR A 369 -14.40 -1.97 -16.96
C TYR A 369 -13.45 -0.80 -17.04
N VAL A 370 -12.80 -0.50 -15.91
CA VAL A 370 -11.81 0.58 -15.84
C VAL A 370 -10.53 0.07 -15.13
N GLY A 371 -10.28 -1.23 -15.17
CA GLY A 371 -9.17 -1.79 -14.45
C GLY A 371 -7.93 -1.90 -15.32
N PRO A 372 -6.93 -2.65 -14.84
CA PRO A 372 -5.64 -2.91 -15.48
C PRO A 372 -5.81 -3.51 -16.86
N ALA A 373 -4.92 -3.16 -17.78
CA ALA A 373 -4.89 -3.81 -19.10
C ALA A 373 -4.40 -5.25 -18.97
N GLU A 374 -4.59 -6.06 -20.01
CA GLU A 374 -4.07 -7.42 -19.96
C GLU A 374 -2.56 -7.44 -19.68
N ARG A 375 -2.14 -8.34 -18.81
CA ARG A 375 -0.73 -8.53 -18.50
C ARG A 375 -0.47 -10.01 -18.19
N LYS A 376 0.78 -10.47 -18.39
CA LYS A 376 1.11 -11.87 -18.12
C LYS A 376 1.27 -12.15 -16.63
N TYR A 377 0.76 -13.30 -16.21
CA TYR A 377 0.82 -13.72 -14.83
C TYR A 377 2.26 -14.01 -14.41
N VAL A 378 2.67 -13.48 -13.25
CA VAL A 378 4.02 -13.72 -12.74
C VAL A 378 3.91 -14.62 -11.52
N PRO A 379 4.50 -15.82 -11.59
CA PRO A 379 4.53 -16.75 -10.46
C PRO A 379 5.10 -16.06 -9.20
N ILE A 380 4.54 -16.38 -8.04
CA ILE A 380 4.93 -15.73 -6.80
C ILE A 380 6.41 -15.69 -6.53
N ALA A 381 7.10 -16.75 -6.88
CA ALA A 381 8.54 -16.87 -6.70
C ALA A 381 9.34 -15.74 -7.36
N GLU A 382 8.90 -15.28 -8.51
CA GLU A 382 9.56 -14.24 -9.25
C GLU A 382 8.93 -12.91 -9.06
N ARG A 383 8.15 -12.74 -8.03
CA ARG A 383 7.47 -11.49 -7.81
C ARG A 383 8.26 -10.47 -7.03
N LYS A 384 9.06 -10.90 -6.06
CA LYS A 384 9.88 -10.02 -5.26
C LYS A 384 11.28 -10.39 -5.66
N VAL A 385 11.90 -9.57 -6.46
CA VAL A 385 13.22 -9.98 -6.90
C VAL A 385 14.32 -9.56 -5.90
N ASP A 386 15.31 -10.42 -5.75
CA ASP A 386 16.45 -10.13 -4.90
C ASP A 386 17.26 -9.01 -5.55
N LYS A 387 17.32 -7.87 -4.85
CA LYS A 387 17.96 -6.68 -5.38
C LYS A 387 19.42 -6.92 -5.78
N LEU A 388 20.15 -7.66 -4.96
CA LEU A 388 21.58 -7.92 -5.23
C LEU A 388 21.80 -8.84 -6.44
N ALA A 389 20.98 -9.88 -6.55
CA ALA A 389 21.06 -10.84 -7.66
C ALA A 389 20.67 -10.19 -8.98
N ALA A 390 19.61 -9.40 -8.92
CA ALA A 390 19.10 -8.69 -10.09
C ALA A 390 20.13 -7.67 -10.61
N ALA A 391 20.70 -6.89 -9.70
CA ALA A 391 21.71 -5.88 -10.05
C ALA A 391 22.96 -6.51 -10.62
N LEU A 392 23.36 -7.63 -10.03
CA LEU A 392 24.54 -8.35 -10.47
C LEU A 392 24.33 -9.09 -11.80
N GLU A 393 23.08 -9.21 -12.25
CA GLU A 393 22.78 -10.02 -13.44
C GLU A 393 23.46 -9.60 -14.75
N HIS A 394 23.47 -8.31 -15.03
CA HIS A 394 24.05 -7.83 -16.27
C HIS A 394 25.07 -6.78 -15.99
N HIS A 395 25.86 -7.06 -15.00
CA HIS A 395 26.90 -6.19 -14.56
C HIS A 395 28.26 -6.74 -14.95
N HIS A 396 29.14 -5.84 -15.34
CA HIS A 396 30.53 -6.19 -15.63
C HIS A 396 31.47 -5.35 -14.78
N HIS A 397 32.72 -5.79 -14.68
CA HIS A 397 33.76 -5.07 -13.97
C HIS A 397 33.87 -3.71 -14.58
N HIS A 398 33.88 -2.69 -13.75
CA HIS A 398 33.97 -1.34 -14.23
C HIS A 398 35.11 -0.48 -13.70
N HIS A 399 36.09 -1.09 -13.07
CA HIS A 399 37.20 -0.33 -12.55
C HIS A 399 38.58 -0.90 -12.87
N GLU B 4 -40.85 6.50 -19.40
CA GLU B 4 -41.83 5.44 -19.17
C GLU B 4 -41.33 4.14 -19.66
N GLU B 5 -40.12 4.12 -20.18
CA GLU B 5 -39.55 2.89 -20.70
C GLU B 5 -38.93 2.02 -19.59
N ILE B 6 -39.29 0.75 -19.55
CA ILE B 6 -38.75 -0.13 -18.56
C ILE B 6 -37.47 -0.75 -19.05
N SER B 7 -36.44 -0.65 -18.21
CA SER B 7 -35.15 -1.27 -18.44
C SER B 7 -35.21 -2.73 -18.04
N LYS B 8 -35.81 -3.54 -18.92
CA LYS B 8 -36.11 -4.94 -18.64
C LYS B 8 -34.86 -5.75 -18.23
N GLY B 9 -34.91 -6.30 -17.03
CA GLY B 9 -33.79 -7.04 -16.47
C GLY B 9 -32.56 -6.20 -16.15
N LEU B 10 -32.68 -4.87 -16.29
CA LEU B 10 -31.54 -3.93 -16.18
C LEU B 10 -30.40 -4.32 -17.13
N GLU B 11 -30.73 -5.02 -18.21
CA GLU B 11 -29.71 -5.61 -19.09
C GLU B 11 -28.78 -4.58 -19.75
N ASP B 12 -29.28 -3.40 -20.10
CA ASP B 12 -28.41 -2.42 -20.72
C ASP B 12 -27.99 -1.25 -19.80
N VAL B 13 -28.13 -1.48 -18.50
CA VAL B 13 -27.82 -0.50 -17.48
C VAL B 13 -26.45 -0.75 -16.82
N ASN B 14 -25.61 0.29 -16.79
CA ASN B 14 -24.34 0.22 -16.05
C ASN B 14 -24.62 0.61 -14.60
N ILE B 15 -24.47 -0.34 -13.68
CA ILE B 15 -24.80 -0.11 -12.28
C ILE B 15 -23.57 0.43 -11.49
N LYS B 16 -22.39 0.20 -12.06
CA LYS B 16 -21.12 0.65 -11.45
C LYS B 16 -19.98 0.50 -12.44
N TRP B 17 -18.81 1.04 -12.06
CA TRP B 17 -17.58 0.66 -12.74
C TRP B 17 -16.85 -0.38 -11.90
N THR B 18 -15.98 -1.15 -12.56
CA THR B 18 -15.16 -2.08 -11.81
C THR B 18 -13.75 -2.17 -12.39
N ARG B 19 -12.80 -2.48 -11.50
CA ARG B 19 -11.43 -2.75 -11.86
C ARG B 19 -11.13 -4.25 -11.83
N LEU B 20 -12.11 -5.05 -11.42
CA LEU B 20 -11.85 -6.42 -11.01
C LEU B 20 -11.75 -7.46 -12.12
N THR B 21 -12.71 -7.45 -13.02
CA THR B 21 -12.88 -8.56 -13.96
C THR B 21 -13.32 -8.08 -15.32
N THR B 22 -12.80 -8.73 -16.37
CA THR B 22 -13.28 -8.47 -17.70
C THR B 22 -13.23 -9.73 -18.56
N ILE B 23 -14.12 -9.75 -19.55
CA ILE B 23 -14.32 -10.89 -20.42
C ILE B 23 -14.17 -10.49 -21.86
N ASP B 24 -13.43 -11.26 -22.63
CA ASP B 24 -13.47 -11.14 -24.07
C ASP B 24 -14.29 -12.33 -24.60
N GLY B 25 -15.55 -12.07 -24.93
CA GLY B 25 -16.47 -13.11 -25.35
C GLY B 25 -16.16 -13.69 -26.74
N ASN B 26 -15.37 -12.99 -27.54
CA ASN B 26 -15.01 -13.48 -28.89
C ASN B 26 -13.79 -14.41 -28.86
N LYS B 27 -12.80 -14.05 -28.05
CA LYS B 27 -11.59 -14.85 -27.90
C LYS B 27 -11.81 -15.94 -26.84
N GLY B 28 -12.81 -15.71 -26.00
CA GLY B 28 -13.05 -16.58 -24.86
C GLY B 28 -11.95 -16.41 -23.80
N ILE B 29 -11.76 -15.18 -23.35
CA ILE B 29 -10.74 -14.89 -22.33
C ILE B 29 -11.42 -14.25 -21.11
N LEU B 30 -11.15 -14.80 -19.94
CA LEU B 30 -11.60 -14.20 -18.69
C LEU B 30 -10.39 -13.63 -17.95
N ARG B 31 -10.42 -12.34 -17.62
CA ARG B 31 -9.27 -11.74 -16.93
C ARG B 31 -9.63 -11.21 -15.54
N TYR B 32 -8.81 -11.56 -14.55
CA TYR B 32 -8.89 -11.01 -13.21
C TYR B 32 -7.78 -9.98 -13.01
N GLY B 33 -8.13 -8.70 -12.88
CA GLY B 33 -7.15 -7.65 -12.70
C GLY B 33 -6.09 -7.68 -13.78
N GLY B 34 -6.51 -8.04 -15.00
CA GLY B 34 -5.64 -8.08 -16.16
C GLY B 34 -5.05 -9.46 -16.48
N TYR B 35 -5.16 -10.40 -15.55
CA TYR B 35 -4.55 -11.71 -15.69
C TYR B 35 -5.55 -12.74 -16.21
N SER B 36 -5.20 -13.44 -17.29
CA SER B 36 -6.05 -14.50 -17.85
C SER B 36 -6.09 -15.74 -16.97
N VAL B 37 -7.29 -16.27 -16.72
CA VAL B 37 -7.43 -17.44 -15.85
C VAL B 37 -6.66 -18.62 -16.42
N GLU B 38 -6.53 -18.67 -17.73
CA GLU B 38 -5.80 -19.75 -18.33
C GLU B 38 -4.35 -19.72 -17.87
N ASP B 39 -3.79 -18.51 -17.83
CA ASP B 39 -2.41 -18.29 -17.47
C ASP B 39 -2.27 -18.51 -15.96
N ILE B 40 -3.23 -18.00 -15.20
CA ILE B 40 -3.25 -18.20 -13.78
C ILE B 40 -3.22 -19.70 -13.42
N ILE B 41 -4.07 -20.52 -14.06
CA ILE B 41 -4.12 -21.95 -13.72
C ILE B 41 -2.91 -22.73 -14.22
N ALA B 42 -2.41 -22.40 -15.40
CA ALA B 42 -1.25 -23.05 -15.96
C ALA B 42 0.01 -22.81 -15.11
N SER B 43 0.05 -21.70 -14.39
CA SER B 43 1.18 -21.30 -13.55
C SER B 43 1.08 -21.79 -12.10
N GLY B 44 -0.05 -22.40 -11.76
CA GLY B 44 -0.26 -23.02 -10.46
C GLY B 44 -0.52 -22.15 -9.24
N ALA B 45 -1.15 -21.01 -9.44
CA ALA B 45 -1.50 -20.12 -8.33
C ALA B 45 -2.42 -20.76 -7.29
N GLN B 46 -2.21 -20.41 -6.02
CA GLN B 46 -3.15 -20.75 -4.97
C GLN B 46 -4.30 -19.76 -5.06
N ASP B 47 -5.48 -20.23 -4.68
CA ASP B 47 -6.64 -19.38 -4.72
C ASP B 47 -6.46 -18.16 -3.84
N GLU B 48 -5.71 -18.32 -2.75
CA GLU B 48 -5.45 -17.19 -1.84
C GLU B 48 -4.80 -16.03 -2.61
N GLU B 49 -3.92 -16.31 -3.54
CA GLU B 49 -3.30 -15.28 -4.35
C GLU B 49 -4.34 -14.53 -5.13
N ILE B 50 -5.34 -15.24 -5.62
CA ILE B 50 -6.43 -14.62 -6.34
C ILE B 50 -7.43 -13.87 -5.41
N GLN B 51 -7.69 -14.41 -4.21
CA GLN B 51 -8.47 -13.67 -3.22
C GLN B 51 -7.77 -12.34 -2.98
N TYR B 52 -6.46 -12.40 -2.74
CA TYR B 52 -5.68 -11.18 -2.47
C TYR B 52 -5.74 -10.22 -3.70
N LEU B 53 -5.53 -10.75 -4.90
CA LEU B 53 -5.68 -9.92 -6.10
C LEU B 53 -7.03 -9.19 -6.11
N PHE B 54 -8.10 -9.87 -5.73
CA PHE B 54 -9.39 -9.20 -5.74
C PHE B 54 -9.56 -8.11 -4.69
N LEU B 55 -9.00 -8.35 -3.51
CA LEU B 55 -9.20 -7.43 -2.38
C LEU B 55 -8.21 -6.27 -2.40
N TYR B 56 -7.02 -6.50 -2.97
CA TYR B 56 -5.96 -5.48 -2.86
C TYR B 56 -5.56 -4.86 -4.22
N GLY B 57 -5.87 -5.52 -5.34
CA GLY B 57 -5.59 -4.94 -6.64
C GLY B 57 -4.29 -5.40 -7.31
N ASN B 58 -3.47 -6.15 -6.58
CA ASN B 58 -2.29 -6.76 -7.19
C ASN B 58 -2.01 -8.15 -6.62
N LEU B 59 -1.16 -8.91 -7.30
CA LEU B 59 -0.75 -10.21 -6.78
C LEU B 59 0.11 -9.96 -5.54
N PRO B 60 -0.05 -10.79 -4.51
CA PRO B 60 0.71 -10.54 -3.27
C PRO B 60 2.15 -11.01 -3.36
N THR B 61 3.04 -10.30 -2.67
CA THR B 61 4.39 -10.81 -2.44
C THR B 61 4.30 -11.99 -1.46
N GLU B 62 5.39 -12.72 -1.30
CA GLU B 62 5.47 -13.81 -0.30
C GLU B 62 5.05 -13.33 1.10
N GLN B 63 5.59 -12.18 1.51
CA GLN B 63 5.30 -11.61 2.81
C GLN B 63 3.82 -11.24 2.96
N GLU B 64 3.30 -10.58 1.94
CA GLU B 64 1.90 -10.19 1.94
C GLU B 64 0.94 -11.39 2.00
N LEU B 65 1.26 -12.43 1.24
CA LEU B 65 0.43 -13.64 1.23
C LEU B 65 0.34 -14.33 2.60
N ARG B 66 1.50 -14.38 3.25
CA ARG B 66 1.67 -15.01 4.56
C ARG B 66 0.80 -14.32 5.62
N LYS B 67 0.80 -12.99 5.61
CA LYS B 67 -0.05 -12.20 6.49
C LYS B 67 -1.51 -12.41 6.13
N TYR B 68 -1.78 -12.44 4.84
CA TYR B 68 -3.13 -12.62 4.36
C TYR B 68 -3.75 -13.95 4.84
N LYS B 69 -2.98 -15.03 4.67
CA LYS B 69 -3.44 -16.38 5.03
C LYS B 69 -3.81 -16.44 6.51
N GLU B 70 -3.02 -15.77 7.36
CA GLU B 70 -3.28 -15.70 8.80
C GLU B 70 -4.62 -15.07 9.11
N THR B 71 -4.93 -13.95 8.46
CA THR B 71 -6.21 -13.31 8.67
C THR B 71 -7.36 -14.22 8.18
N VAL B 72 -7.19 -14.84 7.01
CA VAL B 72 -8.26 -15.71 6.51
C VAL B 72 -8.52 -16.84 7.49
N GLN B 73 -7.46 -17.40 8.06
CA GLN B 73 -7.59 -18.58 8.90
C GLN B 73 -8.29 -18.28 10.21
N LYS B 74 -8.34 -17.01 10.59
CA LYS B 74 -9.10 -16.59 11.76
C LYS B 74 -10.58 -16.90 11.51
N GLY B 75 -10.97 -16.90 10.24
CA GLY B 75 -12.35 -17.16 9.84
C GLY B 75 -12.77 -18.61 10.03
N TYR B 76 -11.80 -19.49 10.25
CA TYR B 76 -12.07 -20.90 10.50
C TYR B 76 -12.78 -21.14 11.86
N LYS B 77 -12.73 -20.18 12.77
CA LYS B 77 -13.49 -20.30 14.01
C LYS B 77 -14.75 -19.43 13.94
N ILE B 78 -15.92 -20.06 13.89
CA ILE B 78 -17.18 -19.31 13.90
C ILE B 78 -18.07 -19.73 15.08
N PRO B 79 -18.91 -18.82 15.56
CA PRO B 79 -19.69 -19.08 16.78
C PRO B 79 -20.67 -20.23 16.66
N ASP B 80 -21.02 -20.83 17.78
CA ASP B 80 -21.95 -21.96 17.79
C ASP B 80 -23.32 -21.56 17.22
N PHE B 81 -23.74 -20.32 17.42
CA PHE B 81 -25.04 -19.94 16.87
C PHE B 81 -25.04 -19.81 15.35
N VAL B 82 -23.90 -19.54 14.73
CA VAL B 82 -23.87 -19.56 13.27
C VAL B 82 -23.98 -21.01 12.76
N ILE B 83 -23.26 -21.91 13.41
CA ILE B 83 -23.35 -23.33 13.07
C ILE B 83 -24.78 -23.87 13.26
N ASN B 84 -25.41 -23.48 14.37
CA ASN B 84 -26.75 -23.95 14.71
C ASN B 84 -27.83 -23.34 13.81
N ALA B 85 -27.55 -22.17 13.26
CA ALA B 85 -28.44 -21.55 12.30
C ALA B 85 -28.62 -22.46 11.07
N ILE B 86 -27.60 -23.29 10.83
CA ILE B 86 -27.60 -24.34 9.82
C ILE B 86 -28.26 -25.62 10.35
N ARG B 87 -27.76 -26.14 11.46
CA ARG B 87 -28.11 -27.49 11.87
C ARG B 87 -29.55 -27.62 12.41
N GLN B 88 -30.17 -26.53 12.83
CA GLN B 88 -31.57 -26.59 13.31
C GLN B 88 -32.56 -26.64 12.13
N LEU B 89 -32.04 -26.49 10.93
CA LEU B 89 -32.85 -26.50 9.72
C LEU B 89 -33.12 -27.93 9.24
N PRO B 90 -34.27 -28.16 8.55
CA PRO B 90 -34.53 -29.47 7.91
C PRO B 90 -33.41 -29.84 6.94
N ARG B 91 -32.92 -31.08 6.99
CA ARG B 91 -31.81 -31.46 6.10
C ARG B 91 -32.16 -31.46 4.61
N GLU B 92 -33.44 -31.39 4.26
CA GLU B 92 -33.80 -31.32 2.85
C GLU B 92 -33.59 -29.89 2.35
N SER B 93 -33.29 -28.98 3.27
CA SER B 93 -33.12 -27.59 2.86
C SER B 93 -32.02 -27.44 1.82
N ASP B 94 -32.28 -26.54 0.90
CA ASP B 94 -31.31 -26.10 -0.09
C ASP B 94 -29.97 -25.63 0.58
N ALA B 95 -28.84 -26.09 0.05
CA ALA B 95 -27.51 -25.81 0.61
C ALA B 95 -27.22 -24.32 0.67
N VAL B 96 -27.57 -23.61 -0.39
CA VAL B 96 -27.35 -22.18 -0.42
C VAL B 96 -28.27 -21.49 0.58
N ALA B 97 -29.45 -22.06 0.79
CA ALA B 97 -30.38 -21.54 1.80
C ALA B 97 -29.80 -21.72 3.18
N MET B 98 -29.13 -22.85 3.41
CA MET B 98 -28.46 -23.07 4.69
C MET B 98 -27.37 -22.01 4.88
N GLN B 99 -26.59 -21.77 3.83
CA GLN B 99 -25.57 -20.73 3.86
C GLN B 99 -26.21 -19.38 4.20
N MET B 100 -27.33 -19.08 3.56
CA MET B 100 -27.99 -17.78 3.81
C MET B 100 -28.42 -17.60 5.27
N ALA B 101 -28.94 -18.65 5.87
CA ALA B 101 -29.37 -18.57 7.25
C ALA B 101 -28.17 -18.36 8.18
N ALA B 102 -27.05 -18.96 7.82
CA ALA B 102 -25.84 -18.86 8.62
C ALA B 102 -25.29 -17.42 8.55
N VAL B 103 -25.19 -16.88 7.34
CA VAL B 103 -24.65 -15.55 7.19
C VAL B 103 -25.61 -14.55 7.82
N ALA B 104 -26.90 -14.84 7.78
CA ALA B 104 -27.87 -13.91 8.38
C ALA B 104 -27.67 -13.78 9.89
N ALA B 105 -27.46 -14.90 10.57
CA ALA B 105 -27.19 -14.88 12.00
C ALA B 105 -25.90 -14.12 12.30
N MET B 106 -24.90 -14.34 11.46
CA MET B 106 -23.60 -13.66 11.60
C MET B 106 -23.75 -12.17 11.42
N ALA B 107 -24.52 -11.75 10.42
CA ALA B 107 -24.78 -10.34 10.18
C ALA B 107 -25.39 -9.67 11.40
N ALA B 108 -26.27 -10.39 12.07
CA ALA B 108 -26.93 -9.86 13.23
C ALA B 108 -25.93 -9.68 14.39
N SER B 109 -25.00 -10.62 14.55
CA SER B 109 -24.08 -10.60 15.68
C SER B 109 -22.96 -9.59 15.49
N GLU B 110 -22.67 -9.25 14.24
CA GLU B 110 -21.57 -8.31 13.96
C GLU B 110 -21.98 -6.85 14.18
N THR B 111 -22.31 -6.49 15.42
CA THR B 111 -22.87 -5.17 15.68
C THR B 111 -21.87 -4.02 15.53
N LYS B 112 -20.58 -4.34 15.42
CA LYS B 112 -19.61 -3.27 15.33
C LYS B 112 -19.00 -3.09 13.94
N PHE B 113 -19.60 -3.71 12.92
CA PHE B 113 -19.09 -3.49 11.57
C PHE B 113 -19.29 -2.03 11.13
N LYS B 114 -18.26 -1.46 10.51
CA LYS B 114 -18.37 -0.12 9.94
C LYS B 114 -17.59 -0.14 8.66
N TRP B 115 -18.10 0.51 7.62
CA TRP B 115 -17.36 0.66 6.39
C TRP B 115 -16.18 1.59 6.61
N ASN B 116 -14.98 1.11 6.40
CA ASN B 116 -13.78 1.88 6.69
C ASN B 116 -12.72 1.36 5.76
N LYS B 117 -12.18 2.27 4.95
CA LYS B 117 -11.14 1.97 3.98
C LYS B 117 -9.99 1.22 4.61
N ASP B 118 -9.75 1.49 5.91
CA ASP B 118 -8.67 0.88 6.64
C ASP B 118 -8.90 -0.56 7.05
N THR B 119 -10.16 -1.00 7.11
CA THR B 119 -10.48 -2.30 7.69
C THR B 119 -11.32 -3.22 6.83
N ASP B 120 -11.92 -2.68 5.78
CA ASP B 120 -12.80 -3.47 4.93
C ASP B 120 -12.15 -4.76 4.42
N ARG B 121 -10.87 -4.70 4.02
CA ARG B 121 -10.22 -5.87 3.45
C ARG B 121 -9.90 -6.97 4.47
N ASP B 122 -9.49 -6.59 5.69
CA ASP B 122 -9.25 -7.58 6.76
C ASP B 122 -10.57 -8.28 7.09
N VAL B 123 -11.65 -7.50 7.16
CA VAL B 123 -12.98 -8.07 7.38
C VAL B 123 -13.35 -9.07 6.28
N ALA B 124 -13.15 -8.68 5.02
CA ALA B 124 -13.44 -9.56 3.86
C ALA B 124 -12.61 -10.86 3.89
N ALA B 125 -11.33 -10.72 4.22
CA ALA B 125 -10.42 -11.85 4.32
C ALA B 125 -10.89 -12.88 5.35
N GLU B 126 -11.18 -12.42 6.56
CA GLU B 126 -11.65 -13.33 7.59
C GLU B 126 -12.99 -13.96 7.15
N MET B 127 -13.87 -13.15 6.53
CA MET B 127 -15.14 -13.66 6.02
C MET B 127 -14.98 -14.77 4.97
N ILE B 128 -13.93 -14.68 4.15
CA ILE B 128 -13.66 -15.73 3.18
C ILE B 128 -13.35 -17.04 3.92
N GLY B 129 -12.65 -16.93 5.05
CA GLY B 129 -12.40 -18.07 5.93
C GLY B 129 -13.68 -18.54 6.63
N ARG B 130 -14.54 -17.61 7.04
CA ARG B 130 -15.81 -18.00 7.65
C ARG B 130 -16.68 -18.72 6.62
N MET B 131 -16.67 -18.23 5.40
CA MET B 131 -17.45 -18.84 4.34
C MET B 131 -17.02 -20.30 4.15
N SER B 132 -15.72 -20.57 4.29
CA SER B 132 -15.25 -21.97 4.28
C SER B 132 -15.82 -22.76 5.44
N ALA B 133 -15.80 -22.15 6.62
CA ALA B 133 -16.28 -22.82 7.82
C ALA B 133 -17.77 -23.14 7.67
N ILE B 134 -18.51 -22.15 7.18
CA ILE B 134 -19.94 -22.32 6.95
C ILE B 134 -20.26 -23.45 5.93
N THR B 135 -19.54 -23.47 4.80
CA THR B 135 -19.82 -24.41 3.73
C THR B 135 -19.50 -25.84 4.15
N VAL B 136 -18.42 -25.97 4.92
CA VAL B 136 -18.05 -27.24 5.54
C VAL B 136 -19.21 -27.81 6.38
N ASN B 137 -19.85 -26.93 7.15
CA ASN B 137 -20.90 -27.36 8.06
C ASN B 137 -22.26 -27.48 7.37
N VAL B 138 -22.46 -26.73 6.30
CA VAL B 138 -23.63 -26.95 5.48
C VAL B 138 -23.55 -28.36 4.89
N TYR B 139 -22.40 -28.69 4.33
CA TYR B 139 -22.23 -30.01 3.74
C TYR B 139 -22.41 -31.08 4.82
N ARG B 140 -21.76 -30.90 5.96
CA ARG B 140 -21.86 -31.92 6.99
C ARG B 140 -23.28 -32.13 7.50
N HIS B 141 -24.01 -31.03 7.69
CA HIS B 141 -25.39 -31.14 8.16
C HIS B 141 -26.25 -31.89 7.12
N ILE B 142 -26.12 -31.52 5.85
CA ILE B 142 -26.87 -32.25 4.83
C ILE B 142 -26.57 -33.77 4.87
N MET B 143 -25.33 -34.14 5.19
CA MET B 143 -24.96 -35.55 5.20
C MET B 143 -25.13 -36.21 6.58
N ASN B 144 -25.73 -35.47 7.52
CA ASN B 144 -25.88 -35.96 8.89
C ASN B 144 -24.53 -36.32 9.47
N MET B 145 -23.53 -35.47 9.27
CA MET B 145 -22.25 -35.70 9.93
C MET B 145 -22.08 -34.72 11.11
N PRO B 146 -21.20 -35.05 12.08
CA PRO B 146 -20.99 -34.11 13.17
C PRO B 146 -20.43 -32.80 12.67
N ALA B 147 -20.67 -31.73 13.42
CA ALA B 147 -20.14 -30.43 13.06
C ALA B 147 -18.62 -30.49 13.12
N GLU B 148 -17.98 -29.69 12.27
CA GLU B 148 -16.54 -29.60 12.34
C GLU B 148 -16.03 -28.33 11.65
N LEU B 149 -14.85 -27.87 12.04
CA LEU B 149 -14.26 -26.64 11.50
C LEU B 149 -12.99 -26.89 10.70
N PRO B 150 -12.74 -26.06 9.68
CA PRO B 150 -11.45 -26.19 8.97
C PRO B 150 -10.26 -25.83 9.87
N LYS B 151 -9.11 -26.43 9.59
CA LYS B 151 -7.91 -26.14 10.33
C LYS B 151 -6.93 -25.46 9.40
N PRO B 152 -6.04 -24.64 9.98
CA PRO B 152 -5.02 -23.89 9.24
C PRO B 152 -4.08 -24.85 8.52
N SER B 153 -3.76 -24.52 7.27
CA SER B 153 -2.70 -25.21 6.57
C SER B 153 -2.18 -24.26 5.49
N ASP B 154 -1.24 -24.73 4.70
CA ASP B 154 -0.72 -23.87 3.65
C ASP B 154 -1.76 -23.63 2.53
N SER B 155 -2.75 -24.52 2.40
CA SER B 155 -3.78 -24.35 1.37
C SER B 155 -5.23 -24.34 1.89
N TYR B 156 -5.90 -23.23 1.59
CA TYR B 156 -7.31 -23.02 1.84
C TYR B 156 -8.18 -24.12 1.23
N ALA B 157 -7.83 -24.48 0.00
CA ALA B 157 -8.55 -25.52 -0.71
C ALA B 157 -8.46 -26.83 0.10
N GLU B 158 -7.25 -27.15 0.56
CA GLU B 158 -7.01 -28.35 1.33
C GLU B 158 -7.68 -28.27 2.72
N SER B 159 -7.59 -27.09 3.35
CA SER B 159 -8.23 -26.93 4.66
C SER B 159 -9.76 -27.15 4.48
N PHE B 160 -10.32 -26.64 3.40
CA PHE B 160 -11.75 -26.86 3.13
C PHE B 160 -12.10 -28.35 2.89
N LEU B 161 -11.42 -28.98 1.93
CA LEU B 161 -11.68 -30.38 1.63
C LEU B 161 -11.49 -31.32 2.83
N ASN B 162 -10.39 -31.16 3.58
CA ASN B 162 -10.12 -32.02 4.71
C ASN B 162 -11.19 -31.83 5.79
N ALA B 163 -11.67 -30.62 5.99
CA ALA B 163 -12.74 -30.43 6.99
C ALA B 163 -14.10 -31.01 6.53
N ALA B 164 -14.41 -30.84 5.25
CA ALA B 164 -15.71 -31.26 4.70
C ALA B 164 -15.90 -32.78 4.79
N PHE B 165 -14.86 -33.50 4.40
CA PHE B 165 -14.93 -34.94 4.29
C PHE B 165 -14.40 -35.68 5.50
N GLY B 166 -13.62 -34.99 6.32
CA GLY B 166 -13.02 -35.63 7.47
C GLY B 166 -11.95 -36.64 7.10
N ARG B 167 -11.27 -36.39 6.00
CA ARG B 167 -10.16 -37.24 5.54
C ARG B 167 -9.11 -36.34 4.87
N LYS B 168 -7.94 -36.89 4.62
CA LYS B 168 -6.91 -36.13 3.90
C LYS B 168 -7.17 -36.28 2.40
N ALA B 169 -7.46 -35.15 1.77
CA ALA B 169 -7.70 -35.12 0.34
C ALA B 169 -6.39 -35.33 -0.42
N THR B 170 -6.46 -35.97 -1.58
CA THR B 170 -5.29 -36.18 -2.43
C THR B 170 -4.86 -34.86 -3.06
N LYS B 171 -3.65 -34.83 -3.58
CA LYS B 171 -3.15 -33.61 -4.20
C LYS B 171 -4.03 -33.24 -5.38
N GLU B 172 -4.44 -34.27 -6.12
CA GLU B 172 -5.28 -34.08 -7.32
C GLU B 172 -6.59 -33.42 -6.96
N GLU B 173 -7.21 -33.90 -5.88
CA GLU B 173 -8.47 -33.35 -5.38
C GLU B 173 -8.26 -31.90 -4.89
N ILE B 174 -7.19 -31.67 -4.13
CA ILE B 174 -6.90 -30.31 -3.66
C ILE B 174 -6.70 -29.34 -4.84
N ASP B 175 -5.92 -29.75 -5.82
CA ASP B 175 -5.66 -28.92 -6.94
C ASP B 175 -6.93 -28.56 -7.70
N ALA B 176 -7.77 -29.55 -7.92
CA ALA B 176 -9.04 -29.35 -8.60
C ALA B 176 -9.92 -28.35 -7.86
N MET B 177 -10.00 -28.49 -6.52
CA MET B 177 -10.82 -27.57 -5.74
C MET B 177 -10.25 -26.15 -5.76
N ASN B 178 -8.93 -26.06 -5.64
CA ASN B 178 -8.24 -24.78 -5.72
C ASN B 178 -8.55 -24.10 -7.08
N THR B 179 -8.51 -24.89 -8.15
CA THR B 179 -8.84 -24.36 -9.47
C THR B 179 -10.30 -23.90 -9.54
N ALA B 180 -11.19 -24.71 -8.99
CA ALA B 180 -12.61 -24.40 -8.99
C ALA B 180 -12.86 -23.06 -8.26
N LEU B 181 -12.23 -22.90 -7.09
CA LEU B 181 -12.38 -21.65 -6.33
C LEU B 181 -11.91 -20.45 -7.16
N ILE B 182 -10.77 -20.58 -7.82
CA ILE B 182 -10.29 -19.53 -8.70
C ILE B 182 -11.27 -19.26 -9.87
N LEU B 183 -11.70 -20.32 -10.53
CA LEU B 183 -12.51 -20.14 -11.75
C LEU B 183 -13.86 -19.52 -11.49
N TYR B 184 -14.42 -19.66 -10.30
CA TYR B 184 -15.75 -19.09 -10.05
C TYR B 184 -15.73 -17.78 -9.27
N THR B 185 -14.54 -17.20 -9.09
CA THR B 185 -14.41 -16.07 -8.18
C THR B 185 -15.31 -14.89 -8.60
N ASP B 186 -15.39 -14.59 -9.89
CA ASP B 186 -16.20 -13.46 -10.32
C ASP B 186 -16.55 -13.58 -11.81
N HIS B 187 -17.68 -13.00 -12.20
CA HIS B 187 -18.08 -13.07 -13.61
C HIS B 187 -19.29 -12.17 -13.84
N GLU B 188 -19.09 -11.09 -14.61
CA GLU B 188 -20.17 -10.14 -14.90
C GLU B 188 -20.74 -9.56 -13.61
N VAL B 189 -22.01 -9.14 -13.66
CA VAL B 189 -22.73 -8.58 -12.51
C VAL B 189 -24.11 -9.21 -12.40
N PRO B 190 -24.15 -10.51 -12.04
CA PRO B 190 -25.42 -11.22 -11.98
C PRO B 190 -26.30 -10.78 -10.80
N ALA B 191 -27.46 -11.41 -10.67
CA ALA B 191 -28.47 -11.07 -9.68
C ALA B 191 -27.93 -11.15 -8.26
N SER B 192 -27.01 -12.09 -8.01
CA SER B 192 -26.42 -12.21 -6.68
C SER B 192 -25.54 -10.97 -6.37
N THR B 193 -24.55 -10.69 -7.21
CA THR B 193 -23.71 -9.50 -7.03
C THR B 193 -24.59 -8.27 -6.93
N THR B 194 -25.58 -8.21 -7.82
CA THR B 194 -26.48 -7.08 -7.87
C THR B 194 -27.32 -6.86 -6.61
N ALA B 195 -27.89 -7.93 -6.06
CA ALA B 195 -28.73 -7.79 -4.88
C ALA B 195 -27.88 -7.32 -3.72
N GLY B 196 -26.69 -7.91 -3.59
CA GLY B 196 -25.77 -7.52 -2.54
C GLY B 196 -25.35 -6.08 -2.74
N LEU B 197 -25.16 -5.66 -3.99
CA LEU B 197 -24.78 -4.26 -4.24
C LEU B 197 -25.89 -3.35 -3.78
N VAL B 198 -27.15 -3.73 -4.04
CA VAL B 198 -28.25 -2.88 -3.61
C VAL B 198 -28.27 -2.78 -2.07
N ALA B 199 -27.97 -3.87 -1.38
CA ALA B 199 -27.99 -3.83 0.10
C ALA B 199 -26.87 -2.96 0.66
N VAL B 200 -25.65 -3.11 0.17
CA VAL B 200 -24.57 -2.30 0.75
C VAL B 200 -24.69 -0.83 0.30
N SER B 201 -25.50 -0.57 -0.72
CA SER B 201 -25.71 0.81 -1.15
C SER B 201 -26.46 1.62 -0.09
N THR B 202 -27.10 0.93 0.86
CA THR B 202 -27.70 1.61 2.01
C THR B 202 -26.68 1.73 3.15
N LEU B 203 -25.45 1.28 2.87
CA LEU B 203 -24.35 1.13 3.82
C LEU B 203 -24.69 0.01 4.79
N SER B 204 -25.57 -0.90 4.39
CA SER B 204 -25.74 -2.09 5.20
C SER B 204 -24.40 -2.88 5.27
N ASP B 205 -24.27 -3.72 6.28
CA ASP B 205 -22.99 -4.37 6.55
C ASP B 205 -22.65 -5.41 5.47
N MET B 206 -21.37 -5.74 5.38
CA MET B 206 -20.88 -6.72 4.42
C MET B 206 -21.65 -8.04 4.50
N TYR B 207 -21.99 -8.46 5.72
CA TYR B 207 -22.65 -9.77 5.90
C TYR B 207 -24.07 -9.71 5.36
N SER B 208 -24.77 -8.61 5.58
CA SER B 208 -26.11 -8.50 4.98
C SER B 208 -26.01 -8.55 3.46
N GLY B 209 -24.99 -7.88 2.94
CA GLY B 209 -24.72 -7.85 1.52
C GLY B 209 -24.52 -9.25 0.97
N ILE B 210 -23.78 -10.07 1.70
CA ILE B 210 -23.60 -11.44 1.28
C ILE B 210 -24.91 -12.20 1.37
N THR B 211 -25.71 -11.91 2.40
CA THR B 211 -26.99 -12.57 2.64
C THR B 211 -27.97 -12.37 1.47
N ALA B 212 -28.05 -11.13 1.00
CA ALA B 212 -28.88 -10.79 -0.13
C ALA B 212 -28.34 -11.47 -1.40
N ALA B 213 -27.02 -11.52 -1.58
CA ALA B 213 -26.48 -12.18 -2.77
C ALA B 213 -26.92 -13.63 -2.81
N LEU B 214 -26.90 -14.26 -1.64
CA LEU B 214 -27.31 -15.66 -1.51
C LEU B 214 -28.80 -15.81 -1.79
N ALA B 215 -29.58 -14.81 -1.40
CA ALA B 215 -31.01 -14.84 -1.63
C ALA B 215 -31.29 -14.98 -3.12
N ALA B 216 -30.55 -14.23 -3.93
CA ALA B 216 -30.69 -14.29 -5.39
C ALA B 216 -30.14 -15.56 -5.99
N LEU B 217 -28.99 -15.99 -5.47
CA LEU B 217 -28.33 -17.17 -6.01
C LEU B 217 -29.19 -18.43 -5.81
N LYS B 218 -30.01 -18.45 -4.76
CA LYS B 218 -30.88 -19.59 -4.53
C LYS B 218 -31.84 -19.89 -5.73
N GLY B 219 -32.29 -18.87 -6.46
CA GLY B 219 -33.22 -19.07 -7.56
C GLY B 219 -32.69 -19.92 -8.73
N PRO B 220 -33.57 -20.74 -9.35
CA PRO B 220 -33.18 -21.65 -10.43
C PRO B 220 -32.70 -20.95 -11.72
N LEU B 221 -32.91 -19.64 -11.87
CA LEU B 221 -32.42 -18.91 -13.04
C LEU B 221 -31.01 -18.36 -12.82
N HIS B 222 -30.43 -18.69 -11.67
CA HIS B 222 -29.09 -18.23 -11.30
C HIS B 222 -28.32 -19.40 -10.72
N GLY B 223 -28.86 -20.03 -9.67
CA GLY B 223 -28.26 -21.21 -9.08
C GLY B 223 -28.66 -22.47 -9.85
N GLY B 224 -28.11 -23.63 -9.44
CA GLY B 224 -28.52 -24.92 -9.98
C GLY B 224 -28.02 -25.34 -11.38
N ALA B 225 -27.15 -24.54 -11.99
CA ALA B 225 -26.70 -24.79 -13.35
C ALA B 225 -25.77 -26.01 -13.46
N ALA B 226 -24.87 -26.18 -12.52
CA ALA B 226 -24.02 -27.35 -12.56
C ALA B 226 -24.86 -28.58 -12.34
N GLU B 227 -25.81 -28.46 -11.42
CA GLU B 227 -26.70 -29.57 -11.11
C GLU B 227 -27.60 -29.96 -12.30
N ALA B 228 -28.05 -28.95 -13.04
CA ALA B 228 -28.93 -29.18 -14.18
C ALA B 228 -28.20 -30.00 -15.24
N ALA B 229 -26.92 -29.74 -15.42
CA ALA B 229 -26.15 -30.43 -16.43
C ALA B 229 -25.95 -31.89 -16.02
N ILE B 230 -25.65 -32.10 -14.75
CA ILE B 230 -25.50 -33.45 -14.27
C ILE B 230 -26.80 -34.24 -14.42
N ALA B 231 -27.93 -33.63 -14.04
CA ALA B 231 -29.21 -34.32 -14.18
C ALA B 231 -29.44 -34.70 -15.65
N GLN B 232 -29.00 -33.85 -16.55
CA GLN B 232 -29.14 -34.09 -17.97
C GLN B 232 -28.31 -35.30 -18.41
N PHE B 233 -27.06 -35.43 -17.94
CA PHE B 233 -26.26 -36.61 -18.32
C PHE B 233 -26.92 -37.85 -17.73
N ASP B 234 -27.50 -37.74 -16.54
CA ASP B 234 -28.12 -38.90 -15.90
C ASP B 234 -29.40 -39.37 -16.57
N GLU B 235 -30.19 -38.46 -17.13
CA GLU B 235 -31.37 -38.90 -17.86
C GLU B 235 -30.96 -39.61 -19.14
N ILE B 236 -29.75 -39.33 -19.63
CA ILE B 236 -29.29 -40.02 -20.84
C ILE B 236 -28.85 -41.44 -20.46
N LYS B 237 -28.33 -41.62 -19.25
CA LYS B 237 -28.07 -42.96 -18.69
C LYS B 237 -26.92 -43.72 -19.35
N ASP B 238 -26.99 -43.94 -20.65
CA ASP B 238 -25.89 -44.61 -21.32
C ASP B 238 -25.31 -43.74 -22.42
N PRO B 239 -24.04 -43.95 -22.76
CA PRO B 239 -23.40 -43.16 -23.82
C PRO B 239 -23.90 -43.52 -25.21
N ALA B 240 -24.26 -44.76 -25.43
CA ALA B 240 -24.80 -45.19 -26.68
C ALA B 240 -26.18 -44.59 -26.94
N MET B 241 -26.88 -44.17 -25.89
CA MET B 241 -28.18 -43.54 -25.93
C MET B 241 -28.11 -42.04 -26.24
N VAL B 242 -26.94 -41.44 -26.28
CA VAL B 242 -26.81 -40.02 -26.51
C VAL B 242 -27.47 -39.43 -27.77
N GLU B 243 -27.16 -40.01 -28.92
CA GLU B 243 -27.70 -39.48 -30.17
C GLU B 243 -29.21 -39.47 -30.16
N LYS B 244 -29.79 -40.55 -29.71
CA LYS B 244 -31.23 -40.63 -29.62
C LYS B 244 -31.84 -39.61 -28.65
N TRP B 245 -31.25 -39.50 -27.46
CA TRP B 245 -31.71 -38.56 -26.46
C TRP B 245 -31.62 -37.12 -27.01
N PHE B 246 -30.50 -36.83 -27.68
CA PHE B 246 -30.26 -35.54 -28.32
C PHE B 246 -31.35 -35.25 -29.38
N ASN B 247 -31.68 -36.22 -30.23
CA ASN B 247 -32.78 -35.99 -31.18
C ASN B 247 -34.12 -35.77 -30.43
N ASP B 248 -34.39 -36.63 -29.45
CA ASP B 248 -35.69 -36.63 -28.79
C ASP B 248 -35.93 -35.44 -27.88
N ASN B 249 -34.87 -34.80 -27.38
CA ASN B 249 -35.03 -33.74 -26.40
C ASN B 249 -34.50 -32.36 -26.83
N ILE B 250 -33.47 -32.33 -27.68
CA ILE B 250 -32.84 -31.07 -28.07
C ILE B 250 -33.29 -30.60 -29.47
N ILE B 251 -33.14 -31.44 -30.48
CA ILE B 251 -33.50 -31.07 -31.85
C ILE B 251 -34.96 -30.61 -31.97
N ASN B 252 -35.85 -31.23 -31.19
CA ASN B 252 -37.27 -30.86 -31.19
C ASN B 252 -37.61 -29.67 -30.29
N GLY B 253 -36.64 -29.18 -29.53
CA GLY B 253 -36.81 -28.01 -28.68
C GLY B 253 -37.60 -28.28 -27.41
N LYS B 254 -37.61 -29.53 -26.96
CA LYS B 254 -38.40 -29.91 -25.81
C LYS B 254 -37.76 -29.44 -24.51
N LYS B 255 -36.44 -29.43 -24.47
CA LYS B 255 -35.72 -28.92 -23.30
C LYS B 255 -34.45 -28.31 -23.82
N ARG B 256 -33.84 -27.46 -23.02
CA ARG B 256 -32.63 -26.81 -23.46
C ARG B 256 -31.43 -27.68 -23.15
N LEU B 257 -30.41 -27.58 -23.99
CA LEU B 257 -29.14 -28.25 -23.75
C LEU B 257 -28.43 -27.57 -22.57
N MET B 258 -28.38 -28.23 -21.43
CA MET B 258 -27.83 -27.59 -20.21
C MET B 258 -26.30 -27.49 -20.26
N GLY B 259 -25.76 -26.34 -19.84
CA GLY B 259 -24.30 -26.17 -19.79
C GLY B 259 -23.72 -25.76 -21.14
N PHE B 260 -24.60 -25.41 -22.09
CA PHE B 260 -24.22 -24.87 -23.39
C PHE B 260 -24.70 -23.42 -23.47
N GLY B 261 -24.01 -22.61 -24.25
CA GLY B 261 -24.46 -21.25 -24.52
C GLY B 261 -24.09 -20.30 -23.39
N HIS B 262 -23.91 -19.03 -23.75
CA HIS B 262 -23.54 -18.01 -22.79
C HIS B 262 -23.89 -16.65 -23.35
N ARG B 263 -24.32 -15.76 -22.48
CA ARG B 263 -24.71 -14.41 -22.84
C ARG B 263 -23.51 -13.63 -23.41
N VAL B 264 -22.28 -14.01 -23.02
CA VAL B 264 -21.08 -13.29 -23.46
C VAL B 264 -20.16 -14.11 -24.36
N TYR B 265 -19.81 -15.32 -23.94
CA TYR B 265 -18.91 -16.16 -24.73
C TYR B 265 -19.64 -16.66 -25.96
N LYS B 266 -19.11 -16.31 -27.13
CA LYS B 266 -19.60 -16.87 -28.39
C LYS B 266 -18.60 -17.92 -28.86
N THR B 267 -17.81 -18.40 -27.91
CA THR B 267 -16.83 -19.43 -28.18
C THR B 267 -16.73 -20.31 -26.93
N TYR B 268 -15.82 -21.28 -26.92
CA TYR B 268 -15.68 -22.17 -25.76
C TYR B 268 -15.41 -21.33 -24.51
N ASP B 269 -16.16 -21.55 -23.45
CA ASP B 269 -15.92 -20.88 -22.15
C ASP B 269 -14.55 -21.26 -21.61
N PRO B 270 -13.67 -20.26 -21.35
CA PRO B 270 -12.34 -20.63 -20.85
C PRO B 270 -12.38 -21.45 -19.55
N ARG B 271 -13.39 -21.25 -18.71
CA ARG B 271 -13.52 -22.05 -17.47
C ARG B 271 -13.86 -23.50 -17.81
N ALA B 272 -14.71 -23.70 -18.84
CA ALA B 272 -15.08 -25.04 -19.30
C ALA B 272 -13.87 -25.80 -19.86
N LYS B 273 -13.02 -25.09 -20.60
CA LYS B 273 -11.85 -25.74 -21.17
C LYS B 273 -10.96 -26.34 -20.07
N ILE B 274 -10.75 -25.56 -19.02
CA ILE B 274 -9.97 -26.01 -17.90
C ILE B 274 -10.71 -27.07 -17.12
N PHE B 275 -12.01 -26.85 -16.89
CA PHE B 275 -12.76 -27.84 -16.14
C PHE B 275 -12.77 -29.19 -16.87
N LYS B 276 -12.96 -29.20 -18.20
CA LYS B 276 -13.01 -30.48 -18.95
C LYS B 276 -11.76 -31.34 -18.73
N GLY B 277 -10.60 -30.70 -18.76
CA GLY B 277 -9.36 -31.41 -18.51
C GLY B 277 -9.34 -32.05 -17.12
N ILE B 278 -9.76 -31.29 -16.11
CA ILE B 278 -9.77 -31.83 -14.74
C ILE B 278 -10.80 -32.97 -14.60
N ALA B 279 -11.99 -32.76 -15.19
CA ALA B 279 -13.08 -33.73 -15.16
C ALA B 279 -12.65 -35.07 -15.75
N GLU B 280 -11.92 -35.02 -16.86
CA GLU B 280 -11.45 -36.23 -17.50
C GLU B 280 -10.45 -36.96 -16.58
N LYS B 281 -9.47 -36.23 -16.07
CA LYS B 281 -8.44 -36.83 -15.22
C LYS B 281 -9.02 -37.37 -13.92
N LEU B 282 -9.78 -36.54 -13.21
CA LEU B 282 -10.29 -36.96 -11.90
C LEU B 282 -11.36 -38.04 -11.98
N SER B 283 -12.22 -37.98 -13.01
CA SER B 283 -13.34 -38.92 -13.10
C SER B 283 -12.88 -40.29 -13.53
N SER B 284 -11.73 -40.33 -14.21
CA SER B 284 -11.20 -41.57 -14.80
C SER B 284 -10.90 -42.64 -13.73
N LYS B 285 -10.81 -42.19 -12.48
CA LYS B 285 -10.40 -43.06 -11.40
C LYS B 285 -11.64 -43.54 -10.62
N LYS B 286 -12.81 -43.00 -10.96
CA LYS B 286 -14.09 -43.37 -10.36
C LYS B 286 -15.14 -43.80 -11.38
N PRO B 287 -15.36 -45.12 -11.52
CA PRO B 287 -16.19 -45.70 -12.59
C PRO B 287 -17.59 -45.08 -12.79
N GLU B 288 -18.35 -44.84 -11.75
CA GLU B 288 -19.64 -44.23 -11.95
C GLU B 288 -19.50 -42.80 -12.45
N VAL B 289 -18.49 -42.10 -12.00
CA VAL B 289 -18.32 -40.71 -12.41
C VAL B 289 -17.77 -40.70 -13.82
N HIS B 290 -16.90 -41.64 -14.13
CA HIS B 290 -16.34 -41.75 -15.43
C HIS B 290 -17.45 -41.94 -16.46
N LYS B 291 -18.47 -42.68 -16.06
CA LYS B 291 -19.63 -42.96 -16.88
C LYS B 291 -20.31 -41.65 -17.28
N VAL B 292 -20.42 -40.73 -16.35
CA VAL B 292 -20.98 -39.42 -16.62
C VAL B 292 -20.11 -38.60 -17.55
N TYR B 293 -18.81 -38.66 -17.35
CA TYR B 293 -17.91 -37.91 -18.24
C TYR B 293 -18.04 -38.40 -19.69
N GLU B 294 -18.10 -39.71 -19.87
CA GLU B 294 -18.23 -40.30 -21.18
C GLU B 294 -19.56 -39.89 -21.88
N ILE B 295 -20.64 -39.81 -21.13
CA ILE B 295 -21.88 -39.29 -21.67
C ILE B 295 -21.70 -37.84 -22.09
N ALA B 296 -21.03 -37.09 -21.21
CA ALA B 296 -20.85 -35.66 -21.36
C ALA B 296 -20.08 -35.29 -22.59
N THR B 297 -18.97 -35.99 -22.83
CA THR B 297 -18.12 -35.65 -23.97
C THR B 297 -18.82 -36.06 -25.25
N LYS B 298 -19.53 -37.18 -25.21
CA LYS B 298 -20.24 -37.62 -26.40
C LYS B 298 -21.38 -36.67 -26.75
N LEU B 299 -22.09 -36.19 -25.74
CA LEU B 299 -23.14 -35.22 -26.00
C LEU B 299 -22.53 -33.94 -26.53
N GLU B 300 -21.36 -33.57 -25.99
CA GLU B 300 -20.70 -32.31 -26.32
C GLU B 300 -20.49 -32.17 -27.82
N ASP B 301 -20.07 -33.25 -28.47
CA ASP B 301 -19.82 -33.20 -29.91
C ASP B 301 -21.09 -32.88 -30.69
N PHE B 302 -22.20 -33.46 -30.26
CA PHE B 302 -23.47 -33.24 -30.95
C PHE B 302 -23.89 -31.79 -30.80
N GLY B 303 -23.65 -31.25 -29.62
CA GLY B 303 -24.05 -29.89 -29.33
C GLY B 303 -23.26 -28.94 -30.20
N ILE B 304 -21.96 -29.20 -30.32
CA ILE B 304 -21.10 -28.32 -31.06
C ILE B 304 -21.39 -28.34 -32.57
N LYS B 305 -21.64 -29.52 -33.15
CA LYS B 305 -21.97 -29.59 -34.57
C LYS B 305 -23.30 -28.89 -34.87
N ALA B 306 -24.24 -29.00 -33.93
CA ALA B 306 -25.56 -28.43 -34.12
C ALA B 306 -25.60 -26.92 -33.88
N PHE B 307 -24.93 -26.46 -32.82
CA PHE B 307 -25.10 -25.08 -32.36
C PHE B 307 -23.84 -24.21 -32.41
N GLY B 308 -22.70 -24.81 -32.74
CA GLY B 308 -21.43 -24.10 -32.75
C GLY B 308 -21.42 -22.87 -33.66
N SER B 309 -22.15 -22.94 -34.77
CA SER B 309 -22.17 -21.86 -35.75
C SER B 309 -22.94 -20.64 -35.21
N LYS B 310 -23.80 -20.83 -34.22
CA LYS B 310 -24.48 -19.67 -33.66
C LYS B 310 -23.73 -19.17 -32.41
N GLY B 311 -22.47 -19.59 -32.26
CA GLY B 311 -21.68 -19.17 -31.11
C GLY B 311 -22.08 -19.79 -29.78
N ILE B 312 -22.77 -20.93 -29.85
CA ILE B 312 -23.22 -21.62 -28.66
C ILE B 312 -22.34 -22.84 -28.39
N TYR B 313 -21.55 -22.71 -27.32
CA TYR B 313 -20.57 -23.72 -26.94
C TYR B 313 -20.74 -24.09 -25.46
N PRO B 314 -20.07 -25.18 -25.02
CA PRO B 314 -20.07 -25.53 -23.60
C PRO B 314 -19.59 -24.39 -22.71
N ASN B 315 -20.33 -24.14 -21.63
CA ASN B 315 -19.92 -23.16 -20.67
C ASN B 315 -19.40 -23.85 -19.40
N THR B 316 -19.05 -23.03 -18.42
CA THR B 316 -18.38 -23.49 -17.20
C THR B 316 -19.17 -24.56 -16.46
N ASP B 317 -20.48 -24.56 -16.61
CA ASP B 317 -21.25 -25.49 -15.80
C ASP B 317 -21.46 -26.84 -16.48
N TYR B 318 -20.86 -27.03 -17.64
CA TYR B 318 -21.00 -28.28 -18.36
C TYR B 318 -20.16 -29.40 -17.73
N PHE B 319 -18.97 -29.06 -17.23
CA PHE B 319 -18.07 -30.06 -16.64
C PHE B 319 -17.83 -29.84 -15.14
N SER B 320 -18.26 -28.70 -14.61
CA SER B 320 -17.97 -28.37 -13.23
C SER B 320 -18.53 -29.42 -12.27
N GLY B 321 -19.74 -29.88 -12.55
CA GLY B 321 -20.38 -30.88 -11.72
C GLY B 321 -19.57 -32.16 -11.65
N ILE B 322 -19.02 -32.58 -12.78
CA ILE B 322 -18.21 -33.79 -12.81
C ILE B 322 -16.95 -33.63 -11.95
N VAL B 323 -16.36 -32.44 -11.96
CA VAL B 323 -15.20 -32.19 -11.12
C VAL B 323 -15.57 -32.32 -9.64
N TYR B 324 -16.67 -31.67 -9.26
CA TYR B 324 -17.15 -31.72 -7.90
C TYR B 324 -17.48 -33.14 -7.49
N MET B 325 -18.11 -33.89 -8.39
CA MET B 325 -18.50 -35.26 -8.06
C MET B 325 -17.27 -36.15 -7.86
N SER B 326 -16.26 -35.94 -8.71
CA SER B 326 -15.02 -36.67 -8.62
C SER B 326 -14.26 -36.33 -7.32
N ILE B 327 -14.29 -35.06 -6.91
CA ILE B 327 -13.75 -34.67 -5.63
C ILE B 327 -14.52 -35.41 -4.53
N GLY B 328 -15.83 -35.51 -4.66
CA GLY B 328 -16.61 -36.28 -3.70
C GLY B 328 -17.94 -35.68 -3.27
N PHE B 329 -18.31 -34.55 -3.89
CA PHE B 329 -19.53 -33.88 -3.55
C PHE B 329 -20.73 -34.41 -4.37
N PRO B 330 -21.85 -34.70 -3.68
CA PRO B 330 -23.02 -35.31 -4.33
C PRO B 330 -23.92 -34.28 -5.04
N LEU B 331 -24.88 -34.81 -5.80
CA LEU B 331 -25.78 -34.00 -6.59
C LEU B 331 -26.83 -33.29 -5.71
N ARG B 332 -27.28 -33.97 -4.67
CA ARG B 332 -28.35 -33.52 -3.80
C ARG B 332 -28.17 -32.12 -3.15
N ASN B 333 -29.31 -31.47 -2.89
CA ASN B 333 -29.43 -30.22 -2.14
C ASN B 333 -28.72 -29.03 -2.82
N ASN B 334 -28.41 -29.15 -4.12
CA ASN B 334 -27.70 -28.09 -4.83
C ASN B 334 -26.40 -27.70 -4.12
N ILE B 335 -25.67 -28.72 -3.68
CA ILE B 335 -24.41 -28.47 -3.02
C ILE B 335 -23.42 -27.73 -3.92
N TYR B 336 -23.48 -28.01 -5.23
CA TYR B 336 -22.59 -27.37 -6.17
C TYR B 336 -22.83 -25.86 -6.21
N THR B 337 -24.06 -25.43 -6.04
CA THR B 337 -24.36 -23.99 -6.01
C THR B 337 -23.79 -23.35 -4.73
N ALA B 338 -23.79 -24.13 -3.64
CA ALA B 338 -23.16 -23.69 -2.40
C ALA B 338 -21.66 -23.58 -2.62
N LEU B 339 -21.09 -24.52 -3.38
CA LEU B 339 -19.65 -24.46 -3.68
C LEU B 339 -19.36 -23.23 -4.55
N PHE B 340 -20.30 -22.86 -5.40
CA PHE B 340 -20.19 -21.65 -6.21
C PHE B 340 -20.14 -20.42 -5.31
N ALA B 341 -21.05 -20.40 -4.35
CA ALA B 341 -21.14 -19.31 -3.39
C ALA B 341 -19.84 -19.20 -2.56
N LEU B 342 -19.24 -20.33 -2.24
CA LEU B 342 -17.99 -20.39 -1.52
C LEU B 342 -16.91 -19.60 -2.31
N SER B 343 -16.85 -19.84 -3.62
CA SER B 343 -15.87 -19.15 -4.45
C SER B 343 -16.22 -17.70 -4.64
N ARG B 344 -17.49 -17.47 -4.97
CA ARG B 344 -17.99 -16.17 -5.42
C ARG B 344 -17.98 -15.14 -4.27
N VAL B 345 -17.93 -15.61 -3.02
CA VAL B 345 -17.93 -14.73 -1.85
C VAL B 345 -16.76 -13.74 -1.91
N THR B 346 -15.67 -14.13 -2.55
CA THR B 346 -14.57 -13.22 -2.84
C THR B 346 -14.97 -12.10 -3.80
N GLY B 347 -15.54 -12.45 -4.96
CA GLY B 347 -16.00 -11.43 -5.91
C GLY B 347 -17.05 -10.48 -5.36
N TRP B 348 -18.02 -11.02 -4.63
CA TRP B 348 -19.06 -10.23 -4.01
C TRP B 348 -18.45 -9.15 -3.13
N GLN B 349 -17.65 -9.59 -2.16
CA GLN B 349 -17.10 -8.65 -1.19
C GLN B 349 -16.21 -7.63 -1.89
N ALA B 350 -15.42 -8.11 -2.87
CA ALA B 350 -14.57 -7.22 -3.64
C ALA B 350 -15.42 -6.17 -4.37
N HIS B 351 -16.54 -6.57 -4.98
CA HIS B 351 -17.44 -5.60 -5.62
C HIS B 351 -18.11 -4.65 -4.60
N PHE B 352 -18.55 -5.18 -3.47
CA PHE B 352 -19.16 -4.33 -2.44
C PHE B 352 -18.17 -3.25 -1.96
N ILE B 353 -16.92 -3.64 -1.70
CA ILE B 353 -15.91 -2.70 -1.24
C ILE B 353 -15.63 -1.60 -2.27
N GLU B 354 -15.46 -2.03 -3.50
CA GLU B 354 -15.22 -1.14 -4.64
C GLU B 354 -16.33 -0.10 -4.72
N TYR B 355 -17.56 -0.54 -4.52
CA TYR B 355 -18.74 0.32 -4.63
C TYR B 355 -18.87 1.30 -3.46
N VAL B 356 -18.95 0.78 -2.24
CA VAL B 356 -19.12 1.63 -1.05
C VAL B 356 -17.94 2.59 -0.84
N GLU B 357 -16.71 2.13 -1.07
CA GLU B 357 -15.56 3.00 -0.81
C GLU B 357 -15.39 4.11 -1.84
N GLU B 358 -15.67 3.80 -3.10
CA GLU B 358 -15.27 4.71 -4.16
C GLU B 358 -16.38 5.22 -5.09
N GLN B 359 -17.59 4.67 -4.96
CA GLN B 359 -18.65 5.11 -5.83
C GLN B 359 -20.01 5.02 -5.17
N GLN B 360 -20.01 5.26 -3.86
CA GLN B 360 -21.19 5.11 -3.05
C GLN B 360 -22.33 5.96 -3.58
N ARG B 361 -23.45 5.30 -3.80
CA ARG B 361 -24.68 5.96 -4.14
C ARG B 361 -25.84 5.02 -3.75
N LEU B 362 -26.79 5.54 -3.00
CA LEU B 362 -27.97 4.79 -2.63
C LEU B 362 -28.73 4.32 -3.89
N ILE B 363 -28.96 3.01 -4.01
CA ILE B 363 -29.67 2.48 -5.18
C ILE B 363 -31.19 2.53 -4.97
N ARG B 364 -31.88 3.30 -5.81
CA ARG B 364 -33.31 3.53 -5.62
C ARG B 364 -33.98 3.81 -6.94
N PRO B 365 -34.28 2.75 -7.70
CA PRO B 365 -34.90 2.90 -9.03
C PRO B 365 -36.36 3.30 -8.96
N ARG B 366 -37.01 3.36 -10.11
CA ARG B 366 -38.40 3.81 -10.24
C ARG B 366 -39.33 2.70 -10.77
N ALA B 367 -40.62 2.85 -10.52
CA ALA B 367 -41.64 1.98 -11.12
C ALA B 367 -42.66 2.84 -11.86
N VAL B 368 -43.07 2.39 -13.05
CA VAL B 368 -44.10 3.09 -13.80
C VAL B 368 -45.47 2.68 -13.28
N TYR B 369 -46.31 3.67 -12.92
CA TYR B 369 -47.66 3.37 -12.44
C TYR B 369 -48.63 3.07 -13.62
N VAL B 370 -49.26 1.91 -13.58
CA VAL B 370 -50.24 1.51 -14.58
C VAL B 370 -51.49 0.95 -13.89
N GLY B 371 -51.72 1.38 -12.66
CA GLY B 371 -52.85 0.89 -11.88
C GLY B 371 -54.03 1.83 -12.03
N PRO B 372 -55.04 1.65 -11.17
CA PRO B 372 -56.30 2.38 -11.15
C PRO B 372 -56.09 3.89 -10.98
N ALA B 373 -56.95 4.66 -11.63
CA ALA B 373 -57.01 6.10 -11.39
C ALA B 373 -57.56 6.38 -9.99
N GLU B 374 -57.52 7.66 -9.61
CA GLU B 374 -58.05 8.10 -8.33
C GLU B 374 -59.48 7.58 -8.07
N ARG B 375 -59.74 7.12 -6.86
CA ARG B 375 -61.10 6.79 -6.45
C ARG B 375 -61.35 7.07 -4.98
N LYS B 376 -62.60 7.39 -4.65
CA LYS B 376 -62.97 7.67 -3.27
C LYS B 376 -63.02 6.39 -2.47
N TYR B 377 -62.56 6.47 -1.23
CA TYR B 377 -62.58 5.31 -0.37
C TYR B 377 -64.02 4.97 -0.05
N VAL B 378 -64.38 3.69 -0.19
CA VAL B 378 -65.73 3.23 0.15
C VAL B 378 -65.67 2.35 1.42
N PRO B 379 -66.34 2.79 2.51
CA PRO B 379 -66.46 2.00 3.75
C PRO B 379 -67.02 0.59 3.49
N ILE B 380 -66.52 -0.40 4.22
CA ILE B 380 -66.79 -1.80 3.89
C ILE B 380 -68.28 -2.20 3.87
N ALA B 381 -69.11 -1.50 4.65
CA ALA B 381 -70.54 -1.81 4.67
C ALA B 381 -71.21 -1.73 3.28
N GLU B 382 -70.67 -0.87 2.42
CA GLU B 382 -71.31 -0.60 1.14
C GLU B 382 -70.60 -1.18 -0.08
N ARG B 383 -69.90 -2.31 0.12
CA ARG B 383 -69.17 -2.94 -0.98
C ARG B 383 -69.93 -4.16 -1.52
N LYS B 384 -70.24 -4.14 -2.81
CA LYS B 384 -71.12 -5.14 -3.44
C LYS B 384 -72.43 -5.29 -2.67
N GLU C 4 32.79 15.08 -26.93
CA GLU C 4 33.89 15.63 -26.15
C GLU C 4 33.44 16.77 -25.23
N GLU C 5 32.13 17.05 -25.19
CA GLU C 5 31.62 18.10 -24.32
C GLU C 5 31.45 17.62 -22.89
N ILE C 6 31.89 18.45 -21.97
CA ILE C 6 31.75 18.18 -20.56
C ILE C 6 30.43 18.73 -20.00
N SER C 7 29.68 17.90 -19.28
CA SER C 7 28.49 18.36 -18.59
C SER C 7 28.89 19.00 -17.27
N LYS C 8 29.34 20.25 -17.37
CA LYS C 8 29.88 20.94 -16.21
C LYS C 8 28.90 20.99 -15.06
N GLY C 9 29.33 20.45 -13.92
CA GLY C 9 28.50 20.37 -12.74
C GLY C 9 27.32 19.45 -12.88
N LEU C 10 27.25 18.68 -13.97
CA LEU C 10 26.08 17.86 -14.23
C LEU C 10 24.79 18.69 -14.24
N GLU C 11 24.92 19.98 -14.53
CA GLU C 11 23.81 20.93 -14.36
C GLU C 11 22.55 20.66 -15.19
N ASP C 12 22.70 20.06 -16.36
CA ASP C 12 21.53 19.80 -17.18
C ASP C 12 21.24 18.31 -17.32
N VAL C 13 21.82 17.53 -16.42
CA VAL C 13 21.67 16.10 -16.44
C VAL C 13 20.62 15.63 -15.43
N ASN C 14 19.69 14.82 -15.92
CA ASN C 14 18.75 14.16 -15.07
C ASN C 14 19.38 12.88 -14.58
N ILE C 15 19.62 12.78 -13.29
CA ILE C 15 20.29 11.62 -12.76
C ILE C 15 19.28 10.54 -12.37
N LYS C 16 18.04 10.96 -12.14
CA LYS C 16 16.95 10.05 -11.74
C LYS C 16 15.60 10.73 -11.91
N TRP C 17 14.52 9.95 -11.77
CA TRP C 17 13.20 10.54 -11.58
C TRP C 17 12.84 10.42 -10.10
N THR C 18 11.95 11.28 -9.63
CA THR C 18 11.48 11.17 -8.26
C THR C 18 9.99 11.52 -8.13
N ARG C 19 9.34 10.92 -7.13
CA ARG C 19 7.97 11.24 -6.74
C ARG C 19 7.92 12.15 -5.48
N LEU C 20 9.08 12.47 -4.91
CA LEU C 20 9.15 12.98 -3.53
C LEU C 20 8.89 14.46 -3.38
N THR C 21 9.53 15.25 -4.24
CA THR C 21 9.60 16.68 -4.06
C THR C 21 9.51 17.39 -5.40
N THR C 22 8.79 18.52 -5.44
CA THR C 22 8.86 19.38 -6.62
C THR C 22 8.71 20.85 -6.21
N ILE C 23 9.34 21.72 -6.98
CA ILE C 23 9.38 23.13 -6.67
C ILE C 23 8.83 23.94 -7.82
N ASP C 24 7.97 24.89 -7.49
CA ASP C 24 7.59 25.95 -8.40
C ASP C 24 8.36 27.26 -8.03
N GLY C 25 9.39 27.55 -8.83
CA GLY C 25 10.28 28.69 -8.59
C GLY C 25 9.68 30.05 -8.91
N ASN C 26 8.61 30.07 -9.71
CA ASN C 26 7.98 31.34 -10.07
C ASN C 26 6.93 31.75 -9.07
N LYS C 27 6.14 30.79 -8.60
CA LYS C 27 5.18 31.08 -7.53
C LYS C 27 5.87 30.94 -6.18
N GLY C 28 7.01 30.29 -6.15
CA GLY C 28 7.69 30.11 -4.89
C GLY C 28 6.92 29.16 -4.01
N ILE C 29 6.68 27.97 -4.54
CA ILE C 29 5.98 26.90 -3.86
C ILE C 29 6.81 25.63 -3.75
N LEU C 30 6.91 25.09 -2.55
CA LEU C 30 7.60 23.83 -2.38
C LEU C 30 6.63 22.71 -2.00
N ARG C 31 6.70 21.60 -2.70
CA ARG C 31 5.82 20.49 -2.47
C ARG C 31 6.41 19.13 -2.10
N TYR C 32 5.91 18.55 -1.03
CA TYR C 32 6.29 17.19 -0.65
C TYR C 32 5.14 16.27 -0.99
N GLY C 33 5.34 15.39 -1.98
CA GLY C 33 4.29 14.48 -2.39
C GLY C 33 2.99 15.19 -2.75
N GLY C 34 3.13 16.34 -3.38
CA GLY C 34 1.98 17.11 -3.83
C GLY C 34 1.51 18.17 -2.84
N TYR C 35 1.95 18.09 -1.59
CA TYR C 35 1.51 18.97 -0.51
C TYR C 35 2.48 20.13 -0.31
N SER C 36 1.95 21.35 -0.35
CA SER C 36 2.76 22.54 -0.13
C SER C 36 3.18 22.66 1.33
N VAL C 37 4.45 23.00 1.58
CA VAL C 37 4.97 23.11 2.94
C VAL C 37 4.22 24.20 3.71
N GLU C 38 3.75 25.23 3.00
CA GLU C 38 3.01 26.28 3.67
C GLU C 38 1.75 25.71 4.32
N ASP C 39 1.08 24.80 3.62
CA ASP C 39 -0.11 24.18 4.16
C ASP C 39 0.24 23.19 5.25
N ILE C 40 1.33 22.45 5.03
CA ILE C 40 1.81 21.49 6.01
C ILE C 40 2.09 22.18 7.37
N ILE C 41 2.79 23.31 7.35
CA ILE C 41 3.11 24.04 8.57
C ILE C 41 1.90 24.78 9.17
N ALA C 42 1.05 25.36 8.30
CA ALA C 42 -0.13 26.06 8.78
C ALA C 42 -1.09 25.10 9.47
N SER C 43 -1.06 23.83 9.05
CA SER C 43 -1.94 22.80 9.57
C SER C 43 -1.35 22.07 10.77
N GLY C 44 -0.12 22.38 11.15
CA GLY C 44 0.46 21.83 12.35
C GLY C 44 0.91 20.38 12.32
N ALA C 45 1.35 19.91 11.17
CA ALA C 45 1.87 18.55 11.02
C ALA C 45 3.09 18.27 11.91
N GLN C 46 3.20 17.06 12.42
CA GLN C 46 4.38 16.63 13.15
C GLN C 46 5.41 16.18 12.11
N ASP C 47 6.69 16.36 12.36
CA ASP C 47 7.72 15.99 11.42
C ASP C 47 7.67 14.50 11.12
N GLU C 48 7.23 13.69 12.09
CA GLU C 48 7.10 12.24 11.88
C GLU C 48 6.14 11.89 10.71
N GLU C 49 5.10 12.69 10.56
CA GLU C 49 4.15 12.49 9.49
C GLU C 49 4.83 12.74 8.16
N ILE C 50 5.69 13.75 8.12
CA ILE C 50 6.39 14.11 6.89
C ILE C 50 7.47 13.08 6.58
N GLN C 51 8.12 12.57 7.62
CA GLN C 51 9.03 11.44 7.43
C GLN C 51 8.31 10.26 6.79
N TYR C 52 7.13 9.96 7.32
CA TYR C 52 6.32 8.86 6.82
C TYR C 52 5.94 9.14 5.37
N LEU C 53 5.53 10.36 5.09
CA LEU C 53 5.14 10.75 3.72
C LEU C 53 6.27 10.45 2.74
N PHE C 54 7.50 10.76 3.14
CA PHE C 54 8.66 10.55 2.27
C PHE C 54 8.98 9.07 2.07
N LEU C 55 8.77 8.27 3.09
CA LEU C 55 9.19 6.86 3.03
C LEU C 55 8.13 5.97 2.43
N TYR C 56 6.86 6.36 2.55
CA TYR C 56 5.72 5.49 2.17
C TYR C 56 4.89 6.05 1.02
N GLY C 57 4.98 7.36 0.79
CA GLY C 57 4.31 7.95 -0.34
C GLY C 57 2.95 8.54 -0.03
N ASN C 58 2.47 8.32 1.20
CA ASN C 58 1.24 8.95 1.64
C ASN C 58 1.28 9.32 3.12
N LEU C 59 0.37 10.19 3.51
CA LEU C 59 0.26 10.59 4.89
C LEU C 59 -0.20 9.38 5.68
N PRO C 60 0.29 9.23 6.89
CA PRO C 60 -0.08 8.06 7.71
C PRO C 60 -1.44 8.16 8.32
N THR C 61 -2.09 7.02 8.54
CA THR C 61 -3.24 6.93 9.44
C THR C 61 -2.70 7.06 10.87
N GLU C 62 -3.61 7.21 11.84
CA GLU C 62 -3.23 7.22 13.26
C GLU C 62 -2.41 5.98 13.65
N GLN C 63 -2.91 4.82 13.24
CA GLN C 63 -2.27 3.54 13.53
C GLN C 63 -0.92 3.42 12.83
N GLU C 64 -0.86 3.86 11.57
CA GLU C 64 0.40 3.83 10.84
C GLU C 64 1.43 4.73 11.51
N LEU C 65 1.02 5.93 11.89
CA LEU C 65 1.94 6.87 12.52
C LEU C 65 2.44 6.33 13.86
N ARG C 66 1.55 5.74 14.66
CA ARG C 66 1.98 5.19 15.95
C ARG C 66 3.03 4.08 15.79
N LYS C 67 2.80 3.19 14.82
CA LYS C 67 3.77 2.13 14.55
C LYS C 67 5.06 2.73 14.06
N TYR C 68 4.92 3.71 13.19
CA TYR C 68 6.08 4.35 12.62
C TYR C 68 6.94 4.99 13.72
N LYS C 69 6.32 5.73 14.63
CA LYS C 69 7.09 6.37 15.72
C LYS C 69 7.86 5.34 16.54
N GLU C 70 7.25 4.19 16.79
CA GLU C 70 7.87 3.11 17.55
C GLU C 70 9.18 2.68 16.87
N THR C 71 9.10 2.52 15.56
CA THR C 71 10.27 2.13 14.76
C THR C 71 11.33 3.23 14.79
N VAL C 72 10.93 4.50 14.69
CA VAL C 72 11.92 5.58 14.77
C VAL C 72 12.63 5.58 16.13
N GLN C 73 11.88 5.34 17.19
CA GLN C 73 12.44 5.42 18.55
C GLN C 73 13.44 4.30 18.85
N LYS C 74 13.37 3.22 18.06
CA LYS C 74 14.37 2.17 18.17
C LYS C 74 15.74 2.76 17.87
N GLY C 75 15.76 3.78 17.01
CA GLY C 75 17.00 4.42 16.60
C GLY C 75 17.67 5.26 17.68
N TYR C 76 16.92 5.54 18.75
CA TYR C 76 17.43 6.35 19.85
C TYR C 76 18.54 5.64 20.61
N LYS C 77 18.59 4.32 20.49
CA LYS C 77 19.69 3.56 21.09
C LYS C 77 20.73 3.17 20.06
N ILE C 78 21.92 3.74 20.23
CA ILE C 78 23.09 3.42 19.40
C ILE C 78 24.24 2.94 20.31
N PRO C 79 25.15 2.13 19.76
CA PRO C 79 26.26 1.59 20.56
C PRO C 79 27.24 2.67 21.04
N ASP C 80 27.94 2.37 22.14
CA ASP C 80 28.86 3.31 22.73
C ASP C 80 29.97 3.72 21.79
N PHE C 81 30.39 2.81 20.91
CA PHE C 81 31.50 3.11 20.00
C PHE C 81 31.06 4.13 18.95
N VAL C 82 29.76 4.20 18.67
CA VAL C 82 29.29 5.21 17.71
C VAL C 82 29.40 6.57 18.36
N ILE C 83 28.99 6.63 19.63
CA ILE C 83 29.16 7.82 20.44
C ILE C 83 30.65 8.18 20.60
N ASN C 84 31.50 7.18 20.80
CA ASN C 84 32.93 7.42 20.97
C ASN C 84 33.63 7.84 19.67
N ALA C 85 33.07 7.40 18.52
CA ALA C 85 33.57 7.84 17.23
C ALA C 85 33.42 9.36 17.13
N ILE C 86 32.48 9.92 17.88
CA ILE C 86 32.31 11.35 17.98
C ILE C 86 33.26 11.96 19.03
N ARG C 87 33.18 11.44 20.25
CA ARG C 87 33.80 12.12 21.39
C ARG C 87 35.31 11.99 21.40
N GLN C 88 35.86 11.05 20.68
CA GLN C 88 37.30 10.91 20.58
C GLN C 88 37.92 11.90 19.60
N LEU C 89 37.10 12.65 18.93
CA LEU C 89 37.54 13.62 17.94
C LEU C 89 37.90 14.97 18.60
N PRO C 90 38.82 15.74 17.97
CA PRO C 90 39.10 17.11 18.42
C PRO C 90 37.84 17.96 18.44
N ARG C 91 37.66 18.68 19.54
CA ARG C 91 36.46 19.45 19.76
C ARG C 91 36.22 20.53 18.71
N GLU C 92 37.29 20.92 18.01
CA GLU C 92 37.23 21.96 16.98
C GLU C 92 36.66 21.43 15.65
N SER C 93 36.44 20.11 15.56
CA SER C 93 35.95 19.51 14.33
C SER C 93 34.59 20.06 13.97
N ASP C 94 34.37 20.24 12.67
CA ASP C 94 33.06 20.57 12.15
C ASP C 94 32.01 19.58 12.64
N ALA C 95 30.84 20.10 13.04
CA ALA C 95 29.75 19.27 13.55
C ALA C 95 29.33 18.19 12.52
N VAL C 96 29.29 18.58 11.24
CA VAL C 96 28.88 17.64 10.19
C VAL C 96 29.94 16.55 9.99
N ALA C 97 31.21 16.89 10.19
CA ALA C 97 32.30 15.91 10.13
C ALA C 97 32.18 14.90 11.25
N MET C 98 31.77 15.36 12.43
CA MET C 98 31.56 14.46 13.57
C MET C 98 30.46 13.45 13.22
N GLN C 99 29.35 13.94 12.62
CA GLN C 99 28.25 13.08 12.14
C GLN C 99 28.79 12.05 11.14
N MET C 100 29.62 12.50 10.21
CA MET C 100 30.18 11.62 9.23
C MET C 100 31.03 10.49 9.87
N ALA C 101 31.89 10.85 10.83
CA ALA C 101 32.74 9.84 11.46
C ALA C 101 31.88 8.87 12.23
N ALA C 102 30.78 9.38 12.77
CA ALA C 102 29.83 8.55 13.52
C ALA C 102 29.06 7.59 12.58
N VAL C 103 28.53 8.10 11.50
CA VAL C 103 27.76 7.27 10.57
C VAL C 103 28.70 6.26 9.91
N ALA C 104 29.95 6.66 9.67
CA ALA C 104 30.92 5.78 9.04
C ALA C 104 31.21 4.58 9.91
N ALA C 105 31.35 4.81 11.22
CA ALA C 105 31.52 3.74 12.20
C ALA C 105 30.31 2.80 12.19
N MET C 106 29.13 3.39 12.10
CA MET C 106 27.90 2.63 12.06
C MET C 106 27.84 1.75 10.81
N ALA C 107 28.21 2.36 9.68
CA ALA C 107 28.23 1.64 8.41
C ALA C 107 29.11 0.41 8.50
N ALA C 108 30.23 0.52 9.20
CA ALA C 108 31.12 -0.63 9.28
C ALA C 108 30.49 -1.78 10.03
N SER C 109 29.75 -1.46 11.10
CA SER C 109 29.19 -2.47 12.00
C SER C 109 27.92 -3.16 11.47
N GLU C 110 27.20 -2.49 10.56
CA GLU C 110 25.94 -3.04 10.05
C GLU C 110 26.19 -4.05 8.92
N THR C 111 26.85 -5.14 9.27
CA THR C 111 27.34 -6.11 8.29
C THR C 111 26.23 -6.95 7.64
N LYS C 112 25.04 -6.92 8.23
CA LYS C 112 23.94 -7.70 7.71
C LYS C 112 22.88 -6.85 7.01
N PHE C 113 23.21 -5.61 6.68
CA PHE C 113 22.31 -4.81 5.84
C PHE C 113 22.18 -5.41 4.43
N LYS C 114 20.95 -5.44 3.91
CA LYS C 114 20.67 -5.80 2.52
C LYS C 114 19.54 -4.92 1.99
N TRP C 115 19.69 -4.50 0.74
CA TRP C 115 18.62 -3.81 0.05
C TRP C 115 17.46 -4.78 -0.12
N ASN C 116 16.33 -4.41 0.43
CA ASN C 116 15.15 -5.27 0.44
C ASN C 116 13.89 -4.44 0.62
N LYS C 117 13.00 -4.53 -0.37
CA LYS C 117 11.78 -3.75 -0.40
C LYS C 117 10.94 -3.95 0.86
N ASP C 118 11.05 -5.13 1.48
CA ASP C 118 10.31 -5.43 2.71
C ASP C 118 10.91 -4.71 3.95
N THR C 119 12.17 -4.27 3.91
CA THR C 119 12.83 -3.76 5.12
C THR C 119 13.50 -2.39 4.98
N ASP C 120 13.62 -1.89 3.76
CA ASP C 120 14.34 -0.63 3.57
C ASP C 120 13.75 0.50 4.40
N ARG C 121 12.42 0.57 4.47
CA ARG C 121 11.77 1.69 5.15
C ARG C 121 11.92 1.57 6.68
N ASP C 122 11.87 0.35 7.20
CA ASP C 122 12.12 0.15 8.62
C ASP C 122 13.57 0.50 8.97
N VAL C 123 14.49 0.10 8.12
CA VAL C 123 15.90 0.47 8.32
C VAL C 123 16.04 2.01 8.29
N ALA C 124 15.46 2.67 7.28
CA ALA C 124 15.50 4.14 7.18
C ALA C 124 14.83 4.82 8.37
N ALA C 125 13.69 4.29 8.78
CA ALA C 125 12.94 4.83 9.92
C ALA C 125 13.78 4.83 11.20
N GLU C 126 14.37 3.67 11.50
CA GLU C 126 15.24 3.58 12.66
C GLU C 126 16.47 4.47 12.50
N MET C 127 17.03 4.54 11.30
CA MET C 127 18.20 5.40 11.06
C MET C 127 17.90 6.87 11.29
N ILE C 128 16.69 7.30 10.98
CA ILE C 128 16.25 8.67 11.27
C ILE C 128 16.31 8.94 12.78
N GLY C 129 15.99 7.91 13.55
CA GLY C 129 16.10 7.98 14.99
C GLY C 129 17.56 8.02 15.42
N ARG C 130 18.42 7.28 14.72
CA ARG C 130 19.84 7.28 15.04
C ARG C 130 20.48 8.64 14.75
N MET C 131 20.02 9.30 13.70
CA MET C 131 20.58 10.60 13.37
C MET C 131 20.35 11.59 14.50
N SER C 132 19.19 11.49 15.14
CA SER C 132 18.87 12.29 16.31
C SER C 132 19.82 11.98 17.46
N ALA C 133 20.03 10.68 17.68
CA ALA C 133 20.96 10.24 18.70
C ALA C 133 22.35 10.74 18.44
N ILE C 134 22.81 10.60 17.21
CA ILE C 134 24.15 11.05 16.84
C ILE C 134 24.30 12.56 17.00
N THR C 135 23.30 13.27 16.50
CA THR C 135 23.38 14.72 16.47
C THR C 135 23.39 15.32 17.88
N VAL C 136 22.62 14.71 18.76
CA VAL C 136 22.58 15.08 20.16
C VAL C 136 23.98 14.98 20.73
N ASN C 137 24.70 13.91 20.38
CA ASN C 137 26.00 13.70 20.97
C ASN C 137 27.10 14.52 20.29
N VAL C 138 26.93 14.85 19.02
CA VAL C 138 27.81 15.79 18.36
C VAL C 138 27.71 17.13 19.10
N TYR C 139 26.47 17.56 19.35
CA TYR C 139 26.22 18.83 20.03
C TYR C 139 26.83 18.81 21.44
N ARG C 140 26.60 17.73 22.17
CA ARG C 140 27.09 17.59 23.52
C ARG C 140 28.62 17.66 23.50
N HIS C 141 29.22 16.97 22.53
CA HIS C 141 30.68 16.95 22.43
C HIS C 141 31.24 18.35 22.14
N ILE C 142 30.64 19.04 21.19
CA ILE C 142 31.07 20.37 20.88
C ILE C 142 30.99 21.27 22.14
N MET C 143 29.99 21.04 22.98
CA MET C 143 29.78 21.89 24.16
C MET C 143 30.47 21.37 25.42
N ASN C 144 31.27 20.32 25.29
CA ASN C 144 31.95 19.77 26.45
C ASN C 144 30.97 19.36 27.56
N MET C 145 29.85 18.76 27.16
CA MET C 145 28.88 18.20 28.09
C MET C 145 28.93 16.68 28.01
N PRO C 146 28.41 15.99 29.04
CA PRO C 146 28.34 14.52 29.01
C PRO C 146 27.49 13.98 27.88
N ALA C 147 27.75 12.75 27.46
CA ALA C 147 26.96 12.09 26.44
C ALA C 147 25.51 11.98 26.94
N GLU C 148 24.58 11.93 26.00
CA GLU C 148 23.17 11.73 26.31
C GLU C 148 22.49 11.16 25.07
N LEU C 149 21.43 10.39 25.29
CA LEU C 149 20.65 9.81 24.19
C LEU C 149 19.23 10.36 24.26
N PRO C 150 18.57 10.53 23.09
CA PRO C 150 17.17 10.97 23.09
C PRO C 150 16.29 9.89 23.72
N LYS C 151 15.21 10.30 24.40
CA LYS C 151 14.24 9.34 24.93
C LYS C 151 12.84 9.56 24.31
N PRO C 152 12.03 8.49 24.26
CA PRO C 152 10.70 8.61 23.65
C PRO C 152 9.88 9.71 24.30
N SER C 153 9.15 10.46 23.48
CA SER C 153 8.26 11.50 23.97
C SER C 153 7.12 11.66 22.98
N ASP C 154 6.32 12.70 23.16
CA ASP C 154 5.19 12.93 22.28
C ASP C 154 5.67 13.33 20.87
N SER C 155 6.86 13.90 20.74
CA SER C 155 7.35 14.28 19.40
C SER C 155 8.84 13.99 19.20
N TYR C 156 9.19 13.59 17.99
CA TYR C 156 10.60 13.45 17.61
C TYR C 156 11.41 14.73 17.91
N ALA C 157 10.84 15.89 17.62
CA ALA C 157 11.48 17.18 17.91
C ALA C 157 11.75 17.39 19.41
N GLU C 158 10.77 17.08 20.26
CA GLU C 158 10.97 17.23 21.69
C GLU C 158 12.04 16.29 22.19
N SER C 159 12.04 15.06 21.67
CA SER C 159 13.03 14.09 22.15
C SER C 159 14.43 14.61 21.86
N PHE C 160 14.63 15.14 20.65
CA PHE C 160 15.92 15.71 20.24
C PHE C 160 16.30 16.90 21.10
N LEU C 161 15.45 17.92 21.16
CA LEU C 161 15.77 19.11 21.96
C LEU C 161 16.03 18.77 23.42
N ASN C 162 15.19 17.93 24.02
CA ASN C 162 15.34 17.58 25.42
C ASN C 162 16.70 16.91 25.69
N ALA C 163 17.12 16.01 24.82
CA ALA C 163 18.40 15.34 24.98
C ALA C 163 19.55 16.29 24.66
N ALA C 164 19.36 17.15 23.66
CA ALA C 164 20.45 18.04 23.26
C ALA C 164 20.80 19.01 24.40
N PHE C 165 19.80 19.67 24.98
CA PHE C 165 20.06 20.71 25.96
C PHE C 165 20.07 20.17 27.39
N GLY C 166 19.54 18.96 27.56
CA GLY C 166 19.49 18.37 28.89
C GLY C 166 18.49 19.07 29.79
N ARG C 167 17.46 19.62 29.18
CA ARG C 167 16.37 20.25 29.90
C ARG C 167 15.06 20.05 29.14
N LYS C 168 13.95 20.41 29.77
CA LYS C 168 12.66 20.36 29.12
C LYS C 168 12.48 21.60 28.26
N ALA C 169 12.35 21.35 26.96
CA ALA C 169 12.13 22.39 25.97
C ALA C 169 10.72 22.95 26.07
N THR C 170 10.58 24.23 25.77
CA THR C 170 9.28 24.87 25.77
C THR C 170 8.51 24.37 24.55
N LYS C 171 7.18 24.52 24.58
CA LYS C 171 6.37 24.09 23.46
C LYS C 171 6.75 24.90 22.23
N GLU C 172 7.04 26.18 22.44
CA GLU C 172 7.47 27.09 21.38
C GLU C 172 8.80 26.63 20.75
N GLU C 173 9.72 26.22 21.58
CA GLU C 173 10.98 25.78 21.12
C GLU C 173 10.81 24.50 20.33
N ILE C 174 10.06 23.56 20.88
CA ILE C 174 9.79 22.28 20.22
C ILE C 174 9.13 22.49 18.86
N ASP C 175 8.15 23.38 18.89
CA ASP C 175 7.41 23.71 17.71
C ASP C 175 8.33 24.32 16.62
N ALA C 176 9.23 25.23 17.00
CA ALA C 176 10.19 25.78 16.04
C ALA C 176 11.10 24.70 15.45
N MET C 177 11.62 23.79 16.30
CA MET C 177 12.47 22.72 15.77
C MET C 177 11.71 21.79 14.83
N ASN C 178 10.46 21.50 15.18
CA ASN C 178 9.60 20.65 14.36
C ASN C 178 9.41 21.20 12.93
N THR C 179 9.18 22.51 12.83
CA THR C 179 9.05 23.17 11.53
C THR C 179 10.35 23.13 10.74
N ALA C 180 11.45 23.37 11.45
CA ALA C 180 12.77 23.34 10.86
C ALA C 180 13.06 21.97 10.25
N LEU C 181 12.74 20.91 10.99
CA LEU C 181 12.98 19.56 10.49
C LEU C 181 12.19 19.30 9.22
N ILE C 182 10.94 19.75 9.22
CA ILE C 182 10.10 19.59 8.08
C ILE C 182 10.66 20.36 6.90
N LEU C 183 10.99 21.62 7.12
CA LEU C 183 11.36 22.48 6.00
C LEU C 183 12.64 22.07 5.28
N TYR C 184 13.55 21.36 5.95
CA TYR C 184 14.83 20.99 5.32
C TYR C 184 14.90 19.55 4.84
N THR C 185 13.75 18.88 4.84
CA THR C 185 13.70 17.45 4.56
C THR C 185 14.28 17.09 3.17
N ASP C 186 13.91 17.87 2.17
CA ASP C 186 14.35 17.64 0.81
C ASP C 186 14.25 18.90 -0.01
N HIS C 187 15.12 19.01 -1.00
CA HIS C 187 15.14 20.15 -1.93
C HIS C 187 16.16 19.87 -3.04
N GLU C 188 15.68 19.70 -4.26
CA GLU C 188 16.49 19.42 -5.45
C GLU C 188 17.36 18.18 -5.30
N VAL C 189 18.49 18.15 -6.01
CA VAL C 189 19.41 17.02 -5.91
C VAL C 189 20.82 17.56 -5.76
N PRO C 190 21.10 18.13 -4.59
CA PRO C 190 22.41 18.75 -4.36
C PRO C 190 23.49 17.69 -4.28
N ALA C 191 24.72 18.17 -4.10
CA ALA C 191 25.91 17.34 -4.13
C ALA C 191 25.84 16.23 -3.08
N SER C 192 25.24 16.53 -1.93
CA SER C 192 25.09 15.54 -0.87
C SER C 192 24.16 14.40 -1.29
N THR C 193 22.95 14.73 -1.72
CA THR C 193 22.03 13.72 -2.23
C THR C 193 22.67 12.94 -3.39
N THR C 194 23.38 13.67 -4.25
CA THR C 194 24.04 13.06 -5.39
C THR C 194 25.17 12.08 -5.01
N ALA C 195 26.00 12.48 -4.03
CA ALA C 195 27.13 11.66 -3.60
C ALA C 195 26.58 10.36 -2.96
N GLY C 196 25.48 10.49 -2.21
CA GLY C 196 24.80 9.32 -1.66
C GLY C 196 24.25 8.41 -2.77
N LEU C 197 23.69 9.01 -3.82
CA LEU C 197 23.14 8.24 -4.95
C LEU C 197 24.25 7.45 -5.63
N VAL C 198 25.43 8.06 -5.80
CA VAL C 198 26.53 7.36 -6.42
C VAL C 198 26.95 6.18 -5.54
N ALA C 199 26.94 6.35 -4.23
CA ALA C 199 27.40 5.27 -3.37
C ALA C 199 26.43 4.08 -3.32
N VAL C 200 25.15 4.34 -3.10
CA VAL C 200 24.22 3.22 -3.05
C VAL C 200 24.01 2.63 -4.47
N SER C 201 24.45 3.35 -5.51
CA SER C 201 24.29 2.84 -6.86
C SER C 201 25.18 1.62 -7.03
N THR C 202 26.13 1.46 -6.11
CA THR C 202 26.97 0.23 -6.10
C THR C 202 26.33 -0.85 -5.22
N LEU C 203 25.14 -0.53 -4.69
CA LEU C 203 24.45 -1.31 -3.68
C LEU C 203 25.23 -1.26 -2.36
N SER C 204 26.05 -0.24 -2.18
CA SER C 204 26.63 -0.03 -0.87
C SER C 204 25.50 0.24 0.10
N ASP C 205 25.76 0.00 1.37
CA ASP C 205 24.70 0.06 2.36
C ASP C 205 24.18 1.49 2.58
N MET C 206 22.97 1.56 3.13
CA MET C 206 22.32 2.83 3.44
C MET C 206 23.21 3.79 4.26
N TYR C 207 23.96 3.23 5.21
CA TYR C 207 24.76 4.04 6.13
C TYR C 207 25.93 4.68 5.37
N SER C 208 26.54 3.91 4.49
CA SER C 208 27.61 4.41 3.63
C SER C 208 27.12 5.51 2.70
N GLY C 209 25.89 5.35 2.21
CA GLY C 209 25.23 6.32 1.36
C GLY C 209 25.07 7.65 2.08
N ILE C 210 24.63 7.60 3.34
CA ILE C 210 24.55 8.80 4.17
C ILE C 210 25.93 9.38 4.43
N THR C 211 26.89 8.48 4.64
CA THR C 211 28.25 8.90 4.92
C THR C 211 28.77 9.74 3.77
N ALA C 212 28.54 9.28 2.52
CA ALA C 212 28.97 10.02 1.34
C ALA C 212 28.22 11.34 1.24
N ALA C 213 26.93 11.30 1.56
CA ALA C 213 26.16 12.55 1.52
C ALA C 213 26.74 13.62 2.46
N LEU C 214 27.12 13.21 3.68
CA LEU C 214 27.69 14.11 4.67
C LEU C 214 29.05 14.59 4.17
N ALA C 215 29.80 13.71 3.50
CA ALA C 215 31.12 14.08 2.98
C ALA C 215 31.02 15.31 2.05
N ALA C 216 29.99 15.34 1.21
CA ALA C 216 29.75 16.46 0.30
C ALA C 216 29.18 17.69 1.04
N LEU C 217 28.31 17.45 2.00
CA LEU C 217 27.67 18.57 2.71
C LEU C 217 28.68 19.41 3.50
N LYS C 218 29.77 18.79 3.93
CA LYS C 218 30.80 19.48 4.72
C LYS C 218 31.36 20.67 3.96
N GLY C 219 31.45 20.58 2.63
CA GLY C 219 32.07 21.63 1.84
C GLY C 219 31.35 22.98 1.95
N PRO C 220 32.13 24.07 1.94
CA PRO C 220 31.57 25.42 2.11
C PRO C 220 30.63 25.87 1.01
N LEU C 221 30.62 25.19 -0.14
CA LEU C 221 29.69 25.58 -1.22
C LEU C 221 28.33 24.88 -1.08
N HIS C 222 28.15 24.14 0.02
CA HIS C 222 26.93 23.40 0.24
C HIS C 222 26.46 23.62 1.68
N GLY C 223 27.28 23.25 2.64
CA GLY C 223 26.99 23.52 4.04
C GLY C 223 27.43 24.94 4.40
N GLY C 224 27.18 25.34 5.65
CA GLY C 224 27.63 26.61 6.14
C GLY C 224 26.84 27.84 5.73
N ALA C 225 25.75 27.64 5.00
CA ALA C 225 24.98 28.77 4.46
C ALA C 225 24.26 29.54 5.56
N ALA C 226 23.68 28.82 6.51
CA ALA C 226 22.98 29.49 7.61
C ALA C 226 23.98 30.27 8.47
N GLU C 227 25.13 29.66 8.74
CA GLU C 227 26.17 30.28 9.53
C GLU C 227 26.71 31.52 8.84
N ALA C 228 26.82 31.43 7.52
CA ALA C 228 27.34 32.53 6.72
C ALA C 228 26.46 33.76 6.86
N ALA C 229 25.14 33.54 6.97
CA ALA C 229 24.17 34.63 7.07
C ALA C 229 24.30 35.34 8.40
N ILE C 230 24.41 34.55 9.46
CA ILE C 230 24.60 35.09 10.80
C ILE C 230 25.89 35.88 10.87
N ALA C 231 26.96 35.33 10.32
CA ALA C 231 28.27 36.00 10.34
C ALA C 231 28.19 37.40 9.68
N GLN C 232 27.36 37.51 8.65
CA GLN C 232 27.12 38.78 7.98
C GLN C 232 26.38 39.78 8.87
N PHE C 233 25.40 39.30 9.64
CA PHE C 233 24.67 40.16 10.57
C PHE C 233 25.61 40.64 11.70
N ASP C 234 26.51 39.78 12.17
CA ASP C 234 27.42 40.15 13.27
C ASP C 234 28.41 41.18 12.81
N GLU C 235 28.80 41.07 11.56
CA GLU C 235 29.76 42.01 11.00
C GLU C 235 29.20 43.43 10.94
N ILE C 236 27.88 43.51 10.86
CA ILE C 236 27.15 44.76 10.81
C ILE C 236 26.92 45.32 12.21
N LYS C 237 26.86 44.42 13.19
CA LYS C 237 26.74 44.77 14.63
C LYS C 237 25.49 45.61 15.02
N ASP C 238 25.27 46.79 14.44
CA ASP C 238 24.05 47.53 14.80
C ASP C 238 23.17 47.73 13.56
N PRO C 239 21.87 48.01 13.77
CA PRO C 239 20.95 48.24 12.63
C PRO C 239 21.27 49.53 11.89
N ALA C 240 21.83 50.51 12.59
CA ALA C 240 22.17 51.82 12.05
C ALA C 240 23.32 51.78 11.02
N MET C 241 24.05 50.67 11.00
CA MET C 241 25.20 50.50 10.10
C MET C 241 24.82 49.75 8.83
N VAL C 242 23.57 49.29 8.76
CA VAL C 242 23.13 48.44 7.65
C VAL C 242 23.26 49.16 6.32
N GLU C 243 22.76 50.39 6.25
CA GLU C 243 22.78 51.11 4.97
C GLU C 243 24.19 51.35 4.44
N LYS C 244 25.06 51.87 5.31
CA LYS C 244 26.45 52.14 4.95
C LYS C 244 27.16 50.84 4.58
N TRP C 245 26.98 49.80 5.42
CA TRP C 245 27.60 48.52 5.17
C TRP C 245 27.13 47.96 3.84
N PHE C 246 25.82 48.07 3.60
CA PHE C 246 25.22 47.56 2.37
C PHE C 246 25.85 48.21 1.16
N ASN C 247 25.96 49.54 1.23
CA ASN C 247 26.59 50.32 0.17
C ASN C 247 28.07 50.00 0.03
N ASP C 248 28.77 49.93 1.16
CA ASP C 248 30.20 49.68 1.11
C ASP C 248 30.59 48.28 0.63
N ASN C 249 29.74 47.29 0.85
CA ASN C 249 30.12 45.90 0.60
C ASN C 249 29.32 45.15 -0.46
N ILE C 250 28.05 45.48 -0.62
CA ILE C 250 27.16 44.73 -1.53
C ILE C 250 26.97 45.41 -2.89
N ILE C 251 26.49 46.65 -2.87
CA ILE C 251 26.19 47.39 -4.10
C ILE C 251 27.40 47.42 -5.03
N ASN C 252 28.59 47.54 -4.45
CA ASN C 252 29.80 47.53 -5.27
C ASN C 252 30.29 46.13 -5.58
N GLY C 253 29.68 45.14 -4.94
CA GLY C 253 29.95 43.74 -5.23
C GLY C 253 31.21 43.15 -4.61
N LYS C 254 31.68 43.71 -3.50
CA LYS C 254 32.88 43.20 -2.86
C LYS C 254 32.54 41.94 -2.08
N LYS C 255 31.32 41.94 -1.52
CA LYS C 255 30.83 40.77 -0.84
C LYS C 255 29.53 40.31 -1.49
N ARG C 256 29.20 39.03 -1.36
CA ARG C 256 27.89 38.58 -1.81
C ARG C 256 26.93 38.67 -0.65
N LEU C 257 25.69 39.05 -0.96
CA LEU C 257 24.65 39.13 0.04
C LEU C 257 24.21 37.74 0.47
N MET C 258 24.60 37.33 1.69
CA MET C 258 24.32 35.98 2.16
C MET C 258 22.83 35.77 2.50
N GLY C 259 22.26 34.64 2.06
CA GLY C 259 20.88 34.33 2.35
C GLY C 259 19.92 34.93 1.34
N PHE C 260 20.48 35.48 0.27
CA PHE C 260 19.68 35.98 -0.81
C PHE C 260 19.94 35.17 -2.08
N GLY C 261 18.92 35.10 -2.95
CA GLY C 261 19.07 34.49 -4.25
C GLY C 261 18.92 32.99 -4.24
N HIS C 262 18.51 32.43 -5.38
CA HIS C 262 18.31 30.99 -5.45
C HIS C 262 18.35 30.50 -6.88
N ARG C 263 18.81 29.26 -7.04
CA ARG C 263 18.94 28.68 -8.37
C ARG C 263 17.57 28.48 -9.02
N VAL C 264 16.52 28.31 -8.21
CA VAL C 264 15.17 28.06 -8.69
C VAL C 264 14.21 29.19 -8.33
N TYR C 265 14.24 29.63 -7.07
CA TYR C 265 13.31 30.67 -6.62
C TYR C 265 13.66 32.03 -7.20
N LYS C 266 12.75 32.55 -8.03
CA LYS C 266 12.86 33.91 -8.54
C LYS C 266 11.92 34.77 -7.73
N THR C 267 11.52 34.24 -6.60
CA THR C 267 10.66 34.95 -5.67
C THR C 267 11.06 34.57 -4.25
N TYR C 268 10.36 35.10 -3.25
CA TYR C 268 10.63 34.81 -1.85
C TYR C 268 10.57 33.31 -1.60
N ASP C 269 11.61 32.78 -0.96
CA ASP C 269 11.65 31.35 -0.60
C ASP C 269 10.53 31.01 0.39
N PRO C 270 9.67 30.02 0.05
CA PRO C 270 8.55 29.66 0.93
C PRO C 270 9.04 29.24 2.31
N ARG C 271 10.23 28.65 2.37
CA ARG C 271 10.87 28.27 3.63
C ARG C 271 11.37 29.51 4.41
N ALA C 272 11.86 30.51 3.68
CA ALA C 272 12.24 31.77 4.29
C ALA C 272 11.00 32.49 4.86
N LYS C 273 9.90 32.47 4.12
CA LYS C 273 8.68 33.14 4.58
C LYS C 273 8.23 32.58 5.94
N ILE C 274 8.28 31.25 6.08
CA ILE C 274 7.89 30.62 7.31
C ILE C 274 8.91 30.94 8.42
N PHE C 275 10.21 30.82 8.10
CA PHE C 275 11.27 31.03 9.08
C PHE C 275 11.29 32.46 9.64
N LYS C 276 11.04 33.45 8.79
CA LYS C 276 11.06 34.82 9.28
C LYS C 276 10.08 35.04 10.46
N GLY C 277 8.86 34.55 10.31
CA GLY C 277 7.87 34.69 11.34
C GLY C 277 8.30 34.04 12.65
N ILE C 278 8.83 32.84 12.56
CA ILE C 278 9.32 32.14 13.73
C ILE C 278 10.49 32.89 14.34
N ALA C 279 11.39 33.37 13.48
CA ALA C 279 12.54 34.13 13.94
C ALA C 279 12.07 35.39 14.66
N GLU C 280 11.07 36.07 14.09
CA GLU C 280 10.55 37.28 14.73
C GLU C 280 9.94 36.94 16.10
N LYS C 281 9.09 35.91 16.13
CA LYS C 281 8.37 35.50 17.34
C LYS C 281 9.27 34.92 18.44
N LEU C 282 10.13 33.95 18.14
CA LEU C 282 10.98 33.37 19.21
C LEU C 282 12.03 34.33 19.75
N SER C 283 12.56 35.21 18.89
CA SER C 283 13.64 36.09 19.31
C SER C 283 13.13 37.28 20.10
N SER C 284 11.83 37.57 19.99
CA SER C 284 11.28 38.84 20.48
C SER C 284 11.46 39.10 21.99
N LYS C 285 11.64 38.02 22.75
CA LYS C 285 11.86 38.12 24.19
C LYS C 285 13.32 37.79 24.51
N LYS C 286 14.14 37.62 23.49
CA LYS C 286 15.56 37.33 23.70
C LYS C 286 16.43 38.45 23.14
N PRO C 287 16.84 39.42 24.00
CA PRO C 287 17.46 40.67 23.56
C PRO C 287 18.62 40.54 22.58
N GLU C 288 19.57 39.65 22.84
CA GLU C 288 20.71 39.49 21.97
C GLU C 288 20.32 38.94 20.61
N VAL C 289 19.37 38.01 20.62
CA VAL C 289 18.95 37.39 19.38
C VAL C 289 18.05 38.34 18.61
N HIS C 290 17.21 39.08 19.33
CA HIS C 290 16.34 40.04 18.69
C HIS C 290 17.16 41.06 17.89
N LYS C 291 18.31 41.44 18.45
CA LYS C 291 19.20 42.41 17.81
C LYS C 291 19.66 41.88 16.45
N VAL C 292 19.92 40.58 16.38
CA VAL C 292 20.27 39.97 15.13
C VAL C 292 19.10 40.05 14.14
N TYR C 293 17.88 39.77 14.61
CA TYR C 293 16.71 39.86 13.74
C TYR C 293 16.53 41.29 13.26
N GLU C 294 16.70 42.26 14.17
CA GLU C 294 16.49 43.66 13.81
C GLU C 294 17.43 44.08 12.71
N ILE C 295 18.68 43.62 12.80
CA ILE C 295 19.66 43.81 11.74
C ILE C 295 19.23 43.08 10.47
N ALA C 296 18.83 41.84 10.63
CA ALA C 296 18.48 41.00 9.48
C ALA C 296 17.30 41.58 8.64
N THR C 297 16.26 42.03 9.32
CA THR C 297 15.10 42.55 8.61
C THR C 297 15.43 43.90 7.98
N LYS C 298 16.23 44.70 8.66
CA LYS C 298 16.62 45.99 8.12
C LYS C 298 17.48 45.83 6.87
N LEU C 299 18.38 44.86 6.90
CA LEU C 299 19.16 44.50 5.73
C LEU C 299 18.26 43.95 4.61
N GLU C 300 17.24 43.20 5.02
CA GLU C 300 16.34 42.55 4.08
C GLU C 300 15.73 43.53 3.07
N ASP C 301 15.30 44.68 3.56
CA ASP C 301 14.68 45.72 2.72
C ASP C 301 15.62 46.30 1.69
N PHE C 302 16.88 46.53 2.08
CA PHE C 302 17.85 47.02 1.12
C PHE C 302 18.08 45.97 0.04
N GLY C 303 18.14 44.72 0.45
CA GLY C 303 18.38 43.63 -0.47
C GLY C 303 17.26 43.48 -1.47
N ILE C 304 16.02 43.54 -0.99
CA ILE C 304 14.85 43.38 -1.85
C ILE C 304 14.69 44.56 -2.81
N LYS C 305 14.91 45.77 -2.33
CA LYS C 305 14.84 46.93 -3.21
C LYS C 305 15.93 46.87 -4.27
N ALA C 306 17.10 46.38 -3.90
CA ALA C 306 18.20 46.32 -4.84
C ALA C 306 18.08 45.13 -5.79
N PHE C 307 17.68 43.96 -5.29
CA PHE C 307 17.79 42.75 -6.11
C PHE C 307 16.46 42.07 -6.46
N GLY C 308 15.36 42.57 -5.91
CA GLY C 308 14.06 41.96 -6.15
C GLY C 308 13.67 41.92 -7.61
N SER C 309 14.05 42.95 -8.35
CA SER C 309 13.68 43.04 -9.76
C SER C 309 14.43 41.99 -10.60
N LYS C 310 15.54 41.50 -10.07
CA LYS C 310 16.32 40.47 -10.73
C LYS C 310 15.96 39.09 -10.19
N GLY C 311 14.82 39.00 -9.51
CA GLY C 311 14.30 37.75 -8.97
C GLY C 311 15.12 37.21 -7.80
N ILE C 312 15.85 38.11 -7.13
CA ILE C 312 16.72 37.73 -6.03
C ILE C 312 16.14 38.17 -4.69
N TYR C 313 15.67 37.17 -3.93
CA TYR C 313 14.99 37.38 -2.66
C TYR C 313 15.66 36.54 -1.59
N PRO C 314 15.27 36.76 -0.32
CA PRO C 314 15.70 35.93 0.81
C PRO C 314 15.44 34.44 0.56
N ASN C 315 16.44 33.60 0.81
CA ASN C 315 16.25 32.16 0.73
C ASN C 315 16.15 31.55 2.12
N THR C 316 16.01 30.24 2.20
CA THR C 316 15.78 29.58 3.48
C THR C 316 16.85 29.86 4.55
N ASP C 317 18.07 30.17 4.13
CA ASP C 317 19.13 30.30 5.13
C ASP C 317 19.31 31.75 5.60
N TYR C 318 18.44 32.63 5.16
CA TYR C 318 18.52 34.00 5.63
C TYR C 318 18.05 34.13 7.08
N PHE C 319 16.99 33.40 7.46
CA PHE C 319 16.42 33.52 8.81
C PHE C 319 16.59 32.28 9.66
N SER C 320 17.01 31.19 9.04
CA SER C 320 17.07 29.92 9.76
C SER C 320 18.03 29.98 10.97
N GLY C 321 19.16 30.68 10.80
CA GLY C 321 20.12 30.79 11.90
C GLY C 321 19.52 31.44 13.13
N ILE C 322 18.74 32.49 12.91
CA ILE C 322 18.05 33.18 13.99
C ILE C 322 17.03 32.29 14.66
N VAL C 323 16.39 31.41 13.89
CA VAL C 323 15.46 30.45 14.46
C VAL C 323 16.20 29.46 15.38
N TYR C 324 17.29 28.88 14.87
CA TYR C 324 18.11 27.93 15.64
C TYR C 324 18.71 28.59 16.90
N MET C 325 19.16 29.82 16.73
CA MET C 325 19.76 30.57 17.80
C MET C 325 18.67 30.80 18.86
N SER C 326 17.45 31.10 18.41
CA SER C 326 16.32 31.31 19.33
C SER C 326 15.95 30.02 20.06
N ILE C 327 15.98 28.90 19.35
CA ILE C 327 15.76 27.62 20.00
C ILE C 327 16.83 27.40 21.04
N GLY C 328 18.07 27.74 20.71
CA GLY C 328 19.14 27.65 21.69
C GLY C 328 20.46 27.12 21.17
N PHE C 329 20.57 26.93 19.86
CA PHE C 329 21.79 26.41 19.25
C PHE C 329 22.77 27.50 18.84
N PRO C 330 24.06 27.32 19.17
CA PRO C 330 25.06 28.34 18.86
C PRO C 330 25.62 28.27 17.45
N LEU C 331 26.35 29.33 17.11
CA LEU C 331 26.97 29.49 15.81
C LEU C 331 28.17 28.55 15.60
N ARG C 332 28.95 28.31 16.65
CA ARG C 332 30.20 27.55 16.53
C ARG C 332 30.09 26.17 15.88
N ASN C 333 31.18 25.74 15.24
CA ASN C 333 31.36 24.38 14.66
C ASN C 333 30.41 24.01 13.52
N ASN C 334 29.78 25.03 12.94
CA ASN C 334 28.78 24.78 11.91
C ASN C 334 27.72 23.80 12.38
N ILE C 335 27.27 24.01 13.62
CA ILE C 335 26.22 23.18 14.18
C ILE C 335 24.93 23.27 13.34
N TYR C 336 24.65 24.42 12.73
CA TYR C 336 23.40 24.58 11.96
C TYR C 336 23.40 23.61 10.76
N THR C 337 24.59 23.42 10.19
CA THR C 337 24.76 22.50 9.10
C THR C 337 24.52 21.09 9.63
N ALA C 338 24.85 20.83 10.87
CA ALA C 338 24.53 19.52 11.43
C ALA C 338 23.02 19.38 11.58
N LEU C 339 22.35 20.47 11.98
CA LEU C 339 20.89 20.44 12.12
C LEU C 339 20.23 20.28 10.73
N PHE C 340 20.85 20.84 9.70
CA PHE C 340 20.39 20.65 8.32
C PHE C 340 20.44 19.17 7.97
N ALA C 341 21.58 18.53 8.25
CA ALA C 341 21.73 17.11 7.94
C ALA C 341 20.75 16.29 8.74
N LEU C 342 20.49 16.69 9.97
CA LEU C 342 19.55 15.97 10.84
C LEU C 342 18.20 15.87 10.13
N SER C 343 17.76 16.98 9.55
CA SER C 343 16.54 17.02 8.82
C SER C 343 16.65 16.25 7.50
N ARG C 344 17.71 16.53 6.76
CA ARG C 344 17.85 16.05 5.36
C ARG C 344 18.05 14.55 5.23
N VAL C 345 18.51 13.92 6.32
CA VAL C 345 18.74 12.46 6.26
C VAL C 345 17.47 11.69 5.82
N THR C 346 16.30 12.25 6.10
CA THR C 346 15.04 11.69 5.60
C THR C 346 14.95 11.76 4.06
N GLY C 347 15.18 12.93 3.47
CA GLY C 347 15.19 13.05 2.02
C GLY C 347 16.25 12.18 1.35
N TRP C 348 17.44 12.16 1.92
CA TRP C 348 18.53 11.36 1.40
C TRP C 348 18.07 9.90 1.31
N GLN C 349 17.62 9.34 2.42
CA GLN C 349 17.28 7.90 2.41
C GLN C 349 16.15 7.56 1.46
N ALA C 350 15.15 8.44 1.43
CA ALA C 350 14.01 8.26 0.57
C ALA C 350 14.49 8.28 -0.90
N HIS C 351 15.41 9.17 -1.23
CA HIS C 351 15.98 9.15 -2.58
C HIS C 351 16.80 7.88 -2.84
N PHE C 352 17.59 7.45 -1.86
CA PHE C 352 18.41 6.24 -1.99
C PHE C 352 17.50 5.04 -2.22
N ILE C 353 16.44 4.98 -1.44
CA ILE C 353 15.50 3.88 -1.54
C ILE C 353 14.79 3.91 -2.87
N GLU C 354 14.31 5.09 -3.25
CA GLU C 354 13.66 5.27 -4.52
C GLU C 354 14.54 4.79 -5.67
N TYR C 355 15.83 5.11 -5.58
CA TYR C 355 16.80 4.79 -6.65
C TYR C 355 17.07 3.30 -6.79
N VAL C 356 17.50 2.67 -5.70
CA VAL C 356 17.91 1.27 -5.70
C VAL C 356 16.75 0.32 -6.00
N GLU C 357 15.56 0.64 -5.48
CA GLU C 357 14.39 -0.21 -5.67
C GLU C 357 13.75 -0.16 -7.08
N GLU C 358 13.72 1.01 -7.72
CA GLU C 358 12.92 1.20 -8.94
C GLU C 358 13.73 1.72 -10.14
N GLN C 359 14.99 2.10 -9.95
CA GLN C 359 15.76 2.56 -11.11
C GLN C 359 17.25 2.30 -10.93
N GLN C 360 17.55 1.18 -10.28
CA GLN C 360 18.92 0.85 -9.93
C GLN C 360 19.80 0.77 -11.17
N ARG C 361 20.89 1.53 -11.15
CA ARG C 361 21.91 1.50 -12.18
C ARG C 361 23.22 2.00 -11.60
N LEU C 362 24.29 1.24 -11.81
CA LEU C 362 25.63 1.64 -11.37
C LEU C 362 25.99 2.98 -12.02
N ILE C 363 26.36 3.96 -11.24
CA ILE C 363 26.72 5.26 -11.80
C ILE C 363 28.21 5.28 -12.15
N ARG C 364 28.52 5.49 -13.41
CA ARG C 364 29.90 5.43 -13.86
C ARG C 364 30.09 6.35 -15.07
N PRO C 365 30.30 7.65 -14.81
CA PRO C 365 30.48 8.64 -15.88
C PRO C 365 31.82 8.50 -16.62
N ARG C 366 32.09 9.42 -17.51
CA ARG C 366 33.28 9.44 -18.29
C ARG C 366 34.14 10.68 -18.12
N ALA C 367 35.40 10.54 -18.48
CA ALA C 367 36.29 11.69 -18.52
C ALA C 367 36.88 11.78 -19.90
N VAL C 368 36.96 12.99 -20.42
CA VAL C 368 37.65 13.22 -21.68
C VAL C 368 39.16 13.28 -21.45
N TYR C 369 39.90 12.45 -22.17
CA TYR C 369 41.35 12.43 -22.04
C TYR C 369 42.00 13.54 -22.85
N VAL C 370 42.78 14.35 -22.16
CA VAL C 370 43.46 15.45 -22.78
C VAL C 370 44.93 15.47 -22.36
N GLY C 371 45.42 14.29 -21.97
CA GLY C 371 46.75 14.13 -21.45
C GLY C 371 47.79 13.73 -22.47
N PRO C 372 48.98 13.37 -22.00
CA PRO C 372 50.08 13.05 -22.90
C PRO C 372 49.78 11.86 -23.83
N ALA C 373 50.30 12.01 -25.03
CA ALA C 373 50.32 10.93 -26.00
C ALA C 373 51.22 9.82 -25.47
N GLU C 374 51.19 8.68 -26.11
CA GLU C 374 52.05 7.57 -25.78
C GLU C 374 53.54 7.97 -25.78
N ARG C 375 54.27 7.52 -24.76
CA ARG C 375 55.71 7.75 -24.72
C ARG C 375 56.45 6.59 -24.02
N LYS C 376 57.72 6.42 -24.38
CA LYS C 376 58.58 5.36 -23.88
C LYS C 376 58.94 5.67 -22.43
N TYR C 377 58.93 4.66 -21.57
CA TYR C 377 59.30 4.85 -20.18
C TYR C 377 60.80 5.10 -20.08
N VAL C 378 61.17 6.12 -19.32
CA VAL C 378 62.55 6.52 -19.16
C VAL C 378 63.07 6.14 -17.78
N PRO C 379 64.12 5.35 -17.73
CA PRO C 379 64.72 4.96 -16.47
C PRO C 379 65.13 6.23 -15.74
N ILE C 380 65.01 6.22 -14.44
CA ILE C 380 65.29 7.40 -13.64
C ILE C 380 66.64 8.12 -13.82
N ALA C 381 67.72 7.38 -13.86
CA ALA C 381 69.03 8.00 -14.01
C ALA C 381 69.14 8.92 -15.21
N GLU C 382 68.28 8.69 -16.19
CA GLU C 382 68.25 9.44 -17.41
C GLU C 382 67.21 10.54 -17.50
N ARG C 383 66.70 11.03 -16.39
CA ARG C 383 65.63 12.02 -16.47
C ARG C 383 66.11 13.47 -16.25
N THR D 3 14.76 16.43 -22.90
CA THR D 3 15.00 17.28 -21.74
C THR D 3 14.40 16.65 -20.48
N GLU D 4 13.78 15.49 -20.68
CA GLU D 4 13.05 14.80 -19.64
C GLU D 4 13.57 13.37 -19.51
N GLU D 5 14.62 13.08 -20.27
CA GLU D 5 15.30 11.79 -20.26
C GLU D 5 16.34 11.66 -19.16
N ILE D 6 16.37 10.50 -18.53
CA ILE D 6 17.37 10.21 -17.51
C ILE D 6 18.65 9.70 -18.16
N SER D 7 19.77 10.30 -17.76
CA SER D 7 21.10 9.85 -18.19
C SER D 7 21.52 8.68 -17.32
N LYS D 8 21.00 7.50 -17.65
CA LYS D 8 21.11 6.33 -16.75
C LYS D 8 22.56 5.95 -16.40
N GLY D 9 22.87 5.96 -15.11
CA GLY D 9 24.22 5.65 -14.68
C GLY D 9 25.22 6.70 -15.14
N LEU D 10 24.73 7.82 -15.69
CA LEU D 10 25.64 8.84 -16.23
C LEU D 10 26.62 8.25 -17.25
N GLU D 11 26.22 7.15 -17.88
CA GLU D 11 27.14 6.40 -18.71
C GLU D 11 27.70 7.17 -19.91
N ASP D 12 26.87 8.01 -20.51
CA ASP D 12 27.32 8.75 -21.68
C ASP D 12 27.71 10.18 -21.31
N VAL D 13 27.84 10.43 -20.01
CA VAL D 13 28.12 11.77 -19.51
C VAL D 13 29.60 11.96 -19.22
N ASN D 14 30.16 13.01 -19.78
CA ASN D 14 31.53 13.37 -19.42
C ASN D 14 31.51 14.28 -18.19
N ILE D 15 32.06 13.79 -17.08
CA ILE D 15 31.96 14.55 -15.85
C ILE D 15 33.14 15.52 -15.66
N LYS D 16 34.25 15.26 -16.35
CA LYS D 16 35.48 16.09 -16.31
C LYS D 16 36.39 15.70 -17.46
N TRP D 17 37.46 16.49 -17.68
CA TRP D 17 38.57 16.04 -18.51
C TRP D 17 39.69 15.57 -17.59
N THR D 18 40.55 14.69 -18.08
CA THR D 18 41.70 14.25 -17.28
C THR D 18 42.97 14.10 -18.13
N ARG D 19 44.12 14.34 -17.50
CA ARG D 19 45.43 14.09 -18.10
C ARG D 19 46.06 12.81 -17.58
N LEU D 20 45.35 12.13 -16.70
CA LEU D 20 45.99 11.12 -15.87
C LEU D 20 46.13 9.76 -16.51
N THR D 21 45.05 9.28 -17.08
CA THR D 21 44.94 7.88 -17.48
C THR D 21 44.14 7.74 -18.75
N THR D 22 44.54 6.80 -19.59
CA THR D 22 43.72 6.40 -20.73
C THR D 22 43.87 4.94 -21.07
N ILE D 23 42.80 4.37 -21.63
CA ILE D 23 42.72 2.96 -21.97
C ILE D 23 42.40 2.72 -23.42
N ASP D 24 43.14 1.81 -24.04
CA ASP D 24 42.77 1.27 -25.35
C ASP D 24 42.14 -0.09 -25.14
N GLY D 25 40.82 -0.13 -25.19
CA GLY D 25 40.10 -1.35 -24.88
C GLY D 25 40.23 -2.48 -25.88
N ASN D 26 40.62 -2.17 -27.11
CA ASN D 26 40.75 -3.21 -28.13
C ASN D 26 42.12 -3.85 -28.16
N LYS D 27 43.15 -3.02 -27.95
CA LYS D 27 44.50 -3.53 -27.90
C LYS D 27 44.85 -3.99 -26.47
N GLY D 28 44.05 -3.55 -25.50
CA GLY D 28 44.32 -3.89 -24.11
C GLY D 28 45.53 -3.16 -23.58
N ILE D 29 45.52 -1.83 -23.69
CA ILE D 29 46.60 -1.00 -23.19
C ILE D 29 46.10 0.03 -22.17
N LEU D 30 46.76 0.02 -21.03
CA LEU D 30 46.49 0.99 -19.99
C LEU D 30 47.71 1.90 -19.89
N ARG D 31 47.51 3.20 -20.05
CA ARG D 31 48.61 4.17 -19.99
C ARG D 31 48.35 5.15 -18.86
N TYR D 32 49.39 5.36 -18.04
CA TYR D 32 49.42 6.39 -16.99
C TYR D 32 50.29 7.54 -17.44
N GLY D 33 49.71 8.70 -17.67
CA GLY D 33 50.47 9.83 -18.18
C GLY D 33 51.25 9.47 -19.45
N GLY D 34 50.66 8.59 -20.27
CA GLY D 34 51.32 8.22 -21.53
C GLY D 34 52.17 6.96 -21.46
N TYR D 35 52.42 6.49 -20.25
CA TYR D 35 53.29 5.34 -20.04
C TYR D 35 52.45 4.09 -19.88
N SER D 36 52.71 3.08 -20.71
CA SER D 36 51.99 1.82 -20.59
C SER D 36 52.38 1.12 -19.29
N VAL D 37 51.40 0.58 -18.57
CA VAL D 37 51.69 -0.06 -17.30
C VAL D 37 52.60 -1.26 -17.50
N GLU D 38 52.45 -1.89 -18.66
CA GLU D 38 53.26 -3.05 -19.01
C GLU D 38 54.74 -2.68 -19.11
N ASP D 39 54.98 -1.48 -19.63
CA ASP D 39 56.33 -0.96 -19.79
C ASP D 39 56.89 -0.50 -18.41
N ILE D 40 56.02 0.11 -17.62
CA ILE D 40 56.33 0.53 -16.28
C ILE D 40 56.79 -0.65 -15.41
N ILE D 41 56.05 -1.75 -15.48
CA ILE D 41 56.36 -2.91 -14.64
C ILE D 41 57.62 -3.60 -15.13
N ALA D 42 57.81 -3.64 -16.45
CA ALA D 42 59.00 -4.22 -17.05
C ALA D 42 60.27 -3.49 -16.65
N SER D 43 60.14 -2.19 -16.42
CA SER D 43 61.29 -1.34 -16.13
C SER D 43 61.57 -1.32 -14.64
N GLY D 44 60.71 -1.98 -13.88
CA GLY D 44 60.93 -2.10 -12.45
C GLY D 44 60.69 -0.78 -11.72
N ALA D 45 59.76 0.04 -12.20
CA ALA D 45 59.47 1.30 -11.54
C ALA D 45 59.00 1.05 -10.11
N GLN D 46 59.42 1.91 -9.19
CA GLN D 46 58.86 1.90 -7.84
C GLN D 46 57.53 2.61 -7.84
N ASP D 47 56.60 2.13 -7.02
CA ASP D 47 55.27 2.73 -6.98
C ASP D 47 55.30 4.21 -6.62
N GLU D 48 56.26 4.61 -5.78
CA GLU D 48 56.39 6.01 -5.38
C GLU D 48 56.56 6.86 -6.63
N GLU D 49 57.29 6.29 -7.61
CA GLU D 49 57.48 6.99 -8.86
C GLU D 49 56.16 7.20 -9.58
N ILE D 50 55.28 6.21 -9.54
CA ILE D 50 53.97 6.31 -10.18
C ILE D 50 53.05 7.24 -9.40
N GLN D 51 53.16 7.20 -8.07
CA GLN D 51 52.47 8.15 -7.20
C GLN D 51 52.87 9.56 -7.59
N TYR D 52 54.18 9.78 -7.73
CA TYR D 52 54.69 11.08 -8.15
C TYR D 52 54.17 11.51 -9.53
N LEU D 53 54.21 10.60 -10.51
CA LEU D 53 53.66 10.83 -11.86
C LEU D 53 52.22 11.34 -11.80
N PHE D 54 51.43 10.74 -10.92
CA PHE D 54 50.03 11.13 -10.81
C PHE D 54 49.85 12.50 -10.20
N LEU D 55 50.70 12.84 -9.23
CA LEU D 55 50.54 14.09 -8.52
C LEU D 55 51.18 15.27 -9.27
N TYR D 56 52.21 15.00 -10.06
CA TYR D 56 53.02 16.06 -10.64
C TYR D 56 53.01 16.18 -12.16
N GLY D 57 52.58 15.13 -12.86
CA GLY D 57 52.48 15.18 -14.30
C GLY D 57 53.66 14.60 -15.05
N ASN D 58 54.73 14.27 -14.33
CA ASN D 58 55.89 13.58 -14.90
C ASN D 58 56.58 12.61 -13.94
N LEU D 59 57.44 11.76 -14.48
CA LEU D 59 58.24 10.89 -13.65
C LEU D 59 59.24 11.74 -12.85
N PRO D 60 59.51 11.39 -11.59
CA PRO D 60 60.44 12.21 -10.79
C PRO D 60 61.93 11.94 -11.08
N THR D 61 62.75 12.99 -10.97
CA THR D 61 64.20 12.83 -10.95
C THR D 61 64.60 12.16 -9.65
N GLU D 62 65.86 11.76 -9.55
CA GLU D 62 66.37 11.16 -8.33
C GLU D 62 66.11 12.03 -7.13
N GLN D 63 66.43 13.31 -7.24
CA GLN D 63 66.24 14.24 -6.13
C GLN D 63 64.77 14.43 -5.80
N GLU D 64 63.95 14.61 -6.84
CA GLU D 64 62.51 14.79 -6.64
C GLU D 64 61.90 13.60 -5.94
N LEU D 65 62.30 12.39 -6.34
CA LEU D 65 61.78 11.18 -5.73
C LEU D 65 62.19 11.07 -4.28
N ARG D 66 63.44 11.42 -4.01
CA ARG D 66 64.02 11.35 -2.66
C ARG D 66 63.23 12.25 -1.70
N LYS D 67 62.96 13.48 -2.12
CA LYS D 67 62.16 14.39 -1.31
C LYS D 67 60.74 13.88 -1.19
N TYR D 68 60.21 13.38 -2.30
CA TYR D 68 58.84 12.89 -2.34
C TYR D 68 58.61 11.76 -1.32
N LYS D 69 59.52 10.80 -1.28
CA LYS D 69 59.41 9.69 -0.30
C LYS D 69 59.34 10.24 1.12
N GLU D 70 60.15 11.26 1.39
CA GLU D 70 60.18 11.88 2.71
C GLU D 70 58.78 12.38 3.09
N THR D 71 58.13 13.06 2.15
CA THR D 71 56.82 13.62 2.42
C THR D 71 55.83 12.48 2.66
N VAL D 72 55.88 11.45 1.84
CA VAL D 72 54.94 10.33 1.98
C VAL D 72 55.12 9.67 3.33
N GLN D 73 56.36 9.56 3.76
CA GLN D 73 56.68 8.91 5.02
C GLN D 73 56.22 9.74 6.24
N LYS D 74 55.92 11.03 6.07
CA LYS D 74 55.33 11.79 7.18
C LYS D 74 53.98 11.16 7.55
N GLY D 75 53.33 10.54 6.57
CA GLY D 75 52.03 9.89 6.76
C GLY D 75 52.07 8.57 7.53
N TYR D 76 53.25 8.00 7.71
CA TYR D 76 53.39 6.76 8.46
C TYR D 76 53.01 6.99 9.92
N LYS D 77 53.00 8.26 10.33
CA LYS D 77 52.53 8.62 11.66
C LYS D 77 51.09 9.18 11.64
N ILE D 78 50.16 8.43 12.25
CA ILE D 78 48.78 8.90 12.42
C ILE D 78 48.39 8.91 13.90
N PRO D 79 47.48 9.82 14.29
CA PRO D 79 47.10 10.02 15.70
C PRO D 79 46.44 8.78 16.28
N ASP D 80 46.51 8.62 17.59
CA ASP D 80 45.96 7.43 18.22
C ASP D 80 44.45 7.29 17.96
N PHE D 81 43.72 8.40 17.84
CA PHE D 81 42.26 8.31 17.69
C PHE D 81 41.85 7.81 16.29
N VAL D 82 42.72 8.00 15.30
CA VAL D 82 42.48 7.47 13.96
C VAL D 82 42.60 5.94 14.01
N ILE D 83 43.63 5.46 14.68
CA ILE D 83 43.79 4.04 14.90
C ILE D 83 42.61 3.48 15.69
N ASN D 84 42.16 4.23 16.68
CA ASN D 84 41.09 3.76 17.53
C ASN D 84 39.77 3.79 16.79
N ALA D 85 39.67 4.65 15.79
CA ALA D 85 38.49 4.68 14.89
C ALA D 85 38.33 3.34 14.16
N ILE D 86 39.45 2.63 14.00
CA ILE D 86 39.47 1.28 13.44
C ILE D 86 39.18 0.21 14.50
N ARG D 87 39.96 0.25 15.59
CA ARG D 87 39.99 -0.83 16.60
C ARG D 87 38.76 -0.90 17.53
N GLN D 88 37.99 0.19 17.64
CA GLN D 88 36.74 0.15 18.38
C GLN D 88 35.60 -0.49 17.56
N LEU D 89 35.84 -0.79 16.29
CA LEU D 89 34.82 -1.39 15.42
C LEU D 89 34.75 -2.89 15.60
N PRO D 90 33.55 -3.47 15.43
CA PRO D 90 33.43 -4.93 15.47
C PRO D 90 34.39 -5.56 14.48
N ARG D 91 35.10 -6.57 14.91
CA ARG D 91 36.08 -7.21 14.08
C ARG D 91 35.47 -7.82 12.84
N GLU D 92 34.16 -7.94 12.79
CA GLU D 92 33.48 -8.52 11.64
C GLU D 92 33.31 -7.53 10.49
N SER D 93 33.55 -6.26 10.77
CA SER D 93 33.32 -5.21 9.76
C SER D 93 34.16 -5.39 8.49
N ASP D 94 33.60 -5.03 7.35
CA ASP D 94 34.36 -4.99 6.10
C ASP D 94 35.63 -4.12 6.25
N ALA D 95 36.75 -4.59 5.71
CA ALA D 95 38.01 -3.89 5.79
C ALA D 95 37.93 -2.47 5.22
N VAL D 96 37.20 -2.31 4.10
CA VAL D 96 37.03 -1.02 3.44
C VAL D 96 36.16 -0.09 4.30
N ALA D 97 35.23 -0.70 5.03
CA ALA D 97 34.40 0.05 5.97
C ALA D 97 35.24 0.56 7.15
N MET D 98 36.21 -0.26 7.59
CA MET D 98 37.13 0.18 8.65
C MET D 98 37.95 1.36 8.13
N GLN D 99 38.41 1.25 6.88
CA GLN D 99 39.14 2.35 6.26
C GLN D 99 38.29 3.62 6.26
N MET D 100 37.04 3.47 5.87
CA MET D 100 36.12 4.61 5.81
C MET D 100 35.95 5.26 7.19
N ALA D 101 35.81 4.45 8.24
CA ALA D 101 35.66 5.02 9.58
C ALA D 101 36.92 5.80 10.00
N ALA D 102 38.09 5.33 9.56
CA ALA D 102 39.35 5.98 9.89
C ALA D 102 39.57 7.31 9.14
N VAL D 103 39.36 7.29 7.83
CA VAL D 103 39.55 8.51 7.06
C VAL D 103 38.51 9.57 7.47
N ALA D 104 37.31 9.11 7.84
CA ALA D 104 36.26 10.05 8.25
C ALA D 104 36.66 10.77 9.52
N ALA D 105 37.22 10.02 10.48
CA ALA D 105 37.70 10.63 11.73
C ALA D 105 38.79 11.61 11.39
N MET D 106 39.66 11.21 10.47
CA MET D 106 40.75 12.08 10.04
C MET D 106 40.22 13.35 9.38
N ALA D 107 39.18 13.21 8.55
CA ALA D 107 38.57 14.38 7.92
C ALA D 107 38.07 15.40 8.95
N ALA D 108 37.49 14.93 10.04
CA ALA D 108 36.97 15.83 11.05
C ALA D 108 38.14 16.57 11.75
N SER D 109 39.26 15.89 11.96
CA SER D 109 40.37 16.48 12.69
C SER D 109 41.15 17.49 11.83
N GLU D 110 41.09 17.34 10.51
CA GLU D 110 41.86 18.22 9.63
C GLU D 110 41.21 19.56 9.40
N THR D 111 41.04 20.31 10.48
CA THR D 111 40.27 21.55 10.42
C THR D 111 41.00 22.65 9.66
N LYS D 112 42.29 22.46 9.41
CA LYS D 112 43.03 23.52 8.76
C LYS D 112 43.29 23.19 7.30
N PHE D 113 42.65 22.15 6.79
CA PHE D 113 42.80 21.87 5.36
C PHE D 113 42.13 22.96 4.52
N LYS D 114 42.81 23.36 3.45
CA LYS D 114 42.27 24.28 2.46
C LYS D 114 42.77 23.92 1.06
N TRP D 115 41.90 23.98 0.06
CA TRP D 115 42.32 23.76 -1.34
C TRP D 115 43.31 24.89 -1.77
N ASN D 116 44.52 24.48 -2.16
CA ASN D 116 45.59 25.41 -2.46
C ASN D 116 46.62 24.72 -3.35
N LYS D 117 46.85 25.28 -4.54
CA LYS D 117 47.81 24.67 -5.47
C LYS D 117 49.21 24.57 -4.86
N ASP D 118 49.48 25.42 -3.89
CA ASP D 118 50.79 25.47 -3.25
C ASP D 118 51.00 24.28 -2.32
N THR D 119 49.91 23.68 -1.86
CA THR D 119 50.02 22.64 -0.84
C THR D 119 49.29 21.32 -1.11
N ASP D 120 48.38 21.28 -2.10
CA ASP D 120 47.55 20.07 -2.35
C ASP D 120 48.40 18.80 -2.56
N ARG D 121 49.49 18.94 -3.32
CA ARG D 121 50.30 17.77 -3.65
C ARG D 121 51.03 17.21 -2.42
N ASP D 122 51.50 18.10 -1.54
CA ASP D 122 52.13 17.66 -0.31
C ASP D 122 51.11 17.00 0.61
N VAL D 123 49.92 17.58 0.69
CA VAL D 123 48.86 16.96 1.48
C VAL D 123 48.53 15.56 0.97
N ALA D 124 48.37 15.44 -0.35
CA ALA D 124 48.09 14.17 -1.00
C ALA D 124 49.20 13.14 -0.79
N ALA D 125 50.44 13.59 -0.92
CA ALA D 125 51.61 12.72 -0.73
C ALA D 125 51.61 12.15 0.71
N GLU D 126 51.46 13.04 1.68
CA GLU D 126 51.41 12.60 3.07
C GLU D 126 50.20 11.67 3.29
N MET D 127 49.04 12.00 2.71
CA MET D 127 47.85 11.14 2.83
C MET D 127 48.08 9.74 2.25
N ILE D 128 48.88 9.66 1.18
CA ILE D 128 49.20 8.35 0.60
C ILE D 128 49.93 7.50 1.62
N GLY D 129 50.76 8.16 2.43
CA GLY D 129 51.45 7.49 3.53
C GLY D 129 50.51 7.11 4.65
N ARG D 130 49.56 7.98 4.98
CA ARG D 130 48.58 7.67 6.02
C ARG D 130 47.71 6.46 5.62
N MET D 131 47.38 6.37 4.33
CA MET D 131 46.58 5.28 3.82
C MET D 131 47.30 3.95 4.03
N SER D 132 48.63 3.96 3.88
CA SER D 132 49.41 2.79 4.23
C SER D 132 49.28 2.50 5.74
N ALA D 133 49.39 3.54 6.55
CA ALA D 133 49.27 3.40 8.01
C ALA D 133 47.89 2.87 8.43
N ILE D 134 46.85 3.42 7.81
CA ILE D 134 45.47 3.00 8.09
C ILE D 134 45.24 1.53 7.72
N THR D 135 45.71 1.14 6.53
CA THR D 135 45.45 -0.20 6.04
C THR D 135 46.19 -1.25 6.87
N VAL D 136 47.40 -0.92 7.32
CA VAL D 136 48.21 -1.78 8.20
C VAL D 136 47.40 -2.09 9.46
N ASN D 137 46.75 -1.07 9.99
CA ASN D 137 46.05 -1.23 11.25
C ASN D 137 44.67 -1.82 11.08
N VAL D 138 44.05 -1.58 9.92
CA VAL D 138 42.82 -2.29 9.54
C VAL D 138 43.15 -3.78 9.50
N TYR D 139 44.25 -4.12 8.85
CA TYR D 139 44.63 -5.53 8.77
C TYR D 139 44.93 -6.11 10.16
N ARG D 140 45.71 -5.44 10.96
CA ARG D 140 46.05 -5.99 12.29
C ARG D 140 44.82 -6.16 13.19
N HIS D 141 43.92 -5.19 13.17
CA HIS D 141 42.69 -5.26 13.94
C HIS D 141 41.86 -6.47 13.57
N ILE D 142 41.68 -6.68 12.27
CA ILE D 142 40.97 -7.83 11.73
C ILE D 142 41.58 -9.15 12.17
N MET D 143 42.90 -9.18 12.21
CA MET D 143 43.64 -10.39 12.56
C MET D 143 43.87 -10.46 14.06
N ASN D 144 43.27 -9.52 14.79
CA ASN D 144 43.43 -9.50 16.25
C ASN D 144 44.89 -9.43 16.67
N MET D 145 45.64 -8.59 15.98
CA MET D 145 47.02 -8.31 16.33
C MET D 145 47.15 -6.93 16.95
N PRO D 146 48.26 -6.70 17.67
CA PRO D 146 48.48 -5.37 18.23
C PRO D 146 48.60 -4.29 17.14
N ALA D 147 48.33 -3.04 17.50
CA ALA D 147 48.48 -1.94 16.55
C ALA D 147 49.95 -1.76 16.16
N GLU D 148 50.19 -1.25 14.96
CA GLU D 148 51.56 -0.91 14.59
C GLU D 148 51.63 0.09 13.44
N LEU D 149 52.73 0.82 13.36
CA LEU D 149 52.88 1.83 12.32
C LEU D 149 53.99 1.42 11.35
N PRO D 150 53.80 1.73 10.07
CA PRO D 150 54.84 1.43 9.07
C PRO D 150 56.09 2.27 9.33
N LYS D 151 57.28 1.79 8.98
CA LYS D 151 58.52 2.52 9.19
C LYS D 151 59.14 2.82 7.84
N PRO D 152 59.95 3.88 7.75
CA PRO D 152 60.61 4.17 6.47
C PRO D 152 61.54 3.01 6.06
N SER D 153 61.60 2.69 4.77
CA SER D 153 62.47 1.63 4.27
C SER D 153 62.84 1.92 2.83
N ASP D 154 63.38 0.90 2.14
CA ASP D 154 63.81 1.06 0.77
C ASP D 154 62.61 1.28 -0.17
N SER D 155 61.45 0.76 0.19
CA SER D 155 60.26 0.91 -0.64
C SER D 155 58.99 1.06 0.19
N TYR D 156 58.09 1.90 -0.30
CA TYR D 156 56.74 2.03 0.23
C TYR D 156 56.05 0.66 0.36
N ALA D 157 56.18 -0.19 -0.65
CA ALA D 157 55.62 -1.54 -0.61
C ALA D 157 56.23 -2.33 0.56
N GLU D 158 57.54 -2.23 0.73
CA GLU D 158 58.20 -2.95 1.80
C GLU D 158 57.75 -2.42 3.17
N SER D 159 57.62 -1.12 3.27
CA SER D 159 57.22 -0.53 4.54
C SER D 159 55.83 -1.03 4.91
N PHE D 160 54.93 -1.06 3.94
CA PHE D 160 53.58 -1.55 4.21
C PHE D 160 53.57 -3.03 4.63
N LEU D 161 54.19 -3.90 3.83
CA LEU D 161 54.14 -5.35 4.13
C LEU D 161 54.74 -5.69 5.50
N ASN D 162 55.91 -5.13 5.80
CA ASN D 162 56.62 -5.44 7.04
C ASN D 162 55.80 -5.07 8.26
N ALA D 163 55.17 -3.91 8.22
CA ALA D 163 54.33 -3.48 9.32
C ALA D 163 53.03 -4.31 9.37
N ALA D 164 52.47 -4.63 8.19
CA ALA D 164 51.23 -5.40 8.16
C ALA D 164 51.40 -6.80 8.79
N PHE D 165 52.46 -7.52 8.44
CA PHE D 165 52.67 -8.91 8.88
C PHE D 165 53.57 -9.05 10.13
N GLY D 166 54.30 -7.99 10.47
CA GLY D 166 55.22 -8.00 11.60
C GLY D 166 56.45 -8.87 11.35
N ARG D 167 56.84 -8.94 10.08
CA ARG D 167 58.03 -9.69 9.68
C ARG D 167 58.65 -8.97 8.50
N LYS D 168 59.86 -9.38 8.12
CA LYS D 168 60.47 -8.86 6.91
C LYS D 168 60.02 -9.65 5.67
N ALA D 169 59.33 -8.95 4.78
CA ALA D 169 58.84 -9.56 3.56
C ALA D 169 59.99 -9.87 2.60
N THR D 170 59.82 -10.92 1.81
CA THR D 170 60.81 -11.32 0.80
C THR D 170 60.82 -10.36 -0.39
N LYS D 171 61.85 -10.45 -1.20
CA LYS D 171 61.95 -9.60 -2.38
C LYS D 171 60.76 -9.86 -3.29
N GLU D 172 60.40 -11.14 -3.45
CA GLU D 172 59.27 -11.54 -4.28
C GLU D 172 57.98 -10.94 -3.76
N GLU D 173 57.78 -11.04 -2.46
CA GLU D 173 56.59 -10.52 -1.84
C GLU D 173 56.53 -8.99 -2.03
N ILE D 174 57.63 -8.30 -1.73
CA ILE D 174 57.70 -6.85 -1.87
C ILE D 174 57.46 -6.42 -3.32
N ASP D 175 58.13 -7.08 -4.25
CA ASP D 175 57.95 -6.75 -5.66
C ASP D 175 56.51 -6.92 -6.15
N ALA D 176 55.88 -8.03 -5.76
CA ALA D 176 54.50 -8.30 -6.11
C ALA D 176 53.57 -7.22 -5.56
N MET D 177 53.79 -6.81 -4.30
CA MET D 177 52.93 -5.76 -3.73
C MET D 177 53.15 -4.44 -4.44
N ASN D 178 54.41 -4.18 -4.78
CA ASN D 178 54.76 -2.98 -5.50
C ASN D 178 54.03 -2.94 -6.85
N THR D 179 54.03 -4.07 -7.56
CA THR D 179 53.34 -4.14 -8.85
C THR D 179 51.84 -3.93 -8.69
N ALA D 180 51.23 -4.57 -7.69
CA ALA D 180 49.79 -4.40 -7.45
C ALA D 180 49.40 -2.95 -7.18
N LEU D 181 50.20 -2.27 -6.33
CA LEU D 181 49.94 -0.85 -6.03
C LEU D 181 49.95 -0.05 -7.33
N ILE D 182 50.89 -0.34 -8.20
CA ILE D 182 50.96 0.36 -9.48
C ILE D 182 49.73 0.07 -10.34
N LEU D 183 49.38 -1.22 -10.48
CA LEU D 183 48.31 -1.65 -11.37
C LEU D 183 46.94 -1.16 -10.95
N TYR D 184 46.70 -0.89 -9.65
CA TYR D 184 45.36 -0.49 -9.24
C TYR D 184 45.24 0.99 -9.02
N THR D 185 46.27 1.73 -9.43
CA THR D 185 46.35 3.17 -9.15
C THR D 185 45.19 3.96 -9.71
N ASP D 186 44.81 3.68 -10.96
CA ASP D 186 43.71 4.42 -11.55
C ASP D 186 43.14 3.70 -12.76
N HIS D 187 41.87 3.97 -13.07
CA HIS D 187 41.20 3.35 -14.22
C HIS D 187 39.85 4.02 -14.46
N GLU D 188 39.73 4.77 -15.53
CA GLU D 188 38.50 5.48 -15.84
C GLU D 188 37.98 6.35 -14.68
N VAL D 189 36.67 6.38 -14.54
CA VAL D 189 36.01 7.13 -13.49
C VAL D 189 34.91 6.30 -12.83
N PRO D 190 35.30 5.25 -12.08
CA PRO D 190 34.30 4.35 -11.47
C PRO D 190 33.51 5.05 -10.35
N ALA D 191 32.57 4.35 -9.71
CA ALA D 191 31.68 4.98 -8.72
C ALA D 191 32.45 5.62 -7.58
N SER D 192 33.58 5.03 -7.21
CA SER D 192 34.37 5.55 -6.09
C SER D 192 34.95 6.90 -6.43
N THR D 193 35.67 6.97 -7.55
CA THR D 193 36.23 8.24 -7.98
C THR D 193 35.13 9.30 -8.11
N THR D 194 33.99 8.87 -8.63
CA THR D 194 32.86 9.75 -8.89
C THR D 194 32.25 10.31 -7.62
N ALA D 195 32.07 9.48 -6.59
CA ALA D 195 31.48 9.95 -5.35
C ALA D 195 32.39 10.98 -4.69
N GLY D 196 33.69 10.74 -4.72
CA GLY D 196 34.69 11.66 -4.18
C GLY D 196 34.72 12.97 -4.94
N LEU D 197 34.53 12.88 -6.26
CA LEU D 197 34.50 14.08 -7.08
C LEU D 197 33.28 14.93 -6.72
N VAL D 198 32.16 14.28 -6.43
CA VAL D 198 30.95 15.02 -6.09
C VAL D 198 31.19 15.75 -4.77
N ALA D 199 31.91 15.09 -3.87
CA ALA D 199 32.18 15.64 -2.55
C ALA D 199 33.14 16.84 -2.59
N VAL D 200 34.25 16.70 -3.32
CA VAL D 200 35.20 17.81 -3.40
C VAL D 200 34.66 18.96 -4.24
N SER D 201 33.64 18.69 -5.05
CA SER D 201 33.04 19.73 -5.91
C SER D 201 32.35 20.81 -5.06
N THR D 202 32.08 20.48 -3.80
CA THR D 202 31.55 21.46 -2.83
C THR D 202 32.70 22.17 -2.14
N LEU D 203 33.91 21.83 -2.58
CA LEU D 203 35.16 22.27 -1.95
C LEU D 203 35.31 21.62 -0.59
N SER D 204 34.59 20.52 -0.35
CA SER D 204 34.83 19.72 0.84
C SER D 204 36.29 19.22 0.78
N ASP D 205 36.83 18.89 1.94
CA ASP D 205 38.23 18.58 2.06
C ASP D 205 38.60 17.26 1.42
N MET D 206 39.88 17.12 1.11
CA MET D 206 40.45 15.93 0.50
C MET D 206 40.08 14.63 1.21
N TYR D 207 40.06 14.64 2.54
CA TYR D 207 39.79 13.42 3.31
C TYR D 207 38.34 13.00 3.18
N SER D 208 37.45 13.98 3.24
CA SER D 208 36.05 13.73 3.03
C SER D 208 35.82 13.18 1.63
N GLY D 209 36.58 13.68 0.65
CA GLY D 209 36.49 13.19 -0.70
C GLY D 209 36.84 11.72 -0.73
N ILE D 210 37.92 11.36 -0.07
CA ILE D 210 38.32 9.95 -0.03
C ILE D 210 37.26 9.14 0.72
N THR D 211 36.70 9.72 1.78
CA THR D 211 35.72 9.00 2.56
C THR D 211 34.55 8.61 1.65
N ALA D 212 34.08 9.55 0.83
CA ALA D 212 32.96 9.27 -0.08
C ALA D 212 33.36 8.22 -1.09
N ALA D 213 34.62 8.25 -1.56
CA ALA D 213 35.10 7.24 -2.51
C ALA D 213 35.00 5.85 -1.90
N LEU D 214 35.40 5.74 -0.64
CA LEU D 214 35.34 4.46 0.09
C LEU D 214 33.89 4.02 0.29
N ALA D 215 32.99 4.98 0.51
CA ALA D 215 31.59 4.67 0.69
C ALA D 215 31.05 3.98 -0.56
N ALA D 216 31.42 4.47 -1.73
CA ALA D 216 30.94 3.85 -2.97
C ALA D 216 31.62 2.49 -3.20
N LEU D 217 32.92 2.40 -2.93
CA LEU D 217 33.66 1.16 -3.17
C LEU D 217 33.15 0.02 -2.32
N LYS D 218 32.59 0.32 -1.17
CA LYS D 218 32.10 -0.74 -0.31
C LYS D 218 31.05 -1.65 -1.00
N GLY D 219 30.23 -1.06 -1.87
CA GLY D 219 29.15 -1.81 -2.52
C GLY D 219 29.62 -2.97 -3.39
N PRO D 220 28.83 -4.07 -3.41
CA PRO D 220 29.17 -5.30 -4.14
C PRO D 220 29.28 -5.15 -5.67
N LEU D 221 28.83 -4.02 -6.24
CA LEU D 221 28.97 -3.77 -7.68
C LEU D 221 30.29 -3.05 -8.00
N HIS D 222 31.08 -2.83 -6.97
CA HIS D 222 32.36 -2.16 -7.06
C HIS D 222 33.45 -2.96 -6.38
N GLY D 223 33.34 -3.12 -5.07
CA GLY D 223 34.29 -3.87 -4.27
C GLY D 223 34.04 -5.38 -4.30
N GLY D 224 34.94 -6.15 -3.70
CA GLY D 224 34.75 -7.57 -3.57
C GLY D 224 34.99 -8.40 -4.83
N ALA D 225 35.48 -7.77 -5.89
CA ALA D 225 35.66 -8.48 -7.17
C ALA D 225 36.77 -9.54 -7.11
N ALA D 226 37.89 -9.22 -6.47
CA ALA D 226 38.96 -10.21 -6.29
C ALA D 226 38.48 -11.38 -5.43
N GLU D 227 37.75 -11.04 -4.37
CA GLU D 227 37.23 -12.02 -3.44
C GLU D 227 36.20 -12.89 -4.13
N ALA D 228 35.39 -12.30 -5.00
CA ALA D 228 34.37 -13.07 -5.73
C ALA D 228 35.02 -14.11 -6.63
N ALA D 229 36.19 -13.80 -7.21
CA ALA D 229 36.90 -14.77 -8.05
C ALA D 229 37.51 -15.90 -7.19
N ILE D 230 38.07 -15.56 -6.03
CA ILE D 230 38.61 -16.59 -5.15
C ILE D 230 37.50 -17.54 -4.64
N ALA D 231 36.38 -16.99 -4.21
CA ALA D 231 35.28 -17.85 -3.75
C ALA D 231 34.80 -18.84 -4.84
N GLN D 232 34.81 -18.36 -6.08
CA GLN D 232 34.41 -19.19 -7.20
C GLN D 232 35.37 -20.35 -7.36
N PHE D 233 36.66 -20.10 -7.28
CA PHE D 233 37.65 -21.14 -7.39
C PHE D 233 37.48 -22.15 -6.27
N ASP D 234 37.09 -21.72 -5.10
CA ASP D 234 36.89 -22.60 -3.97
C ASP D 234 35.64 -23.47 -4.08
N GLU D 235 34.73 -23.12 -4.96
CA GLU D 235 33.55 -23.92 -5.19
C GLU D 235 33.98 -25.17 -5.91
N ILE D 236 35.10 -25.11 -6.61
CA ILE D 236 35.63 -26.27 -7.35
C ILE D 236 36.57 -27.12 -6.46
N LYS D 237 36.35 -28.43 -6.39
CA LYS D 237 37.26 -29.28 -5.61
C LYS D 237 38.72 -29.24 -6.08
N ASP D 238 38.96 -29.85 -7.22
CA ASP D 238 40.27 -29.89 -7.87
C ASP D 238 40.12 -29.46 -9.33
N PRO D 239 41.24 -29.42 -10.08
CA PRO D 239 41.08 -29.01 -11.47
C PRO D 239 40.27 -29.99 -12.36
N ALA D 240 40.25 -31.29 -12.07
CA ALA D 240 39.48 -32.25 -12.89
C ALA D 240 37.96 -32.04 -12.79
N MET D 241 37.54 -31.28 -11.79
CA MET D 241 36.12 -31.01 -11.56
C MET D 241 35.70 -29.72 -12.25
N VAL D 242 36.65 -29.04 -12.88
CA VAL D 242 36.38 -27.72 -13.46
C VAL D 242 35.29 -27.83 -14.55
N GLU D 243 35.44 -28.80 -15.46
CA GLU D 243 34.51 -28.90 -16.57
C GLU D 243 33.07 -29.13 -16.13
N LYS D 244 32.84 -30.07 -15.21
CA LYS D 244 31.50 -30.28 -14.69
C LYS D 244 30.94 -29.01 -14.05
N TRP D 245 31.75 -28.35 -13.24
CA TRP D 245 31.33 -27.10 -12.59
C TRP D 245 30.98 -26.02 -13.61
N PHE D 246 31.85 -25.84 -14.60
CA PHE D 246 31.61 -24.86 -15.66
C PHE D 246 30.33 -25.17 -16.43
N ASN D 247 30.16 -26.44 -16.80
CA ASN D 247 28.94 -26.81 -17.51
C ASN D 247 27.70 -26.59 -16.66
N ASP D 248 27.72 -27.04 -15.40
CA ASP D 248 26.54 -26.95 -14.55
C ASP D 248 26.20 -25.52 -14.13
N ASN D 249 27.21 -24.64 -14.04
CA ASN D 249 26.99 -23.33 -13.44
C ASN D 249 27.02 -22.19 -14.44
N ILE D 250 27.86 -22.30 -15.46
CA ILE D 250 27.99 -21.19 -16.39
C ILE D 250 27.22 -21.48 -17.68
N ILE D 251 27.58 -22.55 -18.39
CA ILE D 251 26.89 -22.84 -19.65
C ILE D 251 25.40 -23.17 -19.47
N ASN D 252 25.11 -24.13 -18.61
CA ASN D 252 23.74 -24.55 -18.35
C ASN D 252 23.08 -23.94 -17.11
N GLY D 253 23.87 -23.27 -16.27
CA GLY D 253 23.35 -22.63 -15.07
C GLY D 253 23.24 -21.13 -15.16
N LYS D 254 22.71 -20.51 -14.11
CA LYS D 254 22.55 -19.07 -14.10
C LYS D 254 23.77 -18.26 -13.57
N LYS D 255 24.60 -18.84 -12.69
CA LYS D 255 25.76 -18.13 -12.14
C LYS D 255 26.67 -17.37 -13.15
N ARG D 256 27.35 -16.35 -12.64
CA ARG D 256 28.30 -15.56 -13.43
C ARG D 256 29.75 -16.05 -13.33
N LEU D 257 30.48 -15.95 -14.44
CA LEU D 257 31.91 -16.26 -14.38
C LEU D 257 32.64 -15.08 -13.72
N MET D 258 33.14 -15.29 -12.50
CA MET D 258 33.79 -14.21 -11.78
C MET D 258 35.20 -13.91 -12.34
N GLY D 259 35.51 -12.63 -12.51
CA GLY D 259 36.82 -12.21 -12.99
C GLY D 259 37.00 -12.18 -14.49
N PHE D 260 35.90 -12.35 -15.22
CA PHE D 260 35.87 -12.25 -16.69
C PHE D 260 35.02 -11.06 -17.13
N GLY D 261 35.35 -10.48 -18.29
CA GLY D 261 34.55 -9.40 -18.85
C GLY D 261 34.90 -8.04 -18.27
N HIS D 262 34.65 -6.99 -19.05
CA HIS D 262 34.95 -5.63 -18.59
C HIS D 262 34.20 -4.59 -19.42
N ARG D 263 33.85 -3.45 -18.82
CA ARG D 263 33.14 -2.42 -19.59
C ARG D 263 34.04 -1.81 -20.70
N VAL D 264 35.37 -1.86 -20.53
CA VAL D 264 36.23 -1.29 -21.58
C VAL D 264 37.05 -2.36 -22.29
N TYR D 265 37.66 -3.28 -21.56
CA TYR D 265 38.49 -4.27 -22.25
C TYR D 265 37.65 -5.29 -23.02
N LYS D 266 37.82 -5.31 -24.34
CA LYS D 266 37.20 -6.34 -25.18
C LYS D 266 38.27 -7.38 -25.53
N THR D 267 39.33 -7.37 -24.73
CA THR D 267 40.41 -8.34 -24.86
C THR D 267 40.98 -8.60 -23.45
N TYR D 268 42.05 -9.39 -23.40
CA TYR D 268 42.71 -9.68 -22.13
C TYR D 268 43.12 -8.37 -21.43
N ASP D 269 42.74 -8.23 -20.16
CA ASP D 269 43.10 -7.09 -19.34
C ASP D 269 44.64 -7.02 -19.17
N PRO D 270 45.27 -5.89 -19.55
CA PRO D 270 46.72 -5.78 -19.38
C PRO D 270 47.16 -5.97 -17.90
N ARG D 271 46.32 -5.56 -16.96
CA ARG D 271 46.59 -5.79 -15.54
C ARG D 271 46.52 -7.28 -15.21
N ALA D 272 45.56 -7.98 -15.85
CA ALA D 272 45.44 -9.41 -15.66
C ALA D 272 46.63 -10.18 -16.26
N LYS D 273 47.14 -9.74 -17.41
CA LYS D 273 48.29 -10.40 -18.03
C LYS D 273 49.48 -10.37 -17.06
N ILE D 274 49.68 -9.20 -16.44
CA ILE D 274 50.77 -9.02 -15.49
C ILE D 274 50.50 -9.80 -14.20
N PHE D 275 49.28 -9.77 -13.68
CA PHE D 275 48.98 -10.50 -12.45
C PHE D 275 49.10 -12.04 -12.59
N LYS D 276 48.72 -12.60 -13.73
CA LYS D 276 48.83 -14.05 -13.89
C LYS D 276 50.28 -14.52 -13.70
N GLY D 277 51.23 -13.79 -14.30
CA GLY D 277 52.63 -14.16 -14.18
C GLY D 277 53.11 -14.16 -12.73
N ILE D 278 52.75 -13.11 -11.99
CA ILE D 278 53.15 -13.02 -10.59
C ILE D 278 52.50 -14.13 -9.77
N ALA D 279 51.23 -14.39 -10.04
CA ALA D 279 50.49 -15.43 -9.35
C ALA D 279 51.11 -16.82 -9.54
N GLU D 280 51.59 -17.09 -10.76
CA GLU D 280 52.17 -18.38 -11.06
C GLU D 280 53.46 -18.61 -10.26
N LYS D 281 54.35 -17.60 -10.30
CA LYS D 281 55.64 -17.70 -9.63
C LYS D 281 55.49 -17.81 -8.12
N LEU D 282 54.72 -16.91 -7.52
CA LEU D 282 54.58 -16.87 -6.07
C LEU D 282 53.82 -18.05 -5.51
N SER D 283 52.85 -18.57 -6.27
CA SER D 283 52.02 -19.67 -5.76
C SER D 283 52.71 -21.03 -5.86
N SER D 284 53.70 -21.14 -6.74
CA SER D 284 54.30 -22.44 -7.04
C SER D 284 54.97 -23.09 -5.82
N LYS D 285 55.41 -22.27 -4.87
CA LYS D 285 56.09 -22.79 -3.68
C LYS D 285 55.23 -22.78 -2.43
N LYS D 286 53.98 -22.35 -2.58
CA LYS D 286 53.03 -22.41 -1.48
C LYS D 286 51.91 -23.33 -1.93
N PRO D 287 51.98 -24.61 -1.50
CA PRO D 287 51.10 -25.67 -2.02
C PRO D 287 49.61 -25.34 -2.02
N GLU D 288 49.08 -24.83 -0.90
CA GLU D 288 47.64 -24.60 -0.80
C GLU D 288 47.18 -23.55 -1.80
N VAL D 289 48.05 -22.56 -2.06
CA VAL D 289 47.75 -21.50 -3.00
C VAL D 289 47.94 -21.94 -4.46
N HIS D 290 48.97 -22.76 -4.71
CA HIS D 290 49.20 -23.27 -6.05
C HIS D 290 48.01 -24.06 -6.57
N LYS D 291 47.33 -24.76 -5.67
CA LYS D 291 46.14 -25.51 -6.07
C LYS D 291 45.07 -24.56 -6.58
N VAL D 292 44.93 -23.40 -5.94
CA VAL D 292 43.96 -22.43 -6.40
C VAL D 292 44.32 -21.94 -7.80
N TYR D 293 45.61 -21.73 -8.05
CA TYR D 293 46.07 -21.27 -9.37
C TYR D 293 45.77 -22.31 -10.47
N GLU D 294 46.00 -23.58 -10.19
CA GLU D 294 45.71 -24.63 -11.19
C GLU D 294 44.21 -24.74 -11.50
N ILE D 295 43.37 -24.60 -10.48
CA ILE D 295 41.94 -24.49 -10.70
C ILE D 295 41.64 -23.26 -11.53
N ALA D 296 42.24 -22.13 -11.17
CA ALA D 296 41.96 -20.87 -11.86
C ALA D 296 42.32 -20.94 -13.33
N THR D 297 43.49 -21.50 -13.62
CA THR D 297 43.95 -21.57 -14.99
C THR D 297 43.14 -22.57 -15.80
N LYS D 298 42.75 -23.70 -15.19
CA LYS D 298 41.93 -24.66 -15.94
C LYS D 298 40.56 -24.05 -16.21
N LEU D 299 40.02 -23.32 -15.24
CA LEU D 299 38.79 -22.61 -15.48
C LEU D 299 38.96 -21.56 -16.58
N GLU D 300 40.12 -20.90 -16.60
CA GLU D 300 40.41 -19.83 -17.55
C GLU D 300 40.27 -20.28 -19.02
N ASP D 301 40.75 -21.48 -19.32
CA ASP D 301 40.64 -22.01 -20.70
C ASP D 301 39.20 -22.19 -21.16
N PHE D 302 38.36 -22.69 -20.24
CA PHE D 302 36.96 -22.89 -20.52
C PHE D 302 36.28 -21.56 -20.78
N GLY D 303 36.69 -20.57 -20.00
CA GLY D 303 36.14 -19.24 -20.11
C GLY D 303 36.49 -18.58 -21.42
N ILE D 304 37.73 -18.71 -21.82
CA ILE D 304 38.14 -18.10 -23.08
C ILE D 304 37.52 -18.84 -24.27
N LYS D 305 37.44 -20.16 -24.22
CA LYS D 305 36.80 -20.90 -25.32
C LYS D 305 35.35 -20.51 -25.44
N ALA D 306 34.68 -20.31 -24.30
CA ALA D 306 33.26 -20.00 -24.31
C ALA D 306 32.94 -18.54 -24.65
N PHE D 307 33.70 -17.60 -24.08
CA PHE D 307 33.33 -16.19 -24.17
C PHE D 307 34.37 -15.31 -24.88
N GLY D 308 35.53 -15.87 -25.19
CA GLY D 308 36.61 -15.09 -25.78
C GLY D 308 36.23 -14.42 -27.08
N SER D 309 35.41 -15.10 -27.88
CA SER D 309 35.04 -14.58 -29.17
C SER D 309 34.08 -13.39 -29.03
N LYS D 310 33.38 -13.29 -27.90
CA LYS D 310 32.42 -12.21 -27.70
C LYS D 310 33.01 -11.01 -26.93
N GLY D 311 34.34 -10.94 -26.91
CA GLY D 311 35.07 -9.89 -26.22
C GLY D 311 35.07 -9.97 -24.70
N ILE D 312 34.84 -11.16 -24.17
CA ILE D 312 34.88 -11.37 -22.72
C ILE D 312 36.11 -12.18 -22.30
N TYR D 313 37.05 -11.52 -21.61
CA TYR D 313 38.30 -12.16 -21.16
C TYR D 313 38.55 -11.98 -19.67
N PRO D 314 39.52 -12.72 -19.14
CA PRO D 314 39.91 -12.49 -17.74
C PRO D 314 40.24 -11.03 -17.46
N ASN D 315 39.68 -10.48 -16.37
CA ASN D 315 40.01 -9.11 -16.00
C ASN D 315 40.98 -9.12 -14.83
N THR D 316 41.32 -7.94 -14.36
CA THR D 316 42.37 -7.75 -13.35
C THR D 316 42.12 -8.56 -12.08
N ASP D 317 40.86 -8.81 -11.77
CA ASP D 317 40.55 -9.45 -10.50
C ASP D 317 40.45 -10.97 -10.57
N TYR D 318 40.74 -11.53 -11.73
CA TYR D 318 40.76 -12.96 -11.90
C TYR D 318 41.97 -13.60 -11.19
N PHE D 319 43.14 -12.96 -11.26
CA PHE D 319 44.32 -13.53 -10.61
C PHE D 319 44.83 -12.72 -9.41
N SER D 320 44.32 -11.50 -9.24
CA SER D 320 44.87 -10.61 -8.20
C SER D 320 44.73 -11.21 -6.80
N GLY D 321 43.60 -11.89 -6.56
CA GLY D 321 43.35 -12.56 -5.30
C GLY D 321 44.43 -13.60 -5.00
N ILE D 322 44.85 -14.30 -6.05
CA ILE D 322 45.92 -15.29 -5.91
C ILE D 322 47.24 -14.62 -5.55
N VAL D 323 47.51 -13.47 -6.14
CA VAL D 323 48.74 -12.74 -5.83
C VAL D 323 48.78 -12.30 -4.36
N TYR D 324 47.67 -11.73 -3.90
CA TYR D 324 47.49 -11.31 -2.52
C TYR D 324 47.61 -12.44 -1.50
N MET D 325 47.01 -13.58 -1.84
CA MET D 325 47.03 -14.73 -0.95
C MET D 325 48.46 -15.25 -0.80
N SER D 326 49.21 -15.21 -1.90
CA SER D 326 50.61 -15.64 -1.93
C SER D 326 51.50 -14.73 -1.10
N ILE D 327 51.26 -13.44 -1.20
CA ILE D 327 51.98 -12.48 -0.39
C ILE D 327 51.73 -12.79 1.08
N GLY D 328 50.48 -13.14 1.41
CA GLY D 328 50.12 -13.56 2.74
C GLY D 328 48.79 -13.03 3.27
N PHE D 329 48.01 -12.35 2.42
CA PHE D 329 46.74 -11.77 2.84
C PHE D 329 45.55 -12.72 2.61
N PRO D 330 44.69 -12.87 3.63
CA PRO D 330 43.57 -13.82 3.61
C PRO D 330 42.29 -13.31 2.93
N LEU D 331 41.33 -14.21 2.74
CA LEU D 331 40.09 -13.88 2.03
C LEU D 331 39.10 -13.05 2.88
N ARG D 332 39.08 -13.32 4.18
CA ARG D 332 38.12 -12.74 5.13
C ARG D 332 38.04 -11.21 5.16
N ASN D 333 36.84 -10.70 5.43
CA ASN D 333 36.63 -9.25 5.64
C ASN D 333 36.91 -8.42 4.41
N ASN D 334 36.98 -9.07 3.25
CA ASN D 334 37.29 -8.39 1.99
C ASN D 334 38.56 -7.55 2.06
N ILE D 335 39.61 -8.15 2.63
CA ILE D 335 40.88 -7.45 2.77
C ILE D 335 41.40 -7.04 1.36
N TYR D 336 41.09 -7.82 0.31
CA TYR D 336 41.57 -7.48 -1.04
C TYR D 336 41.02 -6.15 -1.53
N THR D 337 39.78 -5.86 -1.20
CA THR D 337 39.16 -4.59 -1.56
C THR D 337 39.80 -3.41 -0.82
N ALA D 338 40.27 -3.63 0.41
CA ALA D 338 41.02 -2.61 1.15
C ALA D 338 42.39 -2.36 0.52
N LEU D 339 43.03 -3.41 0.02
CA LEU D 339 44.31 -3.26 -0.65
C LEU D 339 44.11 -2.46 -1.94
N PHE D 340 42.97 -2.68 -2.58
CA PHE D 340 42.62 -1.88 -3.75
C PHE D 340 42.47 -0.40 -3.36
N ALA D 341 41.77 -0.14 -2.27
CA ALA D 341 41.60 1.22 -1.81
C ALA D 341 42.98 1.82 -1.52
N LEU D 342 43.87 0.99 -0.98
CA LEU D 342 45.23 1.43 -0.67
C LEU D 342 45.90 1.93 -1.94
N SER D 343 45.75 1.19 -3.03
CA SER D 343 46.38 1.64 -4.26
C SER D 343 45.66 2.82 -4.86
N ARG D 344 44.35 2.70 -4.93
CA ARG D 344 43.50 3.62 -5.67
C ARG D 344 43.48 5.03 -5.04
N VAL D 345 43.86 5.13 -3.76
CA VAL D 345 43.86 6.43 -3.05
C VAL D 345 44.73 7.46 -3.77
N THR D 346 45.75 6.96 -4.47
CA THR D 346 46.58 7.82 -5.30
C THR D 346 45.78 8.41 -6.45
N GLY D 347 45.11 7.52 -7.20
CA GLY D 347 44.25 7.92 -8.31
C GLY D 347 43.13 8.85 -7.88
N TRP D 348 42.49 8.53 -6.74
CA TRP D 348 41.41 9.36 -6.20
C TRP D 348 41.88 10.79 -5.99
N GLN D 349 42.94 10.97 -5.22
CA GLN D 349 43.41 12.34 -4.89
C GLN D 349 43.86 13.13 -6.11
N ALA D 350 44.55 12.45 -7.03
CA ALA D 350 45.01 13.10 -8.26
C ALA D 350 43.81 13.62 -9.04
N HIS D 351 42.77 12.82 -9.13
CA HIS D 351 41.54 13.27 -9.76
C HIS D 351 40.87 14.44 -9.02
N PHE D 352 40.87 14.41 -7.68
CA PHE D 352 40.26 15.49 -6.91
C PHE D 352 41.01 16.79 -7.17
N ILE D 353 42.33 16.69 -7.16
CA ILE D 353 43.21 17.83 -7.38
C ILE D 353 42.98 18.41 -8.80
N GLU D 354 42.95 17.54 -9.79
CA GLU D 354 42.68 17.93 -11.17
C GLU D 354 41.33 18.70 -11.27
N TYR D 355 40.34 18.21 -10.53
CA TYR D 355 39.01 18.78 -10.58
C TYR D 355 38.92 20.14 -9.91
N VAL D 356 39.28 20.19 -8.63
CA VAL D 356 39.16 21.42 -7.85
C VAL D 356 40.09 22.55 -8.33
N GLU D 357 41.34 22.22 -8.66
CA GLU D 357 42.33 23.23 -9.06
C GLU D 357 42.08 23.83 -10.45
N GLU D 358 41.59 23.04 -11.42
CA GLU D 358 41.52 23.51 -12.80
C GLU D 358 40.16 23.44 -13.51
N GLN D 359 39.16 22.81 -12.93
CA GLN D 359 37.86 22.74 -13.61
C GLN D 359 36.77 22.66 -12.58
N GLN D 360 36.96 23.34 -11.47
CA GLN D 360 36.05 23.34 -10.34
C GLN D 360 34.63 23.82 -10.72
N ARG D 361 33.65 22.99 -10.39
CA ARG D 361 32.26 23.32 -10.57
C ARG D 361 31.41 22.50 -9.59
N LEU D 362 30.53 23.18 -8.84
CA LEU D 362 29.62 22.51 -7.91
C LEU D 362 28.73 21.54 -8.67
N ILE D 363 28.74 20.30 -8.24
CA ILE D 363 27.94 19.26 -8.88
C ILE D 363 26.53 19.22 -8.30
N ARG D 364 25.54 19.40 -9.18
CA ARG D 364 24.12 19.48 -8.80
C ARG D 364 23.19 19.11 -9.96
N PRO D 365 23.00 17.82 -10.17
CA PRO D 365 22.13 17.35 -11.26
C PRO D 365 20.64 17.59 -10.97
N ARG D 366 19.78 17.12 -11.87
CA ARG D 366 18.34 17.30 -11.72
C ARG D 366 17.66 15.96 -11.55
N ALA D 367 16.43 16.03 -11.06
CA ALA D 367 15.58 14.86 -11.04
C ALA D 367 14.32 15.22 -11.82
N VAL D 368 13.86 14.28 -12.64
CA VAL D 368 12.60 14.45 -13.36
C VAL D 368 11.46 14.12 -12.37
N TYR D 369 10.53 15.05 -12.19
CA TYR D 369 9.40 14.82 -11.26
C TYR D 369 8.27 14.01 -11.91
N VAL D 370 7.92 12.88 -11.28
CA VAL D 370 6.84 12.01 -11.77
C VAL D 370 5.88 11.61 -10.62
N GLY D 371 5.86 12.44 -9.58
CA GLY D 371 5.11 12.13 -8.38
C GLY D 371 3.75 12.77 -8.48
N PRO D 372 3.03 12.82 -7.35
CA PRO D 372 1.65 13.33 -7.27
C PRO D 372 1.47 14.77 -7.72
N ALA D 373 0.35 15.03 -8.37
CA ALA D 373 -0.02 16.39 -8.67
C ALA D 373 -0.35 17.10 -7.36
N GLU D 374 -0.45 18.41 -7.44
CA GLU D 374 -0.80 19.25 -6.30
C GLU D 374 -2.07 18.77 -5.58
N ARG D 375 -2.02 18.73 -4.25
CA ARG D 375 -3.21 18.38 -3.47
C ARG D 375 -3.23 19.10 -2.14
N LYS D 376 -4.44 19.28 -1.58
CA LYS D 376 -4.60 19.97 -0.29
C LYS D 376 -4.22 19.10 0.90
N TYR D 377 -3.48 19.68 1.86
CA TYR D 377 -3.09 18.94 3.06
C TYR D 377 -4.25 18.67 4.03
N VAL D 378 -4.33 17.43 4.49
CA VAL D 378 -5.37 17.00 5.42
C VAL D 378 -4.79 16.70 6.79
N PRO D 379 -5.20 17.47 7.82
CA PRO D 379 -4.75 17.21 9.20
C PRO D 379 -5.05 15.77 9.60
N ILE D 380 -4.15 15.15 10.37
CA ILE D 380 -4.30 13.74 10.67
C ILE D 380 -5.65 13.44 11.37
N ALA D 381 -6.13 14.39 12.17
CA ALA D 381 -7.41 14.25 12.88
C ALA D 381 -8.59 13.97 11.93
N GLU D 382 -8.54 14.52 10.71
CA GLU D 382 -9.63 14.34 9.74
C GLU D 382 -9.29 13.43 8.57
N ARG D 383 -8.34 12.52 8.75
CA ARG D 383 -7.93 11.58 7.70
C ARG D 383 -8.81 10.35 7.75
N LYS D 384 -9.25 10.01 8.96
CA LYS D 384 -10.21 8.91 9.13
C LYS D 384 -11.59 9.35 8.74
N VAL D 385 -12.02 8.88 7.56
CA VAL D 385 -13.31 9.29 7.02
C VAL D 385 -14.42 8.46 7.62
N ASP D 386 -15.43 9.14 8.11
CA ASP D 386 -16.62 8.47 8.52
C ASP D 386 -17.45 8.24 7.26
N LYS D 387 -17.50 7.00 6.79
CA LYS D 387 -18.21 6.72 5.54
C LYS D 387 -19.66 7.12 5.69
N LEU D 388 -20.24 6.81 6.85
CA LEU D 388 -21.66 7.06 7.06
C LEU D 388 -21.92 8.55 7.00
N ALA D 389 -21.03 9.34 7.60
CA ALA D 389 -21.18 10.79 7.59
C ALA D 389 -21.05 11.35 6.18
N ALA D 390 -20.08 10.83 5.44
CA ALA D 390 -19.86 11.25 4.06
C ALA D 390 -21.06 10.89 3.16
N ALA D 391 -21.55 9.66 3.28
CA ALA D 391 -22.66 9.23 2.47
C ALA D 391 -23.92 10.04 2.78
N LEU D 392 -24.13 10.35 4.06
CA LEU D 392 -25.30 11.09 4.52
C LEU D 392 -25.28 12.56 4.11
N GLU D 393 -24.12 13.00 3.64
CA GLU D 393 -23.92 14.41 3.35
C GLU D 393 -24.91 14.91 2.31
N HIS D 394 -25.21 14.10 1.29
CA HIS D 394 -26.15 14.53 0.28
C HIS D 394 -27.24 13.50 0.10
N HIS D 395 -27.73 12.99 1.22
CA HIS D 395 -28.78 11.98 1.23
C HIS D 395 -30.08 12.54 1.79
N HIS D 396 -31.17 12.04 1.21
CA HIS D 396 -32.48 12.40 1.66
C HIS D 396 -33.30 11.15 1.86
N HIS D 397 -34.36 11.30 2.63
CA HIS D 397 -35.28 10.22 2.88
C HIS D 397 -35.74 9.74 1.49
N HIS D 398 -35.87 8.44 1.30
CA HIS D 398 -36.23 7.92 -0.01
C HIS D 398 -37.35 6.88 -0.04
N HIS D 399 -37.93 6.63 1.10
CA HIS D 399 -38.98 5.63 1.27
C HIS D 399 -40.26 6.08 2.01
C BCT E . -17.88 -44.13 -8.54
O1 BCT E . -16.70 -43.84 -8.17
O2 BCT E . -18.76 -43.22 -8.68
O3 BCT E . -18.19 -45.42 -8.72
C BCT F . 19.17 36.45 24.85
O1 BCT F . 20.20 35.65 24.61
O2 BCT F . 18.09 35.98 25.33
O3 BCT F . 19.28 37.69 24.61
#